data_8KIB
#
_entry.id   8KIB
#
_cell.length_a   98.512
_cell.length_b   93.421
_cell.length_c   111.108
_cell.angle_alpha   90.000
_cell.angle_beta   113.850
_cell.angle_gamma   90.000
#
_symmetry.space_group_name_H-M   'P 1 21 1'
#
loop_
_entity.id
_entity.type
_entity.pdbx_description
1 polymer 'Isocitrate dehydrogenase [NADP] cytoplasmic'
2 non-polymer 'NADP NICOTINAMIDE-ADENINE-DINUCLEOTIDE PHOSPHATE'
3 non-polymer 'OXALOACETATE ION'
4 non-polymer 'ISOPROPYL ALCOHOL'
5 water water
#
_entity_poly.entity_id   1
_entity_poly.type   'polypeptide(L)'
_entity_poly.pdbx_seq_one_letter_code
;MSRKIQGGSVVEMQGDEMTRIIWELIKEKLILPYVELDLHSYDLGIENRDATNDQVTKDAAEAIKKYNVGVKCATITPDE
KRVEEFKLKQMWKSPNGTIRNILGGTVFREAIICKNIPRLVTGWVKPIIIGRHAYGDQYRATDFVVPGPGKVEITYTPKD
GTQKVTYMVHDFEEGGGVAMGMYNQDKSIEDFAHSSFQMALSKGWPLYLSTKNTILKKYDGRFKDIFQEIYDKKYKSQFE
AQKICYEHRLIDDMVAQAMKSEGGFIWACKNYDGDVQSDSVAQGYGSLGMMTSVLICPDGKTVEAEAAHGTVTRHYRMYQ
KGQETSTNPIASIFAWSRGLAHRAKLDNNTELSFFAKALEDVCIETIEAGFMTKDLAACIKGLPNVQRSDYLNTFEFMDK
LGENLKAKLAQAKL
;
_entity_poly.pdbx_strand_id   A,B,C,D
#
# COMPACT_ATOMS: atom_id res chain seq x y z
N SER A 2 29.21 -19.99 -33.25
CA SER A 2 29.73 -20.00 -31.88
C SER A 2 28.92 -20.94 -31.01
N ARG A 3 29.43 -21.21 -29.81
CA ARG A 3 28.64 -21.82 -28.75
C ARG A 3 27.86 -20.79 -27.95
N LYS A 4 27.93 -19.53 -28.34
CA LYS A 4 27.15 -18.46 -27.74
C LYS A 4 25.67 -18.67 -28.03
N ILE A 5 24.82 -17.98 -27.29
CA ILE A 5 23.40 -17.96 -27.61
C ILE A 5 23.20 -17.37 -29.00
N GLN A 6 22.45 -18.06 -29.85
CA GLN A 6 22.10 -17.54 -31.17
C GLN A 6 20.92 -16.62 -31.00
N GLY A 7 21.16 -15.31 -31.04
CA GLY A 7 20.17 -14.34 -30.61
C GLY A 7 19.29 -13.74 -31.70
N GLY A 8 19.67 -13.86 -32.96
CA GLY A 8 18.83 -13.37 -34.04
C GLY A 8 19.11 -11.91 -34.39
N SER A 9 18.16 -11.33 -35.11
CA SER A 9 18.35 -10.01 -35.74
C SER A 9 17.90 -8.89 -34.82
N VAL A 10 18.80 -7.94 -34.57
CA VAL A 10 18.55 -6.80 -33.69
C VAL A 10 19.07 -5.55 -34.38
N VAL A 11 18.25 -4.50 -34.44
CA VAL A 11 18.68 -3.20 -34.93
C VAL A 11 19.26 -2.42 -33.76
N GLU A 12 20.52 -2.01 -33.88
CA GLU A 12 21.21 -1.25 -32.85
C GLU A 12 21.41 0.18 -33.31
N MET A 13 21.14 1.13 -32.40
CA MET A 13 21.28 2.55 -32.73
C MET A 13 22.28 3.14 -31.73
N GLN A 14 23.49 3.44 -32.19
CA GLN A 14 24.49 4.06 -31.34
C GLN A 14 24.21 5.55 -31.14
N GLY A 15 24.73 6.10 -30.04
CA GLY A 15 24.36 7.44 -29.61
C GLY A 15 25.55 8.31 -29.27
N ASP A 16 25.37 9.17 -28.25
CA ASP A 16 26.27 10.30 -28.00
C ASP A 16 26.75 10.36 -26.56
N GLU A 17 27.89 11.06 -26.40
CA GLU A 17 28.45 11.55 -25.13
C GLU A 17 28.54 10.42 -24.11
N MET A 18 28.04 10.59 -22.88
CA MET A 18 28.30 9.61 -21.83
C MET A 18 27.61 8.28 -22.12
N THR A 19 26.40 8.32 -22.67
CA THR A 19 25.71 7.08 -22.98
C THR A 19 26.41 6.28 -24.07
N ARG A 20 27.10 6.94 -25.01
CA ARG A 20 27.83 6.20 -26.03
C ARG A 20 28.95 5.38 -25.41
N ILE A 21 29.66 5.96 -24.44
CA ILE A 21 30.70 5.22 -23.72
C ILE A 21 30.11 4.01 -23.00
N ILE A 22 29.05 4.24 -22.21
CA ILE A 22 28.38 3.16 -21.50
C ILE A 22 27.86 2.10 -22.47
N TRP A 23 27.30 2.53 -23.60
CA TRP A 23 26.70 1.61 -24.56
C TRP A 23 27.72 0.58 -25.03
N GLU A 24 28.92 1.04 -25.37
CA GLU A 24 29.98 0.14 -25.81
C GLU A 24 30.42 -0.79 -24.69
N LEU A 25 30.48 -0.29 -23.45
CA LEU A 25 30.84 -1.15 -22.33
C LEU A 25 29.82 -2.27 -22.13
N ILE A 26 28.54 -1.95 -22.31
CA ILE A 26 27.49 -2.95 -22.20
C ILE A 26 27.67 -4.05 -23.25
N LYS A 27 27.87 -3.64 -24.51
CA LYS A 27 28.07 -4.61 -25.57
C LYS A 27 29.28 -5.48 -25.28
N GLU A 28 30.41 -4.83 -24.94
CA GLU A 28 31.66 -5.55 -24.78
C GLU A 28 31.64 -6.47 -23.57
N LYS A 29 31.03 -6.02 -22.47
CA LYS A 29 31.13 -6.77 -21.22
C LYS A 29 29.92 -7.62 -20.90
N LEU A 30 28.71 -7.21 -21.31
CA LEU A 30 27.51 -7.92 -20.89
C LEU A 30 26.78 -8.65 -22.01
N ILE A 31 26.91 -8.24 -23.26
CA ILE A 31 26.13 -8.84 -24.35
C ILE A 31 26.98 -9.79 -25.19
N LEU A 32 27.97 -9.26 -25.91
CA LEU A 32 28.69 -10.00 -26.93
C LEU A 32 29.49 -11.20 -26.43
N PRO A 33 29.92 -11.26 -25.15
CA PRO A 33 30.54 -12.50 -24.67
C PRO A 33 29.60 -13.68 -24.65
N TYR A 34 28.28 -13.45 -24.62
CA TYR A 34 27.31 -14.50 -24.36
C TYR A 34 26.30 -14.71 -25.47
N VAL A 35 26.09 -13.72 -26.35
CA VAL A 35 25.05 -13.76 -27.35
C VAL A 35 25.66 -13.45 -28.72
N GLU A 36 25.39 -14.31 -29.69
CA GLU A 36 25.73 -14.06 -31.08
C GLU A 36 24.53 -13.41 -31.75
N LEU A 37 24.72 -12.23 -32.34
CA LEU A 37 23.63 -11.46 -32.92
C LEU A 37 23.85 -11.18 -34.39
N ASP A 38 22.74 -11.13 -35.14
CA ASP A 38 22.69 -10.52 -36.47
C ASP A 38 22.42 -9.04 -36.26
N LEU A 39 23.49 -8.30 -36.02
CA LEU A 39 23.38 -6.93 -35.53
C LEU A 39 23.36 -5.99 -36.72
N HIS A 40 22.31 -5.18 -36.81
CA HIS A 40 22.18 -4.18 -37.86
C HIS A 40 22.39 -2.83 -37.18
N SER A 41 23.62 -2.34 -37.24
CA SER A 41 24.03 -1.18 -36.47
C SER A 41 23.91 0.09 -37.28
N TYR A 42 23.28 1.10 -36.69
CA TYR A 42 23.16 2.42 -37.27
C TYR A 42 23.79 3.40 -36.31
N ASP A 43 24.77 4.16 -36.77
CA ASP A 43 25.44 5.11 -35.88
C ASP A 43 24.64 6.40 -35.90
N LEU A 44 23.85 6.62 -34.84
CA LEU A 44 23.12 7.87 -34.66
C LEU A 44 23.87 8.86 -33.78
N GLY A 45 25.18 8.71 -33.64
CA GLY A 45 25.99 9.79 -33.11
C GLY A 45 25.81 11.05 -33.92
N ILE A 46 26.00 12.19 -33.27
CA ILE A 46 25.65 13.47 -33.90
C ILE A 46 26.50 13.70 -35.14
N GLU A 47 27.77 13.31 -35.10
CA GLU A 47 28.65 13.53 -36.25
C GLU A 47 28.21 12.70 -37.47
N ASN A 48 27.80 11.44 -37.24
CA ASN A 48 27.37 10.64 -38.38
C ASN A 48 26.00 11.06 -38.89
N ARG A 49 25.13 11.58 -38.01
CA ARG A 49 23.88 12.13 -38.50
C ARG A 49 24.13 13.35 -39.37
N ASP A 50 25.05 14.21 -38.95
CA ASP A 50 25.39 15.37 -39.76
C ASP A 50 25.99 14.97 -41.09
N ALA A 51 26.90 13.99 -41.07
CA ALA A 51 27.54 13.53 -42.30
C ALA A 51 26.56 12.94 -43.29
N THR A 52 25.52 12.26 -42.80
CA THR A 52 24.56 11.64 -43.70
C THR A 52 23.32 12.50 -43.90
N ASN A 53 23.35 13.76 -43.47
CA ASN A 53 22.18 14.64 -43.59
C ASN A 53 20.96 14.01 -42.94
N ASP A 54 21.20 13.31 -41.81
CA ASP A 54 20.18 12.65 -40.99
C ASP A 54 19.58 11.42 -41.65
N GLN A 55 20.10 10.99 -42.80
CA GLN A 55 19.51 9.84 -43.47
C GLN A 55 19.71 8.55 -42.66
N VAL A 56 20.79 8.46 -41.88
CA VAL A 56 21.02 7.29 -41.05
C VAL A 56 19.88 7.09 -40.05
N THR A 57 19.26 8.19 -39.61
CA THR A 57 18.15 8.08 -38.69
C THR A 57 16.93 7.44 -39.35
N LYS A 58 16.58 7.91 -40.55
CA LYS A 58 15.45 7.33 -41.27
C LYS A 58 15.73 5.88 -41.66
N ASP A 59 16.97 5.58 -42.05
CA ASP A 59 17.32 4.20 -42.40
C ASP A 59 17.16 3.29 -41.19
N ALA A 60 17.53 3.78 -40.01
CA ALA A 60 17.38 3.00 -38.79
C ALA A 60 15.92 2.68 -38.49
N ALA A 61 15.04 3.68 -38.62
CA ALA A 61 13.63 3.44 -38.35
C ALA A 61 13.07 2.37 -39.29
N GLU A 62 13.44 2.42 -40.57
CA GLU A 62 12.94 1.41 -41.50
C GLU A 62 13.48 0.02 -41.18
N ALA A 63 14.72 -0.05 -40.68
CA ALA A 63 15.27 -1.33 -40.24
C ALA A 63 14.50 -1.89 -39.06
N ILE A 64 14.09 -1.04 -38.11
CA ILE A 64 13.28 -1.54 -36.99
C ILE A 64 11.99 -2.15 -37.52
N LYS A 65 11.39 -1.52 -38.54
CA LYS A 65 10.19 -2.07 -39.16
C LYS A 65 10.45 -3.46 -39.72
N LYS A 66 11.62 -3.66 -40.32
CA LYS A 66 11.92 -4.92 -40.99
C LYS A 66 12.22 -6.04 -40.02
N TYR A 67 12.98 -5.76 -38.95
CA TYR A 67 13.42 -6.79 -38.04
C TYR A 67 12.66 -6.81 -36.72
N ASN A 68 11.77 -5.84 -36.49
CA ASN A 68 10.82 -5.78 -35.38
C ASN A 68 11.45 -5.48 -34.01
N VAL A 69 12.78 -5.35 -33.91
CA VAL A 69 13.42 -5.09 -32.62
C VAL A 69 14.50 -4.04 -32.81
N GLY A 70 14.41 -2.95 -32.07
CA GLY A 70 15.47 -1.96 -32.04
C GLY A 70 15.86 -1.67 -30.60
N VAL A 71 17.16 -1.45 -30.40
CA VAL A 71 17.71 -0.99 -29.11
C VAL A 71 18.49 0.28 -29.36
N LYS A 72 18.16 1.35 -28.64
CA LYS A 72 18.68 2.67 -28.96
C LYS A 72 19.38 3.35 -27.79
N CYS A 73 20.57 3.89 -28.06
CA CYS A 73 21.32 4.73 -27.15
C CYS A 73 20.81 6.16 -27.19
N ALA A 74 20.93 6.86 -26.07
CA ALA A 74 20.54 8.27 -26.03
C ALA A 74 21.32 9.09 -27.05
N THR A 75 20.66 10.10 -27.61
CA THR A 75 21.25 10.94 -28.67
C THR A 75 21.12 12.42 -28.33
N ILE A 76 22.03 13.22 -28.90
CA ILE A 76 21.94 14.67 -28.82
C ILE A 76 20.88 15.18 -29.80
N THR A 77 19.95 16.00 -29.29
CA THR A 77 19.08 16.77 -30.19
C THR A 77 19.62 18.18 -30.31
N PRO A 78 20.05 18.62 -31.49
CA PRO A 78 20.81 19.87 -31.56
C PRO A 78 19.94 21.11 -31.56
N ASP A 79 20.38 22.12 -30.80
CA ASP A 79 19.90 23.47 -30.91
C ASP A 79 21.06 24.34 -31.41
N GLU A 80 20.92 25.66 -31.27
CA GLU A 80 21.96 26.57 -31.75
C GLU A 80 23.33 26.23 -31.16
N LYS A 81 23.39 25.97 -29.86
CA LYS A 81 24.69 25.73 -29.24
C LYS A 81 25.32 24.45 -29.79
N ARG A 82 24.51 23.41 -30.03
CA ARG A 82 25.06 22.19 -30.61
C ARG A 82 25.52 22.39 -32.05
N VAL A 83 24.83 23.26 -32.81
CA VAL A 83 25.30 23.56 -34.15
C VAL A 83 26.69 24.16 -34.09
N GLU A 84 26.91 25.08 -33.15
CA GLU A 84 28.23 25.70 -32.98
C GLU A 84 29.26 24.68 -32.50
N GLU A 85 28.87 23.84 -31.54
CA GLU A 85 29.83 22.89 -30.96
C GLU A 85 30.35 21.91 -32.01
N PHE A 86 29.49 21.44 -32.92
CA PHE A 86 29.85 20.43 -33.89
C PHE A 86 29.94 20.96 -35.32
N LYS A 87 29.82 22.27 -35.51
CA LYS A 87 29.75 22.86 -36.84
C LYS A 87 28.78 22.08 -37.73
N LEU A 88 27.56 21.89 -37.23
CA LEU A 88 26.55 21.14 -37.96
C LEU A 88 26.08 21.91 -39.19
N LYS A 89 25.64 21.16 -40.20
CA LYS A 89 25.07 21.78 -41.40
C LYS A 89 23.68 22.34 -41.13
N GLN A 90 22.92 21.70 -40.24
CA GLN A 90 21.55 22.06 -39.95
C GLN A 90 21.24 21.72 -38.50
N MET A 91 20.21 22.39 -37.96
CA MET A 91 19.66 22.08 -36.64
C MET A 91 18.75 20.87 -36.79
N TRP A 92 19.37 19.70 -36.80
CA TRP A 92 18.63 18.48 -37.08
C TRP A 92 17.52 18.24 -36.06
N LYS A 93 16.46 17.59 -36.53
CA LYS A 93 15.37 17.21 -35.64
C LYS A 93 15.79 16.05 -34.73
N SER A 94 15.11 15.94 -33.61
CA SER A 94 15.36 14.84 -32.70
C SER A 94 15.26 13.49 -33.43
N PRO A 95 16.28 12.62 -33.32
CA PRO A 95 16.15 11.28 -33.88
C PRO A 95 15.04 10.48 -33.24
N ASN A 96 14.77 10.72 -31.96
CA ASN A 96 13.67 10.02 -31.32
C ASN A 96 12.34 10.43 -31.94
N GLY A 97 12.16 11.73 -32.17
CA GLY A 97 10.95 12.19 -32.84
C GLY A 97 10.81 11.61 -34.24
N THR A 98 11.92 11.52 -34.96
CA THR A 98 11.88 10.98 -36.31
C THR A 98 11.52 9.50 -36.31
N ILE A 99 12.14 8.72 -35.43
CA ILE A 99 11.84 7.29 -35.35
C ILE A 99 10.41 7.07 -34.88
N ARG A 100 9.99 7.81 -33.86
CA ARG A 100 8.63 7.62 -33.33
C ARG A 100 7.58 8.05 -34.34
N ASN A 101 7.84 9.11 -35.09
CA ASN A 101 6.90 9.55 -36.12
C ASN A 101 6.72 8.47 -37.18
N ILE A 102 7.79 7.75 -37.50
CA ILE A 102 7.72 6.70 -38.51
C ILE A 102 7.01 5.47 -37.95
N LEU A 103 7.37 5.06 -36.73
CA LEU A 103 6.87 3.80 -36.19
C LEU A 103 5.51 3.96 -35.53
N GLY A 104 5.27 5.10 -34.87
CA GLY A 104 4.05 5.29 -34.09
C GLY A 104 4.02 4.38 -32.88
N GLY A 105 2.94 4.51 -32.11
CA GLY A 105 2.74 3.63 -30.97
C GLY A 105 2.71 4.36 -29.64
N THR A 106 3.00 3.62 -28.57
CA THR A 106 2.99 4.13 -27.20
C THR A 106 4.30 3.76 -26.54
N VAL A 107 4.96 4.73 -25.91
CA VAL A 107 6.20 4.50 -25.17
C VAL A 107 5.83 4.22 -23.71
N PHE A 108 6.05 3.00 -23.25
CA PHE A 108 5.71 2.67 -21.86
C PHE A 108 6.93 2.83 -20.97
N ARG A 109 6.78 3.59 -19.88
CA ARG A 109 7.91 3.87 -19.00
C ARG A 109 7.56 3.51 -17.55
N GLU A 110 8.56 2.97 -16.85
CA GLU A 110 8.34 2.42 -15.51
C GLU A 110 9.67 2.41 -14.77
N ALA A 111 9.64 2.68 -13.48
CA ALA A 111 10.89 2.67 -12.72
C ALA A 111 11.39 1.25 -12.56
N ILE A 112 12.71 1.15 -12.35
CA ILE A 112 13.38 -0.09 -12.02
C ILE A 112 13.66 -0.03 -10.52
N ILE A 113 13.04 -0.94 -9.75
CA ILE A 113 12.98 -0.80 -8.29
C ILE A 113 13.95 -1.75 -7.61
N CYS A 114 14.74 -1.21 -6.68
CA CYS A 114 15.58 -1.99 -5.78
C CYS A 114 15.11 -1.79 -4.34
N LYS A 115 15.09 -2.88 -3.56
CA LYS A 115 14.49 -2.80 -2.23
C LYS A 115 15.27 -1.92 -1.26
N ASN A 116 16.55 -1.62 -1.53
CA ASN A 116 17.39 -0.86 -0.62
C ASN A 116 17.51 0.62 -0.99
N ILE A 117 16.78 1.07 -1.99
CA ILE A 117 16.92 2.42 -2.51
C ILE A 117 15.71 3.23 -2.05
N PRO A 118 15.90 4.20 -1.15
CA PRO A 118 14.78 5.05 -0.72
C PRO A 118 14.28 5.93 -1.85
N ARG A 119 12.98 6.19 -1.84
CA ARG A 119 12.33 7.12 -2.74
C ARG A 119 12.39 8.54 -2.19
N LEU A 120 12.26 9.51 -3.11
CA LEU A 120 11.97 10.88 -2.73
C LEU A 120 10.50 11.10 -2.42
N VAL A 121 9.62 10.32 -3.04
CA VAL A 121 8.18 10.43 -2.84
C VAL A 121 7.78 9.31 -1.89
N THR A 122 7.25 9.70 -0.73
CA THR A 122 7.11 8.73 0.37
C THR A 122 6.08 7.64 0.07
N GLY A 123 5.05 7.93 -0.72
CA GLY A 123 3.93 7.03 -0.82
C GLY A 123 4.00 5.92 -1.85
N TRP A 124 4.94 5.98 -2.80
CA TRP A 124 4.90 5.15 -4.00
C TRP A 124 5.43 3.74 -3.71
N VAL A 125 4.56 2.91 -3.13
CA VAL A 125 4.93 1.53 -2.83
C VAL A 125 4.53 0.56 -3.93
N LYS A 126 3.80 1.01 -4.94
CA LYS A 126 3.38 0.20 -6.07
C LYS A 126 3.76 0.92 -7.35
N PRO A 127 3.92 0.19 -8.46
CA PRO A 127 4.48 0.82 -9.66
C PRO A 127 3.49 1.77 -10.34
N ILE A 128 4.06 2.83 -10.91
CA ILE A 128 3.37 3.75 -11.79
C ILE A 128 3.92 3.49 -13.19
N ILE A 129 3.04 3.15 -14.12
CA ILE A 129 3.41 2.89 -15.51
C ILE A 129 2.83 4.00 -16.35
N ILE A 130 3.70 4.73 -17.04
CA ILE A 130 3.26 5.80 -17.94
C ILE A 130 3.20 5.24 -19.35
N GLY A 131 2.08 5.46 -20.04
CA GLY A 131 1.96 5.14 -21.44
C GLY A 131 1.97 6.44 -22.20
N ARG A 132 3.11 6.78 -22.81
CA ARG A 132 3.30 8.05 -23.48
C ARG A 132 2.94 7.90 -24.96
N HIS A 133 1.90 8.62 -25.41
CA HIS A 133 1.60 8.65 -26.82
C HIS A 133 2.83 9.11 -27.60
N ALA A 134 3.23 8.33 -28.60
CA ALA A 134 4.53 8.54 -29.22
C ALA A 134 4.49 9.42 -30.44
N TYR A 135 3.31 9.90 -30.85
CA TYR A 135 3.16 10.56 -32.14
C TYR A 135 2.63 11.98 -31.96
N GLY A 136 3.15 12.92 -32.76
CA GLY A 136 2.45 14.18 -32.97
C GLY A 136 2.64 15.21 -31.86
N ASP A 137 1.69 16.15 -31.80
CA ASP A 137 1.70 17.29 -30.86
C ASP A 137 3.02 18.03 -31.01
N GLN A 138 3.68 18.40 -29.91
CA GLN A 138 4.85 19.28 -29.97
C GLN A 138 6.02 18.62 -30.69
N TYR A 139 6.00 17.30 -30.86
CA TYR A 139 7.17 16.59 -31.35
C TYR A 139 7.13 16.40 -32.87
N ARG A 140 6.09 16.90 -33.52
CA ARG A 140 6.07 17.03 -34.98
C ARG A 140 5.39 18.35 -35.34
N ALA A 141 5.82 19.41 -34.66
CA ALA A 141 5.21 20.72 -34.80
C ALA A 141 5.91 21.54 -35.88
N THR A 142 5.23 22.59 -36.32
CA THR A 142 5.77 23.57 -37.25
C THR A 142 5.79 24.91 -36.52
N ASP A 143 6.96 25.33 -36.04
CA ASP A 143 7.07 26.55 -35.26
C ASP A 143 7.99 27.54 -35.95
N PHE A 144 7.78 28.82 -35.66
CA PHE A 144 8.53 29.87 -36.35
C PHE A 144 8.50 31.14 -35.53
N VAL A 145 9.49 31.98 -35.76
CA VAL A 145 9.51 33.32 -35.19
C VAL A 145 8.62 34.23 -36.02
N VAL A 146 7.83 35.06 -35.33
CA VAL A 146 7.05 36.12 -35.96
C VAL A 146 7.88 37.39 -35.89
N PRO A 147 8.38 37.92 -37.02
CA PRO A 147 9.40 38.98 -36.96
C PRO A 147 8.86 40.35 -36.62
N GLY A 148 7.56 40.56 -36.69
CA GLY A 148 6.97 41.85 -36.40
C GLY A 148 5.46 41.81 -36.59
N PRO A 149 4.82 42.98 -36.50
CA PRO A 149 3.35 43.01 -36.57
C PRO A 149 2.82 42.36 -37.83
N GLY A 150 1.65 41.74 -37.70
CA GLY A 150 1.06 41.00 -38.80
C GLY A 150 0.11 39.95 -38.27
N LYS A 151 -0.47 39.19 -39.20
CA LYS A 151 -1.49 38.22 -38.83
C LYS A 151 -0.98 36.80 -39.03
N VAL A 152 -1.29 35.93 -38.07
CA VAL A 152 -1.06 34.50 -38.19
C VAL A 152 -2.41 33.83 -38.27
N GLU A 153 -2.62 33.05 -39.34
CA GLU A 153 -3.88 32.35 -39.53
C GLU A 153 -3.59 30.88 -39.82
N ILE A 154 -4.57 30.03 -39.54
CA ILE A 154 -4.44 28.60 -39.80
C ILE A 154 -5.62 28.16 -40.64
N THR A 155 -5.34 27.35 -41.67
CA THR A 155 -6.34 27.00 -42.68
C THR A 155 -6.38 25.50 -42.90
N TYR A 156 -7.59 24.98 -43.11
CA TYR A 156 -7.78 23.59 -43.46
C TYR A 156 -8.36 23.51 -44.86
N THR A 157 -7.69 22.79 -45.75
CA THR A 157 -8.15 22.65 -47.13
C THR A 157 -8.61 21.22 -47.38
N PRO A 158 -9.91 20.95 -47.38
CA PRO A 158 -10.39 19.58 -47.56
C PRO A 158 -9.89 18.99 -48.87
N LYS A 159 -9.49 17.73 -48.81
CA LYS A 159 -9.02 17.04 -50.00
C LYS A 159 -10.14 16.82 -51.01
N ASP A 160 -11.39 16.77 -50.55
CA ASP A 160 -12.51 16.48 -51.44
C ASP A 160 -12.99 17.70 -52.21
N GLY A 161 -12.30 18.83 -52.09
CA GLY A 161 -12.64 20.02 -52.83
C GLY A 161 -13.64 20.93 -52.17
N THR A 162 -14.26 20.52 -51.06
CA THR A 162 -15.21 21.39 -50.39
C THR A 162 -14.48 22.62 -49.82
N GLN A 163 -15.26 23.51 -49.23
CA GLN A 163 -14.79 24.86 -48.94
C GLN A 163 -13.67 24.87 -47.90
N LYS A 164 -12.56 25.52 -48.25
CA LYS A 164 -11.46 25.77 -47.33
C LYS A 164 -11.95 26.59 -46.12
N VAL A 165 -11.38 26.31 -44.95
CA VAL A 165 -11.74 26.99 -43.72
C VAL A 165 -10.49 27.68 -43.18
N THR A 166 -10.62 28.95 -42.83
CA THR A 166 -9.52 29.74 -42.29
C THR A 166 -9.89 30.28 -40.92
N TYR A 167 -8.99 30.11 -39.95
CA TYR A 167 -9.18 30.63 -38.60
C TYR A 167 -8.06 31.59 -38.24
N MET A 168 -8.41 32.67 -37.55
CA MET A 168 -7.39 33.57 -37.02
C MET A 168 -6.69 32.93 -35.82
N VAL A 169 -5.36 32.99 -35.83
CA VAL A 169 -4.58 32.58 -34.68
C VAL A 169 -4.27 33.82 -33.84
N HIS A 170 -3.62 34.82 -34.45
CA HIS A 170 -3.36 36.05 -33.72
C HIS A 170 -3.04 37.18 -34.70
N ASP A 171 -3.61 38.34 -34.42
CA ASP A 171 -3.19 39.58 -35.06
C ASP A 171 -2.14 40.22 -34.15
N PHE A 172 -0.89 40.16 -34.56
CA PHE A 172 0.20 40.82 -33.83
C PHE A 172 0.17 42.30 -34.17
N GLU A 173 -0.33 43.12 -33.25
CA GLU A 173 -0.44 44.55 -33.52
C GLU A 173 0.77 45.35 -33.05
N GLU A 174 1.52 44.84 -32.08
CA GLU A 174 2.76 45.44 -31.62
C GLU A 174 3.84 44.38 -31.55
N GLY A 175 4.97 44.64 -32.19
CA GLY A 175 6.06 43.70 -32.13
C GLY A 175 5.75 42.33 -32.70
N GLY A 176 6.74 41.45 -32.55
CA GLY A 176 6.61 40.10 -33.06
C GLY A 176 6.46 39.12 -31.91
N GLY A 177 6.91 37.90 -32.14
CA GLY A 177 6.78 36.87 -31.11
C GLY A 177 7.07 35.53 -31.74
N VAL A 178 6.23 34.53 -31.43
CA VAL A 178 6.40 33.19 -31.98
C VAL A 178 5.03 32.61 -32.27
N ALA A 179 4.98 31.67 -33.20
CA ALA A 179 3.74 30.96 -33.45
C ALA A 179 4.06 29.54 -33.85
N MET A 180 3.06 28.66 -33.73
CA MET A 180 3.29 27.28 -34.12
C MET A 180 1.97 26.60 -34.44
N GLY A 181 2.03 25.62 -35.32
CA GLY A 181 0.94 24.68 -35.55
C GLY A 181 1.36 23.30 -35.11
N MET A 182 0.41 22.54 -34.55
CA MET A 182 0.67 21.14 -34.26
C MET A 182 -0.62 20.37 -34.48
N TYR A 183 -0.52 19.05 -34.46
CA TYR A 183 -1.65 18.21 -34.87
C TYR A 183 -1.52 16.83 -34.27
N ASN A 184 -2.61 16.07 -34.39
CA ASN A 184 -2.54 14.64 -34.18
C ASN A 184 -3.57 13.97 -35.07
N GLN A 185 -3.48 12.65 -35.16
CA GLN A 185 -4.25 11.86 -36.11
C GLN A 185 -5.19 10.92 -35.38
N ASP A 186 -6.41 10.77 -35.89
CA ASP A 186 -7.40 9.90 -35.25
C ASP A 186 -6.88 8.49 -35.05
N LYS A 187 -6.30 7.89 -36.10
CA LYS A 187 -5.86 6.50 -36.00
C LYS A 187 -4.80 6.35 -34.92
N SER A 188 -3.85 7.30 -34.87
CA SER A 188 -2.81 7.25 -33.85
C SER A 188 -3.40 7.36 -32.44
N ILE A 189 -4.37 8.25 -32.26
CA ILE A 189 -5.03 8.38 -30.95
C ILE A 189 -5.75 7.09 -30.60
N GLU A 190 -6.43 6.48 -31.58
CA GLU A 190 -7.12 5.22 -31.32
C GLU A 190 -6.14 4.13 -30.90
N ASP A 191 -5.00 4.03 -31.60
CA ASP A 191 -3.99 3.03 -31.24
C ASP A 191 -3.45 3.29 -29.83
N PHE A 192 -3.26 4.57 -29.49
CA PHE A 192 -2.86 4.98 -28.16
C PHE A 192 -3.87 4.53 -27.12
N ALA A 193 -5.17 4.73 -27.38
CA ALA A 193 -6.22 4.23 -26.49
C ALA A 193 -6.13 2.72 -26.32
N HIS A 194 -6.12 1.96 -27.43
CA HIS A 194 -6.10 0.51 -27.33
C HIS A 194 -4.92 0.02 -26.49
N SER A 195 -3.72 0.56 -26.78
N SER A 195 -3.73 0.57 -26.77
CA SER A 195 -2.53 0.17 -26.03
CA SER A 195 -2.53 0.17 -26.03
C SER A 195 -2.69 0.43 -24.54
C SER A 195 -2.69 0.43 -24.54
N SER A 196 -3.29 1.57 -24.18
CA SER A 196 -3.43 1.91 -22.78
C SER A 196 -4.43 0.99 -22.08
N PHE A 197 -5.55 0.71 -22.73
CA PHE A 197 -6.55 -0.18 -22.13
C PHE A 197 -5.97 -1.58 -21.97
N GLN A 198 -5.23 -2.05 -22.96
CA GLN A 198 -4.66 -3.39 -22.94
C GLN A 198 -3.58 -3.52 -21.88
N MET A 199 -2.73 -2.50 -21.73
CA MET A 199 -1.75 -2.49 -20.65
C MET A 199 -2.42 -2.55 -19.28
N ALA A 200 -3.49 -1.78 -19.09
CA ALA A 200 -4.17 -1.81 -17.80
C ALA A 200 -4.73 -3.20 -17.51
N LEU A 201 -5.32 -3.84 -18.51
CA LEU A 201 -5.89 -5.18 -18.31
C LEU A 201 -4.79 -6.21 -18.05
N SER A 202 -3.65 -6.07 -18.74
CA SER A 202 -2.58 -7.07 -18.58
C SER A 202 -1.90 -6.94 -17.22
N LYS A 203 -1.75 -5.73 -16.70
CA LYS A 203 -1.20 -5.52 -15.37
C LYS A 203 -2.26 -5.62 -14.27
N GLY A 204 -3.53 -5.51 -14.63
CA GLY A 204 -4.60 -5.57 -13.63
C GLY A 204 -4.68 -4.33 -12.76
N TRP A 205 -4.44 -3.15 -13.33
CA TRP A 205 -4.47 -1.90 -12.61
C TRP A 205 -5.39 -0.92 -13.31
N PRO A 206 -5.94 0.06 -12.58
CA PRO A 206 -6.77 1.09 -13.22
C PRO A 206 -5.94 1.94 -14.17
N LEU A 207 -6.66 2.60 -15.07
CA LEU A 207 -6.07 3.44 -16.11
C LEU A 207 -6.62 4.86 -15.97
N TYR A 208 -5.73 5.84 -16.08
CA TYR A 208 -6.10 7.26 -16.07
C TYR A 208 -5.52 7.94 -17.29
N LEU A 209 -6.35 8.68 -18.01
CA LEU A 209 -5.89 9.54 -19.09
C LEU A 209 -5.91 10.98 -18.61
N SER A 210 -4.83 11.72 -18.87
CA SER A 210 -4.81 13.15 -18.57
C SER A 210 -4.87 13.99 -19.84
N THR A 211 -5.72 15.02 -19.85
CA THR A 211 -5.67 16.03 -20.90
C THR A 211 -5.91 17.39 -20.27
N LYS A 212 -5.92 18.42 -21.12
CA LYS A 212 -6.41 19.72 -20.71
C LYS A 212 -7.64 20.10 -21.54
N ASN A 213 -8.64 19.20 -21.59
CA ASN A 213 -9.74 19.41 -22.52
C ASN A 213 -10.61 20.60 -22.16
N THR A 214 -10.55 21.10 -20.92
CA THR A 214 -11.31 22.30 -20.59
C THR A 214 -10.78 23.51 -21.37
N ILE A 215 -9.50 23.50 -21.70
CA ILE A 215 -8.85 24.60 -22.40
C ILE A 215 -8.76 24.34 -23.89
N LEU A 216 -8.21 23.19 -24.26
CA LEU A 216 -8.14 22.75 -25.65
C LEU A 216 -9.36 21.86 -25.90
N LYS A 217 -10.51 22.52 -26.02
CA LYS A 217 -11.76 21.77 -26.00
C LYS A 217 -11.92 20.87 -27.21
N LYS A 218 -11.37 21.28 -28.35
CA LYS A 218 -11.47 20.45 -29.55
C LYS A 218 -10.32 19.47 -29.66
N TYR A 219 -9.09 19.97 -29.53
CA TYR A 219 -7.90 19.15 -29.64
C TYR A 219 -7.86 18.04 -28.60
N ASP A 220 -7.92 18.42 -27.32
CA ASP A 220 -7.84 17.43 -26.24
C ASP A 220 -9.18 16.72 -26.04
N GLY A 221 -10.29 17.39 -26.35
CA GLY A 221 -11.56 16.71 -26.29
C GLY A 221 -11.60 15.51 -27.22
N ARG A 222 -10.88 15.58 -28.34
CA ARG A 222 -10.80 14.43 -29.24
C ARG A 222 -10.15 13.23 -28.55
N PHE A 223 -9.05 13.46 -27.83
CA PHE A 223 -8.42 12.39 -27.07
C PHE A 223 -9.40 11.80 -26.06
N LYS A 224 -10.04 12.66 -25.28
CA LYS A 224 -10.99 12.20 -24.26
C LYS A 224 -12.12 11.42 -24.89
N ASP A 225 -12.70 11.95 -25.97
CA ASP A 225 -13.84 11.28 -26.61
C ASP A 225 -13.45 9.95 -27.22
N ILE A 226 -12.28 9.88 -27.87
CA ILE A 226 -11.87 8.61 -28.48
C ILE A 226 -11.62 7.55 -27.40
N PHE A 227 -10.93 7.92 -26.31
CA PHE A 227 -10.71 6.96 -25.22
C PHE A 227 -12.04 6.48 -24.65
N GLN A 228 -12.99 7.39 -24.43
CA GLN A 228 -14.24 6.99 -23.78
C GLN A 228 -15.05 6.08 -24.69
N GLU A 229 -15.12 6.38 -25.99
CA GLU A 229 -15.85 5.53 -26.91
C GLU A 229 -15.23 4.15 -27.01
N ILE A 230 -13.90 4.08 -27.12
CA ILE A 230 -13.26 2.78 -27.19
C ILE A 230 -13.45 2.00 -25.91
N TYR A 231 -13.41 2.69 -24.75
CA TYR A 231 -13.67 2.04 -23.48
C TYR A 231 -15.07 1.44 -23.45
N ASP A 232 -16.07 2.25 -23.80
CA ASP A 232 -17.46 1.80 -23.70
C ASP A 232 -17.74 0.64 -24.64
N LYS A 233 -17.14 0.66 -25.83
CA LYS A 233 -17.43 -0.32 -26.85
C LYS A 233 -16.64 -1.61 -26.71
N LYS A 234 -15.45 -1.54 -26.11
CA LYS A 234 -14.57 -2.71 -26.15
C LYS A 234 -14.08 -3.18 -24.80
N TYR A 235 -13.76 -2.29 -23.87
CA TYR A 235 -13.01 -2.68 -22.69
C TYR A 235 -13.76 -2.59 -21.36
N LYS A 236 -14.88 -1.88 -21.31
CA LYS A 236 -15.53 -1.63 -20.02
C LYS A 236 -15.92 -2.93 -19.34
N SER A 237 -16.47 -3.90 -20.09
CA SER A 237 -16.83 -5.19 -19.50
C SER A 237 -15.62 -5.87 -18.88
N GLN A 238 -14.49 -5.88 -19.58
CA GLN A 238 -13.29 -6.55 -19.08
C GLN A 238 -12.72 -5.83 -17.87
N PHE A 239 -12.75 -4.49 -17.87
CA PHE A 239 -12.33 -3.74 -16.70
C PHE A 239 -13.19 -4.10 -15.49
N GLU A 240 -14.51 -4.13 -15.67
CA GLU A 240 -15.39 -4.44 -14.55
C GLU A 240 -15.15 -5.85 -14.02
N ALA A 241 -14.88 -6.79 -14.93
CA ALA A 241 -14.59 -8.17 -14.52
C ALA A 241 -13.31 -8.23 -13.70
N GLN A 242 -12.30 -7.44 -14.04
CA GLN A 242 -11.02 -7.43 -13.33
C GLN A 242 -10.99 -6.41 -12.19
N LYS A 243 -12.12 -5.81 -11.85
CA LYS A 243 -12.23 -4.94 -10.68
C LYS A 243 -11.38 -3.68 -10.82
N ILE A 244 -11.20 -3.19 -12.04
CA ILE A 244 -10.45 -1.96 -12.27
C ILE A 244 -11.34 -0.97 -13.03
N CYS A 245 -10.86 0.26 -13.14
CA CYS A 245 -11.66 1.34 -13.68
C CYS A 245 -10.82 2.19 -14.62
N TYR A 246 -11.51 2.94 -15.48
CA TYR A 246 -10.89 3.95 -16.34
C TYR A 246 -11.50 5.31 -16.05
N GLU A 247 -10.66 6.35 -15.97
CA GLU A 247 -11.12 7.70 -15.70
C GLU A 247 -10.27 8.69 -16.47
N HIS A 248 -10.91 9.72 -17.03
CA HIS A 248 -10.21 10.90 -17.53
C HIS A 248 -10.08 11.92 -16.41
N ARG A 249 -8.88 12.51 -16.28
CA ARG A 249 -8.62 13.57 -15.32
C ARG A 249 -7.91 14.72 -16.02
N LEU A 250 -8.15 15.94 -15.56
CA LEU A 250 -7.38 17.07 -16.07
C LEU A 250 -5.94 16.96 -15.56
N ILE A 251 -4.99 17.40 -16.39
CA ILE A 251 -3.59 17.10 -16.13
C ILE A 251 -3.13 17.70 -14.80
N ASP A 252 -3.58 18.90 -14.45
CA ASP A 252 -3.06 19.44 -13.20
C ASP A 252 -3.60 18.67 -12.00
N ASP A 253 -4.86 18.24 -12.03
CA ASP A 253 -5.36 17.31 -11.00
C ASP A 253 -4.55 16.01 -10.99
N MET A 254 -4.30 15.46 -12.17
CA MET A 254 -3.69 14.14 -12.28
C MET A 254 -2.27 14.15 -11.69
N VAL A 255 -1.48 15.20 -11.95
CA VAL A 255 -0.11 15.16 -11.44
C VAL A 255 -0.11 15.23 -9.91
N ALA A 256 -1.07 15.96 -9.32
CA ALA A 256 -1.19 15.98 -7.86
C ALA A 256 -1.70 14.65 -7.33
N GLN A 257 -2.67 14.04 -8.02
CA GLN A 257 -3.14 12.72 -7.64
C GLN A 257 -2.01 11.70 -7.67
N ALA A 258 -1.21 11.74 -8.74
CA ALA A 258 -0.07 10.83 -8.83
C ALA A 258 0.90 11.04 -7.68
N MET A 259 1.19 12.30 -7.35
CA MET A 259 2.10 12.64 -6.26
C MET A 259 1.68 11.98 -4.95
N LYS A 260 0.39 12.00 -4.62
CA LYS A 260 -0.07 11.50 -3.32
C LYS A 260 -0.55 10.07 -3.36
N SER A 261 -0.49 9.42 -4.52
CA SER A 261 -1.00 8.06 -4.64
CA SER A 261 -0.97 8.05 -4.70
C SER A 261 -0.02 7.06 -4.05
N GLU A 262 -0.53 5.84 -3.84
CA GLU A 262 0.37 4.77 -3.46
C GLU A 262 0.99 4.08 -4.67
N GLY A 263 0.67 4.55 -5.86
CA GLY A 263 1.06 3.88 -7.09
C GLY A 263 0.06 2.81 -7.48
N GLY A 264 0.45 1.99 -8.45
CA GLY A 264 -0.42 0.92 -8.90
C GLY A 264 -1.45 1.33 -9.93
N PHE A 265 -1.04 2.11 -10.94
CA PHE A 265 -1.95 2.51 -12.00
C PHE A 265 -1.18 2.71 -13.29
N ILE A 266 -1.92 2.64 -14.41
CA ILE A 266 -1.42 3.00 -15.73
C ILE A 266 -1.84 4.44 -15.99
N TRP A 267 -0.92 5.24 -16.49
CA TRP A 267 -1.15 6.67 -16.70
C TRP A 267 -0.95 6.96 -18.17
N ALA A 268 -2.05 7.11 -18.90
CA ALA A 268 -2.00 7.45 -20.31
C ALA A 268 -1.73 8.94 -20.46
N CYS A 269 -0.59 9.26 -21.05
CA CYS A 269 -0.13 10.64 -21.19
C CYS A 269 -0.04 11.00 -22.66
N LYS A 270 -0.55 12.17 -23.02
CA LYS A 270 -0.19 12.78 -24.29
C LYS A 270 1.32 12.92 -24.39
N ASN A 271 1.81 13.03 -25.62
CA ASN A 271 3.25 12.97 -25.90
C ASN A 271 4.08 13.82 -24.94
N TYR A 272 3.76 15.12 -24.85
CA TYR A 272 4.56 16.04 -24.03
C TYR A 272 4.49 15.68 -22.55
N ASP A 273 3.28 15.42 -22.05
CA ASP A 273 3.15 15.08 -20.64
C ASP A 273 3.90 13.79 -20.31
N GLY A 274 3.87 12.82 -21.23
CA GLY A 274 4.58 11.58 -20.97
C GLY A 274 6.07 11.79 -20.92
N ASP A 275 6.57 12.69 -21.75
CA ASP A 275 7.98 13.08 -21.69
C ASP A 275 8.34 13.64 -20.33
N VAL A 276 7.64 14.70 -19.93
CA VAL A 276 8.00 15.44 -18.73
C VAL A 276 7.73 14.60 -17.49
N GLN A 277 6.52 14.03 -17.40
CA GLN A 277 6.18 13.35 -16.15
C GLN A 277 6.93 12.03 -15.99
N SER A 278 7.39 11.41 -17.07
CA SER A 278 8.19 10.20 -16.87
C SER A 278 9.51 10.56 -16.18
N ASP A 279 10.05 11.75 -16.44
CA ASP A 279 11.28 12.14 -15.74
C ASP A 279 11.00 12.46 -14.28
N SER A 280 9.87 13.13 -14.00
CA SER A 280 9.49 13.41 -12.63
C SER A 280 9.25 12.13 -11.84
N VAL A 281 8.58 11.16 -12.45
CA VAL A 281 8.32 9.90 -11.77
C VAL A 281 9.62 9.12 -11.54
N ALA A 282 10.46 9.04 -12.57
CA ALA A 282 11.74 8.33 -12.42
C ALA A 282 12.56 8.88 -11.26
N GLN A 283 12.67 10.22 -11.18
CA GLN A 283 13.43 10.84 -10.11
C GLN A 283 12.75 10.59 -8.77
N GLY A 284 11.43 10.60 -8.75
CA GLY A 284 10.71 10.36 -7.51
C GLY A 284 10.99 9.00 -6.92
N TYR A 285 11.16 7.99 -7.77
CA TYR A 285 11.47 6.66 -7.26
C TYR A 285 12.96 6.50 -6.92
N GLY A 286 13.83 7.30 -7.52
CA GLY A 286 15.23 7.16 -7.20
C GLY A 286 16.18 7.88 -8.13
N SER A 287 16.07 7.61 -9.44
CA SER A 287 17.05 8.14 -10.37
C SER A 287 16.56 7.98 -11.81
N LEU A 288 16.96 8.93 -12.65
CA LEU A 288 16.72 8.78 -14.08
C LEU A 288 17.43 7.55 -14.65
N GLY A 289 18.47 7.07 -13.99
CA GLY A 289 19.12 5.87 -14.45
C GLY A 289 18.35 4.61 -14.19
N MET A 290 17.23 4.69 -13.47
CA MET A 290 16.47 3.50 -13.08
C MET A 290 15.05 3.64 -13.61
N MET A 291 14.93 3.55 -14.93
CA MET A 291 13.62 3.58 -15.58
C MET A 291 13.77 2.90 -16.93
N THR A 292 12.79 2.05 -17.26
CA THR A 292 12.73 1.43 -18.58
C THR A 292 11.86 2.28 -19.51
N SER A 293 12.11 2.13 -20.81
CA SER A 293 11.31 2.81 -21.83
C SER A 293 11.24 1.92 -23.05
N VAL A 294 10.03 1.51 -23.45
CA VAL A 294 9.86 0.65 -24.61
C VAL A 294 8.71 1.20 -25.45
N LEU A 295 9.01 1.54 -26.70
CA LEU A 295 7.98 1.89 -27.66
C LEU A 295 7.34 0.61 -28.16
N ILE A 296 6.03 0.48 -27.98
CA ILE A 296 5.28 -0.68 -28.45
C ILE A 296 4.43 -0.21 -29.62
N CYS A 297 4.79 -0.67 -30.83
CA CYS A 297 4.13 -0.19 -32.04
C CYS A 297 2.77 -0.83 -32.20
N PRO A 298 1.88 -0.20 -32.97
CA PRO A 298 0.51 -0.71 -33.10
C PRO A 298 0.41 -2.09 -33.72
N ASP A 299 1.45 -2.56 -34.42
CA ASP A 299 1.35 -3.88 -35.04
C ASP A 299 1.45 -5.01 -34.04
N GLY A 300 1.69 -4.72 -32.76
CA GLY A 300 1.81 -5.75 -31.75
C GLY A 300 2.98 -6.68 -31.97
N LYS A 301 4.04 -6.19 -32.61
CA LYS A 301 5.16 -7.06 -32.96
C LYS A 301 6.47 -6.29 -32.91
N THR A 302 6.43 -5.00 -33.25
CA THR A 302 7.62 -4.19 -33.37
C THR A 302 7.81 -3.36 -32.10
N VAL A 303 9.01 -3.38 -31.53
CA VAL A 303 9.33 -2.60 -30.34
C VAL A 303 10.67 -1.92 -30.54
N GLU A 304 10.83 -0.76 -29.90
CA GLU A 304 12.11 -0.09 -29.80
C GLU A 304 12.35 0.22 -28.33
N ALA A 305 13.42 -0.33 -27.77
CA ALA A 305 13.73 -0.10 -26.37
C ALA A 305 14.88 0.89 -26.23
N GLU A 306 14.83 1.67 -25.16
CA GLU A 306 15.76 2.79 -24.95
C GLU A 306 15.81 3.10 -23.46
N ALA A 307 16.81 3.90 -23.07
CA ALA A 307 16.70 4.57 -21.78
C ALA A 307 15.79 5.78 -21.91
N ALA A 308 15.20 6.21 -20.79
CA ALA A 308 14.37 7.42 -20.82
C ALA A 308 15.18 8.70 -20.67
N HIS A 309 16.41 8.60 -20.16
CA HIS A 309 17.22 9.78 -19.94
C HIS A 309 18.00 10.13 -21.20
N GLY A 310 18.73 11.23 -21.15
CA GLY A 310 19.50 11.71 -22.28
C GLY A 310 20.93 11.22 -22.24
N THR A 311 21.80 11.94 -22.94
CA THR A 311 23.20 11.53 -23.09
C THR A 311 24.07 11.85 -21.89
N VAL A 312 23.51 12.52 -20.87
CA VAL A 312 24.18 12.85 -19.62
C VAL A 312 25.40 13.71 -19.93
N THR A 313 25.18 14.76 -20.72
CA THR A 313 26.23 15.69 -21.12
C THR A 313 27.09 16.14 -19.95
N ARG A 314 26.46 16.51 -18.83
CA ARG A 314 27.21 17.07 -17.71
C ARG A 314 28.24 16.09 -17.17
N HIS A 315 27.90 14.79 -17.13
CA HIS A 315 28.89 13.80 -16.73
C HIS A 315 29.96 13.62 -17.81
N TYR A 316 29.54 13.66 -19.07
CA TYR A 316 30.50 13.58 -20.17
C TYR A 316 31.52 14.71 -20.08
N ARG A 317 31.09 15.91 -19.71
CA ARG A 317 32.03 17.01 -19.56
C ARG A 317 33.05 16.72 -18.46
N MET A 318 32.61 16.08 -17.37
CA MET A 318 33.54 15.69 -16.31
C MET A 318 34.57 14.70 -16.84
N TYR A 319 34.12 13.73 -17.62
CA TYR A 319 35.02 12.74 -18.22
C TYR A 319 36.04 13.40 -19.13
N GLN A 320 35.61 14.40 -19.91
CA GLN A 320 36.52 15.09 -20.83
C GLN A 320 37.61 15.84 -20.09
N LYS A 321 37.35 16.30 -18.87
CA LYS A 321 38.29 17.09 -18.09
C LYS A 321 39.10 16.26 -17.11
N GLY A 322 39.02 14.93 -17.18
CA GLY A 322 39.77 14.10 -16.28
C GLY A 322 39.16 13.92 -14.90
N GLN A 323 37.88 14.23 -14.72
CA GLN A 323 37.22 14.05 -13.45
C GLN A 323 36.49 12.71 -13.43
N GLU A 324 36.53 12.03 -12.29
CA GLU A 324 35.90 10.73 -12.17
C GLU A 324 34.38 10.86 -12.31
N THR A 325 33.78 9.95 -13.07
CA THR A 325 32.33 9.91 -13.25
C THR A 325 31.75 8.68 -12.59
N SER A 326 30.44 8.74 -12.27
CA SER A 326 29.72 7.61 -11.70
C SER A 326 28.30 7.66 -12.29
N THR A 327 28.20 7.32 -13.57
CA THR A 327 26.96 7.42 -14.32
C THR A 327 26.24 6.08 -14.27
N ASN A 328 24.93 6.12 -14.01
CA ASN A 328 24.15 4.91 -13.84
C ASN A 328 23.85 4.27 -15.19
N PRO A 329 24.32 3.06 -15.45
CA PRO A 329 24.07 2.41 -16.74
C PRO A 329 22.84 1.52 -16.80
N ILE A 330 22.08 1.43 -15.71
CA ILE A 330 21.05 0.39 -15.62
C ILE A 330 20.00 0.57 -16.71
N ALA A 331 19.51 1.82 -16.88
CA ALA A 331 18.51 2.07 -17.91
C ALA A 331 19.00 1.67 -19.29
N SER A 332 20.27 1.97 -19.59
CA SER A 332 20.88 1.55 -20.85
C SER A 332 20.93 0.03 -20.96
N ILE A 333 21.24 -0.66 -19.86
CA ILE A 333 21.31 -2.11 -19.87
C ILE A 333 19.92 -2.69 -20.12
N PHE A 334 18.90 -2.12 -19.51
CA PHE A 334 17.55 -2.65 -19.70
C PHE A 334 17.02 -2.37 -21.10
N ALA A 335 17.56 -1.38 -21.80
CA ALA A 335 17.24 -1.25 -23.23
C ALA A 335 17.64 -2.52 -23.96
N TRP A 336 18.85 -3.01 -23.69
CA TRP A 336 19.29 -4.25 -24.30
C TRP A 336 18.46 -5.44 -23.82
N SER A 337 18.25 -5.54 -22.50
CA SER A 337 17.56 -6.71 -21.99
C SER A 337 16.11 -6.75 -22.46
N ARG A 338 15.44 -5.60 -22.49
CA ARG A 338 14.07 -5.57 -22.98
C ARG A 338 14.00 -5.83 -24.48
N GLY A 339 14.96 -5.30 -25.24
CA GLY A 339 14.98 -5.60 -26.66
C GLY A 339 15.23 -7.07 -26.93
N LEU A 340 16.21 -7.66 -26.24
CA LEU A 340 16.49 -9.08 -26.40
C LEU A 340 15.33 -9.94 -25.92
N ALA A 341 14.63 -9.52 -24.86
CA ALA A 341 13.49 -10.30 -24.39
C ALA A 341 12.40 -10.35 -25.45
N HIS A 342 12.17 -9.23 -26.15
CA HIS A 342 11.14 -9.24 -27.18
C HIS A 342 11.60 -10.03 -28.40
N ARG A 343 12.88 -9.92 -28.75
CA ARG A 343 13.44 -10.77 -29.78
C ARG A 343 13.23 -12.24 -29.44
N ALA A 344 13.44 -12.60 -28.18
CA ALA A 344 13.29 -13.99 -27.77
C ALA A 344 11.84 -14.43 -27.85
N LYS A 345 10.91 -13.55 -27.46
CA LYS A 345 9.49 -13.87 -27.55
C LYS A 345 9.06 -14.07 -29.00
N LEU A 346 9.54 -13.23 -29.90
CA LEU A 346 9.20 -13.39 -31.31
C LEU A 346 9.72 -14.71 -31.87
N ASP A 347 10.87 -15.15 -31.40
CA ASP A 347 11.56 -16.30 -31.98
C ASP A 347 11.35 -17.59 -31.19
N ASN A 348 10.58 -17.54 -30.09
CA ASN A 348 10.49 -18.67 -29.17
C ASN A 348 11.88 -19.15 -28.78
N ASN A 349 12.76 -18.20 -28.47
CA ASN A 349 14.16 -18.48 -28.12
C ASN A 349 14.27 -18.57 -26.61
N THR A 350 14.26 -19.79 -26.08
CA THR A 350 14.24 -19.98 -24.63
C THR A 350 15.53 -19.52 -23.98
N GLU A 351 16.67 -19.84 -24.61
CA GLU A 351 17.96 -19.47 -24.02
C GLU A 351 18.11 -17.95 -23.97
N LEU A 352 17.67 -17.27 -25.03
CA LEU A 352 17.76 -15.81 -25.05
C LEU A 352 16.81 -15.19 -24.03
N SER A 353 15.63 -15.77 -23.85
CA SER A 353 14.72 -15.26 -22.82
C SER A 353 15.34 -15.37 -21.45
N PHE A 354 16.00 -16.51 -21.17
CA PHE A 354 16.69 -16.68 -19.90
C PHE A 354 17.79 -15.65 -19.74
N PHE A 355 18.60 -15.47 -20.79
CA PHE A 355 19.71 -14.52 -20.70
C PHE A 355 19.20 -13.12 -20.38
N ALA A 356 18.12 -12.69 -21.03
CA ALA A 356 17.65 -11.33 -20.83
C ALA A 356 17.14 -11.13 -19.40
N LYS A 357 16.44 -12.13 -18.86
CA LYS A 357 15.97 -12.02 -17.48
C LYS A 357 17.14 -12.06 -16.50
N ALA A 358 18.12 -12.95 -16.76
CA ALA A 358 19.30 -13.04 -15.90
C ALA A 358 20.06 -11.72 -15.89
N LEU A 359 20.12 -11.05 -17.03
CA LEU A 359 20.79 -9.75 -17.09
C LEU A 359 20.10 -8.74 -16.17
N GLU A 360 18.77 -8.67 -16.21
CA GLU A 360 18.05 -7.76 -15.32
C GLU A 360 18.22 -8.16 -13.86
N ASP A 361 18.11 -9.46 -13.55
CA ASP A 361 18.31 -9.90 -12.17
C ASP A 361 19.69 -9.51 -11.66
N VAL A 362 20.73 -9.65 -12.49
CA VAL A 362 22.07 -9.28 -12.06
C VAL A 362 22.13 -7.81 -11.64
N CYS A 363 21.47 -6.94 -12.41
CA CYS A 363 21.48 -5.52 -12.09
C CYS A 363 20.86 -5.26 -10.72
N ILE A 364 19.69 -5.86 -10.48
CA ILE A 364 18.98 -5.66 -9.22
C ILE A 364 19.77 -6.25 -8.07
N GLU A 365 20.27 -7.48 -8.22
CA GLU A 365 21.00 -8.14 -7.14
C GLU A 365 22.26 -7.36 -6.78
N THR A 366 22.96 -6.84 -7.78
CA THR A 366 24.21 -6.11 -7.53
C THR A 366 23.96 -4.88 -6.68
N ILE A 367 22.96 -4.07 -7.05
CA ILE A 367 22.63 -2.87 -6.29
C ILE A 367 22.16 -3.25 -4.89
N GLU A 368 21.26 -4.23 -4.79
CA GLU A 368 20.77 -4.63 -3.47
C GLU A 368 21.88 -5.23 -2.60
N ALA A 369 22.95 -5.73 -3.20
CA ALA A 369 24.11 -6.21 -2.45
C ALA A 369 25.03 -5.09 -2.00
N GLY A 370 24.73 -3.83 -2.36
CA GLY A 370 25.47 -2.69 -1.88
C GLY A 370 26.43 -2.07 -2.89
N PHE A 371 26.48 -2.57 -4.12
CA PHE A 371 27.36 -2.05 -5.16
C PHE A 371 26.54 -1.18 -6.11
N MET A 372 26.86 0.11 -6.17
CA MET A 372 26.00 1.01 -6.94
C MET A 372 26.77 2.26 -7.35
N THR A 373 26.19 3.00 -8.30
CA THR A 373 26.73 4.29 -8.67
C THR A 373 26.27 5.37 -7.69
N LYS A 374 26.85 6.58 -7.87
CA LYS A 374 26.73 7.62 -6.85
C LYS A 374 25.30 8.11 -6.68
N ASP A 375 24.53 8.19 -7.77
CA ASP A 375 23.13 8.60 -7.66
C ASP A 375 22.39 7.72 -6.66
N LEU A 376 22.61 6.41 -6.72
CA LEU A 376 21.88 5.51 -5.83
C LEU A 376 22.43 5.57 -4.41
N ALA A 377 23.75 5.73 -4.26
CA ALA A 377 24.29 5.97 -2.93
C ALA A 377 23.66 7.21 -2.31
N ALA A 378 23.48 8.27 -3.11
CA ALA A 378 22.83 9.48 -2.61
C ALA A 378 21.38 9.23 -2.20
N CYS A 379 20.68 8.33 -2.87
CA CYS A 379 19.33 7.96 -2.43
C CYS A 379 19.35 7.46 -0.99
N ILE A 380 20.37 6.66 -0.65
CA ILE A 380 20.43 6.02 0.66
C ILE A 380 20.90 7.00 1.73
N LYS A 381 21.99 7.73 1.47
CA LYS A 381 22.64 8.53 2.50
C LYS A 381 22.27 10.01 2.47
N GLY A 382 21.71 10.50 1.37
CA GLY A 382 21.65 11.92 1.15
C GLY A 382 22.93 12.39 0.50
N LEU A 383 22.81 13.18 -0.56
CA LEU A 383 23.97 13.63 -1.31
C LEU A 383 25.08 14.25 -0.44
N PRO A 384 24.79 15.13 0.52
CA PRO A 384 25.87 15.71 1.33
C PRO A 384 26.65 14.69 2.15
N ASN A 385 26.10 13.50 2.40
CA ASN A 385 26.73 12.52 3.25
C ASN A 385 27.43 11.41 2.48
N VAL A 386 27.45 11.48 1.16
CA VAL A 386 28.02 10.40 0.35
C VAL A 386 29.53 10.52 0.36
N GLN A 387 30.20 9.42 0.62
CA GLN A 387 31.65 9.31 0.57
C GLN A 387 32.05 8.46 -0.62
N ARG A 388 33.32 8.59 -1.03
CA ARG A 388 33.77 7.85 -2.21
C ARG A 388 33.61 6.35 -2.02
N SER A 389 33.74 5.85 -0.79
CA SER A 389 33.64 4.42 -0.56
C SER A 389 32.20 3.93 -0.62
N ASP A 390 31.22 4.82 -0.73
CA ASP A 390 29.82 4.43 -0.82
C ASP A 390 29.41 3.99 -2.21
N TYR A 391 30.21 4.25 -3.25
CA TYR A 391 29.79 3.96 -4.59
C TYR A 391 30.96 3.49 -5.44
N LEU A 392 30.65 3.05 -6.66
CA LEU A 392 31.62 2.69 -7.69
C LEU A 392 31.54 3.69 -8.84
N ASN A 393 32.66 3.94 -9.49
CA ASN A 393 32.63 4.83 -10.64
C ASN A 393 32.04 4.08 -11.83
N THR A 394 31.87 4.79 -12.94
CA THR A 394 31.16 4.25 -14.09
C THR A 394 31.73 2.93 -14.54
N PHE A 395 33.06 2.87 -14.68
CA PHE A 395 33.70 1.68 -15.20
C PHE A 395 33.75 0.57 -14.16
N GLU A 396 34.02 0.91 -12.90
CA GLU A 396 34.00 -0.08 -11.83
C GLU A 396 32.66 -0.78 -11.74
N PHE A 397 31.57 -0.02 -11.85
CA PHE A 397 30.24 -0.61 -11.72
C PHE A 397 29.96 -1.57 -12.87
N MET A 398 30.26 -1.16 -14.10
CA MET A 398 30.18 -2.06 -15.25
C MET A 398 31.00 -3.33 -15.05
N ASP A 399 32.20 -3.20 -14.46
CA ASP A 399 33.03 -4.38 -14.21
C ASP A 399 32.37 -5.30 -13.20
N LYS A 400 31.79 -4.73 -12.13
CA LYS A 400 31.12 -5.53 -11.12
C LYS A 400 29.88 -6.23 -11.68
N LEU A 401 29.08 -5.52 -12.48
CA LEU A 401 27.98 -6.17 -13.18
C LEU A 401 28.49 -7.31 -14.07
N GLY A 402 29.58 -7.07 -14.81
CA GLY A 402 30.14 -8.10 -15.65
C GLY A 402 30.58 -9.33 -14.88
N GLU A 403 31.22 -9.12 -13.72
CA GLU A 403 31.60 -10.23 -12.86
C GLU A 403 30.38 -11.01 -12.38
N ASN A 404 29.35 -10.28 -11.93
CA ASN A 404 28.17 -10.94 -11.40
C ASN A 404 27.37 -11.65 -12.49
N LEU A 405 27.34 -11.08 -13.70
CA LEU A 405 26.67 -11.76 -14.80
C LEU A 405 27.39 -13.04 -15.17
N LYS A 406 28.72 -12.96 -15.27
CA LYS A 406 29.50 -14.15 -15.61
C LYS A 406 29.26 -15.27 -14.60
N ALA A 407 29.25 -14.93 -13.31
CA ALA A 407 29.03 -15.91 -12.27
C ALA A 407 27.63 -16.51 -12.35
N LYS A 408 26.62 -15.68 -12.62
CA LYS A 408 25.25 -16.18 -12.68
C LYS A 408 25.07 -17.13 -13.85
N LEU A 409 25.60 -16.75 -15.02
CA LEU A 409 25.45 -17.60 -16.19
C LEU A 409 26.27 -18.88 -16.06
N ALA A 410 27.42 -18.82 -15.37
CA ALA A 410 28.21 -20.03 -15.17
C ALA A 410 27.51 -21.00 -14.24
N GLN A 411 26.86 -20.47 -13.19
CA GLN A 411 26.11 -21.34 -12.30
C GLN A 411 24.88 -21.92 -12.99
N ALA A 412 24.30 -21.16 -13.92
CA ALA A 412 23.08 -21.61 -14.60
C ALA A 412 23.31 -22.86 -15.45
N LYS A 413 24.54 -23.13 -15.88
CA LYS A 413 24.81 -24.32 -16.69
C LYS A 413 25.00 -25.55 -15.81
N ARG B 3 -15.30 50.19 15.26
CA ARG B 3 -15.30 50.63 13.87
C ARG B 3 -14.45 49.71 13.00
N LYS B 4 -14.89 49.48 11.77
CA LYS B 4 -14.21 48.56 10.89
C LYS B 4 -13.06 49.26 10.15
N ILE B 5 -12.11 48.44 9.71
CA ILE B 5 -11.01 48.95 8.89
C ILE B 5 -11.57 49.44 7.56
N GLN B 6 -11.17 50.65 7.16
CA GLN B 6 -11.54 51.18 5.85
C GLN B 6 -10.57 50.63 4.82
N GLY B 7 -11.07 49.78 3.92
CA GLY B 7 -10.21 48.98 3.06
C GLY B 7 -9.88 49.54 1.69
N GLY B 8 -10.76 50.32 1.08
CA GLY B 8 -10.53 50.79 -0.28
C GLY B 8 -11.19 49.92 -1.32
N SER B 9 -10.72 50.03 -2.56
CA SER B 9 -11.38 49.41 -3.71
C SER B 9 -10.78 48.06 -4.02
N VAL B 10 -11.65 47.03 -4.11
CA VAL B 10 -11.23 45.66 -4.39
C VAL B 10 -12.25 45.01 -5.32
N VAL B 11 -11.77 44.43 -6.42
CA VAL B 11 -12.64 43.66 -7.30
C VAL B 11 -12.77 42.24 -6.74
N GLU B 12 -14.01 41.79 -6.50
CA GLU B 12 -14.31 40.44 -6.04
C GLU B 12 -15.00 39.66 -7.15
N MET B 13 -14.51 38.45 -7.41
CA MET B 13 -15.11 37.57 -8.41
C MET B 13 -15.56 36.29 -7.73
N GLN B 14 -16.89 36.09 -7.67
CA GLN B 14 -17.40 34.84 -7.14
C GLN B 14 -17.30 33.73 -8.21
N GLY B 15 -17.32 32.48 -7.74
CA GLY B 15 -17.08 31.32 -8.58
C GLY B 15 -18.14 30.25 -8.39
N ASP B 16 -17.69 28.99 -8.39
CA ASP B 16 -18.56 27.82 -8.55
C ASP B 16 -18.32 26.75 -7.49
N GLU B 17 -19.35 25.93 -7.29
CA GLU B 17 -19.33 24.62 -6.60
C GLU B 17 -18.75 24.77 -5.20
N MET B 18 -17.84 23.91 -4.76
CA MET B 18 -17.42 23.94 -3.36
C MET B 18 -16.76 25.26 -3.00
N THR B 19 -16.00 25.84 -3.93
CA THR B 19 -15.28 27.06 -3.60
C THR B 19 -16.24 28.25 -3.46
N ARG B 20 -17.36 28.22 -4.17
CA ARG B 20 -18.34 29.29 -4.01
C ARG B 20 -18.89 29.29 -2.60
N ILE B 21 -19.21 28.10 -2.07
CA ILE B 21 -19.73 27.99 -0.71
C ILE B 21 -18.67 28.47 0.29
N ILE B 22 -17.43 28.00 0.12
CA ILE B 22 -16.35 28.43 1.00
C ILE B 22 -16.15 29.94 0.93
N TRP B 23 -16.22 30.51 -0.28
CA TRP B 23 -16.08 31.94 -0.47
C TRP B 23 -17.09 32.71 0.37
N GLU B 24 -18.35 32.26 0.37
CA GLU B 24 -19.38 32.88 1.20
C GLU B 24 -19.00 32.86 2.67
N LEU B 25 -18.56 31.69 3.15
CA LEU B 25 -18.17 31.55 4.56
C LEU B 25 -16.99 32.44 4.90
N ILE B 26 -16.06 32.65 3.96
CA ILE B 26 -14.89 33.50 4.22
C ILE B 26 -15.33 34.95 4.40
N LYS B 27 -16.18 35.45 3.50
CA LYS B 27 -16.62 36.82 3.61
C LYS B 27 -17.43 37.03 4.89
N GLU B 28 -18.29 36.08 5.21
CA GLU B 28 -19.17 36.21 6.37
C GLU B 28 -18.40 36.13 7.68
N LYS B 29 -17.48 35.18 7.81
CA LYS B 29 -16.83 34.93 9.09
C LYS B 29 -15.49 35.65 9.25
N LEU B 30 -14.77 35.92 8.16
CA LEU B 30 -13.40 36.41 8.26
C LEU B 30 -13.18 37.83 7.72
N ILE B 31 -14.01 38.31 6.81
CA ILE B 31 -13.72 39.58 6.14
C ILE B 31 -14.67 40.67 6.59
N LEU B 32 -15.96 40.51 6.26
CA LEU B 32 -16.93 41.58 6.46
C LEU B 32 -17.06 42.06 7.91
N PRO B 33 -17.00 41.21 8.94
CA PRO B 33 -17.09 41.74 10.32
C PRO B 33 -16.00 42.73 10.69
N TYR B 34 -14.91 42.81 9.91
CA TYR B 34 -13.75 43.59 10.30
C TYR B 34 -13.32 44.64 9.30
N VAL B 35 -13.70 44.50 8.03
CA VAL B 35 -13.22 45.37 6.97
C VAL B 35 -14.42 45.88 6.20
N GLU B 36 -14.47 47.21 5.99
CA GLU B 36 -15.40 47.83 5.07
C GLU B 36 -14.64 48.13 3.78
N LEU B 37 -15.16 47.64 2.66
CA LEU B 37 -14.47 47.71 1.39
C LEU B 37 -15.34 48.38 0.35
N ASP B 38 -14.72 49.14 -0.54
CA ASP B 38 -15.34 49.54 -1.80
C ASP B 38 -15.27 48.31 -2.70
N LEU B 39 -16.26 47.43 -2.54
CA LEU B 39 -16.22 46.09 -3.12
C LEU B 39 -16.94 46.09 -4.47
N HIS B 40 -16.20 45.85 -5.55
CA HIS B 40 -16.77 45.75 -6.89
C HIS B 40 -16.91 44.26 -7.22
N SER B 41 -18.12 43.74 -7.04
CA SER B 41 -18.36 42.30 -7.08
C SER B 41 -18.88 41.87 -8.45
N TYR B 42 -18.31 40.79 -8.98
CA TYR B 42 -18.70 40.24 -10.28
C TYR B 42 -18.99 38.76 -10.10
N ASP B 43 -20.20 38.35 -10.45
CA ASP B 43 -20.57 36.94 -10.29
C ASP B 43 -20.07 36.17 -11.52
N LEU B 44 -18.96 35.47 -11.35
CA LEU B 44 -18.42 34.61 -12.39
C LEU B 44 -18.84 33.15 -12.20
N GLY B 45 -19.93 32.92 -11.46
CA GLY B 45 -20.60 31.63 -11.48
C GLY B 45 -20.93 31.24 -12.91
N ILE B 46 -20.99 29.94 -13.19
CA ILE B 46 -21.14 29.48 -14.56
C ILE B 46 -22.49 29.91 -15.15
N GLU B 47 -23.55 29.90 -14.33
CA GLU B 47 -24.86 30.25 -14.88
C GLU B 47 -24.96 31.74 -15.17
N ASN B 48 -24.30 32.59 -14.38
CA ASN B 48 -24.30 34.02 -14.67
C ASN B 48 -23.40 34.34 -15.86
N ARG B 49 -22.29 33.62 -16.01
CA ARG B 49 -21.50 33.79 -17.21
C ARG B 49 -22.31 33.42 -18.45
N ASP B 50 -23.09 32.35 -18.35
CA ASP B 50 -23.92 31.96 -19.48
C ASP B 50 -25.01 32.99 -19.73
N ALA B 51 -25.60 33.52 -18.66
CA ALA B 51 -26.69 34.48 -18.81
C ALA B 51 -26.23 35.77 -19.45
N THR B 52 -24.96 36.16 -19.22
CA THR B 52 -24.40 37.39 -19.77
C THR B 52 -23.52 37.15 -20.98
N ASN B 53 -23.55 35.95 -21.57
CA ASN B 53 -22.73 35.63 -22.73
C ASN B 53 -21.26 35.91 -22.45
N ASP B 54 -20.86 35.60 -21.21
CA ASP B 54 -19.51 35.75 -20.68
C ASP B 54 -19.08 37.21 -20.56
N GLN B 55 -19.99 38.16 -20.76
CA GLN B 55 -19.59 39.55 -20.67
C GLN B 55 -19.16 39.91 -19.25
N VAL B 56 -19.75 39.27 -18.23
CA VAL B 56 -19.37 39.55 -16.85
C VAL B 56 -17.89 39.28 -16.63
N THR B 57 -17.33 38.31 -17.36
CA THR B 57 -15.90 38.02 -17.21
C THR B 57 -15.05 39.16 -17.75
N LYS B 58 -15.39 39.65 -18.94
CA LYS B 58 -14.63 40.76 -19.51
C LYS B 58 -14.74 42.01 -18.65
N ASP B 59 -15.94 42.28 -18.13
CA ASP B 59 -16.13 43.43 -17.25
C ASP B 59 -15.23 43.32 -16.02
N ALA B 60 -15.14 42.14 -15.41
CA ALA B 60 -14.33 41.96 -14.21
C ALA B 60 -12.86 42.27 -14.49
N ALA B 61 -12.36 41.79 -15.62
CA ALA B 61 -10.96 42.01 -15.96
C ALA B 61 -10.66 43.49 -16.12
N GLU B 62 -11.55 44.22 -16.80
CA GLU B 62 -11.37 45.67 -16.94
C GLU B 62 -11.37 46.36 -15.59
N ALA B 63 -12.19 45.87 -14.66
CA ALA B 63 -12.25 46.46 -13.32
C ALA B 63 -10.96 46.21 -12.56
N ILE B 64 -10.38 45.01 -12.68
CA ILE B 64 -9.09 44.76 -12.04
C ILE B 64 -8.05 45.75 -12.54
N LYS B 65 -8.04 46.00 -13.85
CA LYS B 65 -7.12 46.98 -14.42
C LYS B 65 -7.35 48.37 -13.85
N LYS B 66 -8.61 48.72 -13.59
CA LYS B 66 -8.93 50.05 -13.07
C LYS B 66 -8.50 50.20 -11.61
N TYR B 67 -8.91 49.24 -10.76
CA TYR B 67 -8.72 49.36 -9.32
C TYR B 67 -7.43 48.74 -8.82
N ASN B 68 -6.77 47.91 -9.62
CA ASN B 68 -5.44 47.34 -9.43
C ASN B 68 -5.41 46.19 -8.44
N VAL B 69 -6.54 45.77 -7.88
CA VAL B 69 -6.59 44.63 -6.96
C VAL B 69 -7.82 43.78 -7.27
N GLY B 70 -7.60 42.50 -7.54
CA GLY B 70 -8.72 41.57 -7.69
C GLY B 70 -8.47 40.32 -6.87
N VAL B 71 -9.56 39.78 -6.31
CA VAL B 71 -9.54 38.51 -5.59
C VAL B 71 -10.60 37.59 -6.21
N LYS B 72 -10.19 36.40 -6.65
CA LYS B 72 -11.06 35.55 -7.47
C LYS B 72 -11.23 34.15 -6.88
N CYS B 73 -12.48 33.71 -6.86
CA CYS B 73 -12.88 32.35 -6.50
C CYS B 73 -12.72 31.43 -7.70
N ALA B 74 -12.44 30.15 -7.44
CA ALA B 74 -12.30 29.19 -8.52
C ALA B 74 -13.59 29.06 -9.32
N THR B 75 -13.45 28.83 -10.63
CA THR B 75 -14.56 28.83 -11.58
C THR B 75 -14.56 27.56 -12.42
N ILE B 76 -15.75 27.14 -12.85
CA ILE B 76 -15.87 26.05 -13.82
C ILE B 76 -15.45 26.53 -15.20
N THR B 77 -14.55 25.79 -15.84
CA THR B 77 -14.33 25.97 -17.26
C THR B 77 -15.10 24.90 -18.00
N PRO B 78 -16.09 25.23 -18.80
CA PRO B 78 -17.03 24.21 -19.30
C PRO B 78 -16.51 23.45 -20.50
N ASP B 79 -16.74 22.13 -20.49
CA ASP B 79 -16.64 21.29 -21.67
C ASP B 79 -18.04 20.77 -22.00
N GLU B 80 -18.09 19.73 -22.83
CA GLU B 80 -19.39 19.23 -23.29
C GLU B 80 -20.25 18.72 -22.15
N LYS B 81 -19.63 18.07 -21.15
CA LYS B 81 -20.41 17.56 -20.02
C LYS B 81 -20.99 18.70 -19.21
N ARG B 82 -20.24 19.80 -19.05
CA ARG B 82 -20.76 20.98 -18.35
C ARG B 82 -21.87 21.66 -19.15
N VAL B 83 -21.77 21.67 -20.48
CA VAL B 83 -22.84 22.23 -21.29
C VAL B 83 -24.16 21.51 -21.03
N GLU B 84 -24.12 20.18 -21.00
CA GLU B 84 -25.33 19.42 -20.72
C GLU B 84 -25.79 19.61 -19.27
N GLU B 85 -24.84 19.79 -18.35
CA GLU B 85 -25.19 19.93 -16.93
C GLU B 85 -25.92 21.24 -16.66
N PHE B 86 -25.43 22.34 -17.21
CA PHE B 86 -25.96 23.67 -16.92
C PHE B 86 -26.79 24.23 -18.07
N LYS B 87 -27.03 23.43 -19.11
CA LYS B 87 -27.78 23.86 -20.30
C LYS B 87 -27.14 25.10 -20.91
N LEU B 88 -25.83 25.06 -21.10
CA LEU B 88 -25.08 26.23 -21.58
C LEU B 88 -25.37 26.50 -23.04
N LYS B 89 -25.32 27.80 -23.40
CA LYS B 89 -25.45 28.20 -24.80
C LYS B 89 -24.20 27.89 -25.59
N GLN B 90 -23.03 28.09 -24.99
CA GLN B 90 -21.76 27.88 -25.66
CA GLN B 90 -21.76 27.87 -25.65
C GLN B 90 -20.80 27.22 -24.68
N MET B 91 -19.71 26.67 -25.22
CA MET B 91 -18.65 26.12 -24.39
C MET B 91 -17.72 27.28 -24.07
N TRP B 92 -18.05 28.02 -23.02
CA TRP B 92 -17.35 29.27 -22.73
C TRP B 92 -15.88 29.01 -22.44
N LYS B 93 -15.06 29.98 -22.82
CA LYS B 93 -13.64 29.95 -22.49
C LYS B 93 -13.41 30.11 -21.00
N SER B 94 -12.27 29.62 -20.53
CA SER B 94 -11.91 29.78 -19.13
C SER B 94 -11.92 31.25 -18.75
N PRO B 95 -12.62 31.62 -17.67
CA PRO B 95 -12.50 33.00 -17.17
C PRO B 95 -11.09 33.38 -16.78
N ASN B 96 -10.31 32.43 -16.26
CA ASN B 96 -8.93 32.75 -15.92
C ASN B 96 -8.12 33.07 -17.17
N GLY B 97 -8.33 32.30 -18.24
CA GLY B 97 -7.63 32.59 -19.48
C GLY B 97 -8.04 33.94 -20.04
N THR B 98 -9.31 34.29 -19.93
CA THR B 98 -9.77 35.59 -20.41
C THR B 98 -9.17 36.73 -19.60
N ILE B 99 -9.21 36.63 -18.27
CA ILE B 99 -8.65 37.68 -17.43
C ILE B 99 -7.14 37.80 -17.65
N ARG B 100 -6.43 36.68 -17.66
CA ARG B 100 -4.98 36.75 -17.84
C ARG B 100 -4.62 37.28 -19.22
N ASN B 101 -5.37 36.91 -20.25
CA ASN B 101 -5.11 37.43 -21.59
C ASN B 101 -5.21 38.95 -21.63
N ILE B 102 -6.11 39.51 -20.83
CA ILE B 102 -6.28 40.97 -20.80
C ILE B 102 -5.20 41.64 -19.96
N LEU B 103 -4.91 41.08 -18.78
CA LEU B 103 -3.99 41.75 -17.86
C LEU B 103 -2.53 41.44 -18.15
N GLY B 104 -2.22 40.23 -18.58
CA GLY B 104 -0.84 39.83 -18.78
C GLY B 104 -0.11 39.70 -17.45
N GLY B 105 1.16 39.34 -17.53
CA GLY B 105 1.95 39.26 -16.33
C GLY B 105 2.45 37.87 -16.01
N THR B 106 2.87 37.66 -14.77
CA THR B 106 3.40 36.39 -14.29
C THR B 106 2.59 35.99 -13.07
N VAL B 107 2.16 34.72 -13.02
CA VAL B 107 1.44 34.21 -11.85
C VAL B 107 2.45 33.50 -10.94
N PHE B 108 2.63 34.02 -9.73
CA PHE B 108 3.61 33.45 -8.83
C PHE B 108 2.90 32.53 -7.84
N ARG B 109 3.40 31.30 -7.73
CA ARG B 109 2.77 30.30 -6.88
C ARG B 109 3.77 29.70 -5.92
N GLU B 110 3.32 29.45 -4.70
CA GLU B 110 4.21 29.04 -3.62
C GLU B 110 3.36 28.34 -2.58
N ALA B 111 3.90 27.27 -2.01
CA ALA B 111 3.18 26.56 -0.96
C ALA B 111 3.02 27.43 0.28
N ILE B 112 1.97 27.13 1.05
CA ILE B 112 1.74 27.70 2.38
C ILE B 112 2.17 26.66 3.38
N ILE B 113 3.21 26.97 4.17
CA ILE B 113 3.94 25.96 4.94
C ILE B 113 3.54 26.00 6.41
N CYS B 114 3.22 24.83 6.96
CA CYS B 114 3.01 24.64 8.39
C CYS B 114 4.03 23.67 8.93
N LYS B 115 4.55 23.95 10.13
CA LYS B 115 5.68 23.21 10.67
C LYS B 115 5.34 21.77 11.02
N ASN B 116 4.07 21.46 11.25
CA ASN B 116 3.65 20.14 11.69
C ASN B 116 3.15 19.25 10.54
N ILE B 117 3.27 19.70 9.29
CA ILE B 117 2.73 18.99 8.14
C ILE B 117 3.89 18.31 7.41
N PRO B 118 3.99 16.98 7.44
CA PRO B 118 5.00 16.32 6.62
C PRO B 118 4.73 16.53 5.14
N ARG B 119 5.80 16.59 4.37
CA ARG B 119 5.75 16.63 2.92
C ARG B 119 5.71 15.22 2.33
N LEU B 120 5.30 15.16 1.07
CA LEU B 120 5.45 13.92 0.30
C LEU B 120 6.82 13.83 -0.34
N VAL B 121 7.49 14.96 -0.59
CA VAL B 121 8.83 14.99 -1.16
C VAL B 121 9.83 15.28 -0.04
N THR B 122 10.74 14.33 0.21
CA THR B 122 11.52 14.37 1.44
C THR B 122 12.46 15.57 1.51
N GLY B 123 12.98 16.05 0.38
CA GLY B 123 14.07 17.01 0.45
C GLY B 123 13.72 18.48 0.50
N TRP B 124 12.45 18.85 0.32
CA TRP B 124 12.08 20.26 0.08
C TRP B 124 12.01 21.03 1.40
N VAL B 125 13.19 21.38 1.94
CA VAL B 125 13.23 22.14 3.18
C VAL B 125 13.14 23.64 2.98
N LYS B 126 13.27 24.12 1.74
CA LYS B 126 13.15 25.53 1.39
C LYS B 126 12.07 25.68 0.33
N PRO B 127 11.49 26.88 0.18
CA PRO B 127 10.37 27.04 -0.74
C PRO B 127 10.78 26.98 -2.20
N ILE B 128 9.92 26.38 -3.02
CA ILE B 128 10.00 26.47 -4.47
C ILE B 128 8.94 27.47 -4.93
N ILE B 129 9.36 28.52 -5.61
CA ILE B 129 8.43 29.53 -6.11
C ILE B 129 8.39 29.40 -7.62
N ILE B 130 7.20 29.14 -8.16
CA ILE B 130 7.03 29.05 -9.61
C ILE B 130 6.54 30.40 -10.13
N GLY B 131 7.21 30.91 -11.16
CA GLY B 131 6.72 32.07 -11.86
C GLY B 131 6.13 31.60 -13.18
N ARG B 132 4.81 31.55 -13.25
CA ARG B 132 4.10 31.04 -14.42
C ARG B 132 3.78 32.20 -15.35
N HIS B 133 4.35 32.17 -16.56
CA HIS B 133 3.97 33.14 -17.57
C HIS B 133 2.46 33.06 -17.81
N ALA B 134 1.77 34.19 -17.71
CA ALA B 134 0.31 34.18 -17.67
C ALA B 134 -0.34 34.32 -19.04
N TYR B 135 0.43 34.42 -20.11
CA TYR B 135 -0.10 34.82 -21.41
C TYR B 135 0.19 33.78 -22.49
N GLY B 136 -0.78 33.55 -23.36
CA GLY B 136 -0.58 32.83 -24.62
C GLY B 136 -0.43 31.32 -24.49
N ASP B 137 0.24 30.75 -25.49
CA ASP B 137 0.48 29.29 -25.60
C ASP B 137 -0.88 28.58 -25.63
N GLN B 138 -1.01 27.45 -24.91
CA GLN B 138 -2.21 26.64 -25.00
C GLN B 138 -3.46 27.36 -24.49
N TYR B 139 -3.29 28.44 -23.73
CA TYR B 139 -4.39 29.11 -23.06
C TYR B 139 -4.99 30.23 -23.87
N ARG B 140 -4.49 30.45 -25.07
CA ARG B 140 -5.12 31.34 -26.05
C ARG B 140 -4.95 30.75 -27.44
N ALA B 141 -5.22 29.46 -27.56
CA ALA B 141 -4.97 28.73 -28.79
C ALA B 141 -6.22 28.73 -29.66
N THR B 142 -6.00 28.42 -30.95
CA THR B 142 -7.08 28.20 -31.91
C THR B 142 -6.99 26.75 -32.34
N ASP B 143 -7.87 25.91 -31.78
CA ASP B 143 -7.82 24.47 -32.04
C ASP B 143 -9.12 24.01 -32.69
N PHE B 144 -9.03 22.94 -33.47
CA PHE B 144 -10.23 22.46 -34.18
C PHE B 144 -10.06 21.00 -34.54
N VAL B 145 -11.20 20.35 -34.76
CA VAL B 145 -11.21 18.97 -35.25
C VAL B 145 -10.99 19.01 -36.76
N VAL B 146 -10.06 18.18 -37.23
CA VAL B 146 -9.87 17.96 -38.66
C VAL B 146 -10.83 16.84 -39.09
N PRO B 147 -11.84 17.13 -39.92
CA PRO B 147 -12.91 16.15 -40.13
C PRO B 147 -12.55 15.03 -41.08
N GLY B 148 -11.54 15.20 -41.91
CA GLY B 148 -11.17 14.18 -42.86
C GLY B 148 -9.93 14.60 -43.62
N PRO B 149 -9.60 13.86 -44.68
CA PRO B 149 -8.37 14.14 -45.43
C PRO B 149 -8.31 15.57 -45.95
N GLY B 150 -7.11 16.11 -45.96
CA GLY B 150 -6.90 17.51 -46.31
C GLY B 150 -5.65 18.04 -45.65
N LYS B 151 -5.31 19.27 -46.03
CA LYS B 151 -4.08 19.91 -45.58
C LYS B 151 -4.38 20.99 -44.56
N VAL B 152 -3.57 21.03 -43.49
CA VAL B 152 -3.57 22.13 -42.53
C VAL B 152 -2.28 22.90 -42.72
N GLU B 153 -2.41 24.22 -42.91
CA GLU B 153 -1.29 25.10 -43.13
C GLU B 153 -1.45 26.30 -42.20
N ILE B 154 -0.33 26.93 -41.87
CA ILE B 154 -0.32 28.12 -41.05
C ILE B 154 0.45 29.19 -41.80
N THR B 155 -0.07 30.42 -41.80
CA THR B 155 0.40 31.50 -42.66
C THR B 155 0.69 32.74 -41.83
N TYR B 156 1.80 33.41 -42.12
CA TYR B 156 2.11 34.70 -41.51
C TYR B 156 2.11 35.78 -42.59
N THR B 157 1.36 36.84 -42.37
CA THR B 157 1.30 37.95 -43.31
C THR B 157 1.76 39.22 -42.59
N PRO B 158 2.94 39.76 -42.90
CA PRO B 158 3.40 40.97 -42.22
C PRO B 158 2.44 42.14 -42.47
N LYS B 159 2.39 43.05 -41.50
CA LYS B 159 1.44 44.17 -41.60
C LYS B 159 1.79 45.08 -42.77
N ASP B 160 3.08 45.25 -43.06
CA ASP B 160 3.53 45.94 -44.28
C ASP B 160 3.42 44.95 -45.44
N GLY B 161 2.17 44.75 -45.88
CA GLY B 161 1.80 43.67 -46.80
C GLY B 161 2.73 43.40 -47.96
N THR B 162 3.94 42.92 -47.67
CA THR B 162 4.97 42.73 -48.68
C THR B 162 5.45 41.30 -48.88
N GLN B 163 5.28 40.40 -47.90
CA GLN B 163 6.09 39.16 -47.89
C GLN B 163 5.51 38.11 -46.93
N LYS B 164 4.55 37.32 -47.41
CA LYS B 164 3.86 36.35 -46.54
C LYS B 164 4.48 34.96 -46.69
N VAL B 165 4.37 34.18 -45.62
CA VAL B 165 4.95 32.83 -45.57
C VAL B 165 3.87 31.85 -45.15
N THR B 166 3.76 30.74 -45.88
CA THR B 166 2.84 29.66 -45.55
C THR B 166 3.66 28.44 -45.22
N TYR B 167 3.36 27.83 -44.07
CA TYR B 167 4.04 26.62 -43.62
C TYR B 167 3.07 25.45 -43.65
N MET B 168 3.55 24.29 -44.08
CA MET B 168 2.76 23.07 -43.95
C MET B 168 2.75 22.60 -42.50
N VAL B 169 1.56 22.41 -41.95
CA VAL B 169 1.48 21.79 -40.63
C VAL B 169 1.38 20.29 -40.83
N HIS B 170 0.36 19.84 -41.57
CA HIS B 170 0.20 18.43 -41.84
C HIS B 170 -0.73 18.20 -43.03
N ASP B 171 -0.35 17.26 -43.88
CA ASP B 171 -1.22 16.73 -44.92
C ASP B 171 -1.87 15.46 -44.38
N PHE B 172 -3.15 15.55 -44.04
CA PHE B 172 -3.92 14.40 -43.58
C PHE B 172 -4.30 13.59 -44.81
N GLU B 173 -3.57 12.51 -45.05
CA GLU B 173 -3.81 11.70 -46.24
C GLU B 173 -4.94 10.71 -46.02
N GLU B 174 -5.07 10.18 -44.81
CA GLU B 174 -6.09 9.19 -44.47
C GLU B 174 -6.76 9.65 -43.18
N GLY B 175 -8.06 9.80 -43.22
CA GLY B 175 -8.78 10.13 -42.01
C GLY B 175 -8.48 11.55 -41.52
N GLY B 176 -9.05 11.85 -40.35
CA GLY B 176 -8.91 13.17 -39.79
C GLY B 176 -8.12 13.15 -38.49
N GLY B 177 -8.36 14.14 -37.64
CA GLY B 177 -7.63 14.27 -36.40
C GLY B 177 -7.92 15.62 -35.76
N VAL B 178 -6.89 16.28 -35.26
CA VAL B 178 -7.01 17.57 -34.61
C VAL B 178 -5.83 18.44 -35.03
N ALA B 179 -6.03 19.75 -34.96
CA ALA B 179 -4.95 20.69 -35.22
C ALA B 179 -5.17 21.94 -34.39
N MET B 180 -4.10 22.70 -34.21
CA MET B 180 -4.16 23.92 -33.42
C MET B 180 -3.00 24.84 -33.75
N GLY B 181 -3.23 26.13 -33.60
CA GLY B 181 -2.17 27.13 -33.64
C GLY B 181 -2.12 27.83 -32.31
N MET B 182 -0.90 28.14 -31.84
CA MET B 182 -0.78 28.97 -30.66
C MET B 182 0.41 29.89 -30.85
N TYR B 183 0.59 30.81 -29.92
CA TYR B 183 1.56 31.88 -30.11
C TYR B 183 1.93 32.51 -28.77
N ASN B 184 2.97 33.31 -28.83
CA ASN B 184 3.27 34.22 -27.75
C ASN B 184 3.88 35.49 -28.33
N GLN B 185 3.97 36.53 -27.49
CA GLN B 185 4.40 37.85 -27.93
C GLN B 185 5.72 38.21 -27.26
N ASP B 186 6.60 38.88 -28.02
CA ASP B 186 7.92 39.24 -27.52
C ASP B 186 7.83 40.08 -26.25
N LYS B 187 6.99 41.10 -26.25
CA LYS B 187 6.90 41.98 -25.08
C LYS B 187 6.46 41.21 -23.85
N SER B 188 5.49 40.31 -24.02
CA SER B 188 5.03 39.48 -22.91
C SER B 188 6.16 38.59 -22.40
N ILE B 189 6.94 38.00 -23.29
CA ILE B 189 8.08 37.19 -22.86
C ILE B 189 9.09 38.04 -22.12
N GLU B 190 9.34 39.26 -22.62
CA GLU B 190 10.26 40.17 -21.95
C GLU B 190 9.79 40.51 -20.54
N ASP B 191 8.51 40.88 -20.39
CA ASP B 191 7.96 41.15 -19.07
C ASP B 191 8.09 39.94 -18.15
N PHE B 192 7.82 38.75 -18.67
CA PHE B 192 7.96 37.50 -17.92
C PHE B 192 9.40 37.31 -17.43
N ALA B 193 10.38 37.55 -18.30
CA ALA B 193 11.78 37.49 -17.89
C ALA B 193 12.08 38.50 -16.78
N HIS B 194 11.71 39.77 -16.97
CA HIS B 194 11.99 40.78 -15.95
C HIS B 194 11.39 40.40 -14.61
N SER B 195 10.14 39.92 -14.60
CA SER B 195 9.53 39.52 -13.33
C SER B 195 10.28 38.38 -12.68
N SER B 196 10.79 37.42 -13.45
CA SER B 196 11.49 36.29 -12.86
C SER B 196 12.84 36.70 -12.30
N PHE B 197 13.62 37.47 -13.06
CA PHE B 197 14.90 37.97 -12.56
C PHE B 197 14.70 38.81 -11.30
N GLN B 198 13.69 39.69 -11.31
CA GLN B 198 13.42 40.53 -10.15
C GLN B 198 13.01 39.71 -8.94
N MET B 199 12.18 38.68 -9.14
CA MET B 199 11.75 37.87 -8.01
C MET B 199 12.94 37.15 -7.38
N ALA B 200 13.80 36.58 -8.22
CA ALA B 200 15.00 35.89 -7.75
C ALA B 200 15.88 36.82 -6.93
N LEU B 201 16.12 38.04 -7.43
CA LEU B 201 16.90 39.01 -6.67
C LEU B 201 16.19 39.40 -5.38
N SER B 202 14.86 39.46 -5.41
CA SER B 202 14.09 39.82 -4.21
C SER B 202 14.26 38.78 -3.11
N LYS B 203 14.37 37.50 -3.47
CA LYS B 203 14.55 36.44 -2.50
C LYS B 203 16.00 36.09 -2.25
N GLY B 204 16.90 36.50 -3.14
CA GLY B 204 18.28 36.04 -3.05
C GLY B 204 18.46 34.59 -3.42
N TRP B 205 17.67 34.07 -4.38
CA TRP B 205 17.67 32.67 -4.80
C TRP B 205 18.02 32.55 -6.27
N PRO B 206 18.61 31.42 -6.69
CA PRO B 206 18.86 31.22 -8.11
C PRO B 206 17.54 31.11 -8.88
N LEU B 207 17.64 31.36 -10.19
CA LEU B 207 16.49 31.35 -11.09
C LEU B 207 16.75 30.33 -12.18
N TYR B 208 15.73 29.52 -12.49
CA TYR B 208 15.83 28.53 -13.55
C TYR B 208 14.65 28.71 -14.48
N LEU B 209 14.92 28.78 -15.78
CA LEU B 209 13.91 28.74 -16.83
C LEU B 209 13.91 27.36 -17.47
N SER B 210 12.72 26.78 -17.66
CA SER B 210 12.58 25.51 -18.36
C SER B 210 11.91 25.73 -19.71
N THR B 211 12.43 25.08 -20.76
CA THR B 211 11.75 25.04 -22.05
C THR B 211 12.00 23.67 -22.67
N LYS B 212 11.44 23.47 -23.86
CA LYS B 212 11.79 22.30 -24.66
C LYS B 212 12.41 22.79 -25.97
N ASN B 213 13.41 23.67 -25.89
CA ASN B 213 13.92 24.33 -27.08
C ASN B 213 14.66 23.38 -28.02
N THR B 214 15.07 22.19 -27.57
CA THR B 214 15.62 21.20 -28.50
C THR B 214 14.57 20.71 -29.48
N ILE B 215 13.29 20.74 -29.10
CA ILE B 215 12.21 20.29 -29.96
C ILE B 215 11.54 21.47 -30.66
N LEU B 216 11.08 22.44 -29.88
CA LEU B 216 10.52 23.68 -30.42
C LEU B 216 11.67 24.69 -30.50
N LYS B 217 12.52 24.50 -31.52
CA LYS B 217 13.76 25.26 -31.62
C LYS B 217 13.49 26.75 -31.83
N LYS B 218 12.44 27.08 -32.57
CA LYS B 218 12.11 28.49 -32.81
C LYS B 218 11.24 29.07 -31.70
N TYR B 219 10.15 28.38 -31.37
CA TYR B 219 9.19 28.89 -30.38
C TYR B 219 9.83 29.00 -29.00
N ASP B 220 10.37 27.87 -28.50
CA ASP B 220 11.00 27.89 -27.18
C ASP B 220 12.38 28.52 -27.21
N GLY B 221 13.11 28.40 -28.32
CA GLY B 221 14.33 29.16 -28.46
C GLY B 221 14.15 30.66 -28.24
N ARG B 222 12.99 31.20 -28.59
CA ARG B 222 12.76 32.63 -28.38
C ARG B 222 12.68 32.96 -26.89
N PHE B 223 12.02 32.11 -26.12
CA PHE B 223 12.02 32.28 -24.66
C PHE B 223 13.45 32.24 -24.13
N LYS B 224 14.22 31.21 -24.50
CA LYS B 224 15.57 31.04 -23.98
C LYS B 224 16.46 32.21 -24.36
N ASP B 225 16.33 32.70 -25.60
CA ASP B 225 17.16 33.81 -26.08
C ASP B 225 16.82 35.11 -25.37
N ILE B 226 15.52 35.41 -25.23
CA ILE B 226 15.12 36.66 -24.57
C ILE B 226 15.57 36.67 -23.12
N PHE B 227 15.38 35.55 -22.41
CA PHE B 227 15.85 35.47 -21.03
C PHE B 227 17.35 35.71 -20.94
N GLN B 228 18.13 35.05 -21.80
CA GLN B 228 19.59 35.18 -21.73
C GLN B 228 20.02 36.60 -22.09
N GLU B 229 19.39 37.21 -23.10
CA GLU B 229 19.70 38.59 -23.46
C GLU B 229 19.41 39.53 -22.29
N ILE B 230 18.25 39.36 -21.66
CA ILE B 230 17.87 40.27 -20.58
C ILE B 230 18.77 40.06 -19.37
N TYR B 231 19.17 38.81 -19.12
CA TYR B 231 20.11 38.54 -18.03
C TYR B 231 21.42 39.28 -18.26
N ASP B 232 22.05 39.04 -19.42
CA ASP B 232 23.36 39.62 -19.71
C ASP B 232 23.32 41.14 -19.64
N LYS B 233 22.23 41.75 -20.10
CA LYS B 233 22.21 43.20 -20.27
C LYS B 233 21.65 43.95 -19.08
N LYS B 234 20.97 43.27 -18.15
CA LYS B 234 20.30 44.01 -17.09
C LYS B 234 20.47 43.40 -15.70
N TYR B 235 20.82 42.13 -15.57
CA TYR B 235 20.79 41.49 -14.26
C TYR B 235 22.06 40.74 -13.88
N LYS B 236 22.96 40.45 -14.83
CA LYS B 236 24.10 39.57 -14.56
C LYS B 236 24.92 40.06 -13.36
N SER B 237 25.19 41.37 -13.29
CA SER B 237 26.04 41.86 -12.21
C SER B 237 25.33 41.81 -10.86
N GLN B 238 24.03 42.09 -10.84
CA GLN B 238 23.27 41.97 -9.59
C GLN B 238 23.24 40.54 -9.09
N PHE B 239 23.04 39.59 -10.01
CA PHE B 239 23.10 38.17 -9.65
C PHE B 239 24.47 37.81 -9.07
N GLU B 240 25.53 38.21 -9.78
CA GLU B 240 26.87 37.91 -9.31
C GLU B 240 27.16 38.55 -7.95
N ALA B 241 26.60 39.74 -7.71
CA ALA B 241 26.79 40.40 -6.41
C ALA B 241 26.15 39.59 -5.28
N GLN B 242 25.01 38.97 -5.53
CA GLN B 242 24.31 38.20 -4.51
C GLN B 242 24.70 36.73 -4.50
N LYS B 243 25.67 36.34 -5.35
CA LYS B 243 26.18 34.97 -5.39
C LYS B 243 25.10 33.97 -5.82
N ILE B 244 24.19 34.40 -6.71
CA ILE B 244 23.15 33.54 -7.26
C ILE B 244 23.33 33.48 -8.77
N CYS B 245 22.72 32.47 -9.38
CA CYS B 245 22.93 32.21 -10.81
C CYS B 245 21.60 32.15 -11.53
N TYR B 246 21.67 32.20 -12.86
CA TYR B 246 20.54 31.94 -13.74
C TYR B 246 20.92 30.84 -14.73
N GLU B 247 20.04 29.87 -14.91
CA GLU B 247 20.32 28.73 -15.77
C GLU B 247 19.07 28.38 -16.56
N HIS B 248 19.23 28.09 -17.85
CA HIS B 248 18.17 27.43 -18.62
C HIS B 248 18.37 25.93 -18.56
N ARG B 249 17.26 25.19 -18.40
CA ARG B 249 17.27 23.74 -18.41
C ARG B 249 16.13 23.24 -19.27
N LEU B 250 16.32 22.09 -19.90
CA LEU B 250 15.20 21.44 -20.57
C LEU B 250 14.19 21.00 -19.52
N ILE B 251 12.90 21.08 -19.87
CA ILE B 251 11.85 20.88 -18.87
C ILE B 251 11.93 19.48 -18.26
N ASP B 252 12.28 18.46 -19.03
CA ASP B 252 12.29 17.14 -18.42
C ASP B 252 13.45 16.99 -17.43
N ASP B 253 14.61 17.55 -17.76
CA ASP B 253 15.68 17.64 -16.75
C ASP B 253 15.23 18.45 -15.54
N MET B 254 14.63 19.61 -15.79
CA MET B 254 14.22 20.52 -14.71
C MET B 254 13.27 19.87 -13.70
N VAL B 255 12.24 19.17 -14.17
CA VAL B 255 11.30 18.62 -13.19
C VAL B 255 11.99 17.58 -12.31
N ALA B 256 12.93 16.81 -12.86
CA ALA B 256 13.67 15.86 -12.05
C ALA B 256 14.62 16.58 -11.08
N GLN B 257 15.29 17.64 -11.56
CA GLN B 257 16.15 18.43 -10.69
C GLN B 257 15.36 19.02 -9.53
N ALA B 258 14.18 19.58 -9.82
CA ALA B 258 13.33 20.09 -8.75
C ALA B 258 12.97 19.01 -7.75
N MET B 259 12.63 17.81 -8.25
CA MET B 259 12.16 16.76 -7.36
C MET B 259 13.24 16.37 -6.35
N LYS B 260 14.52 16.38 -6.76
CA LYS B 260 15.61 15.99 -5.87
C LYS B 260 16.27 17.17 -5.16
N SER B 261 15.82 18.39 -5.40
CA SER B 261 16.44 19.58 -4.83
C SER B 261 16.02 19.76 -3.35
N GLU B 262 16.69 20.70 -2.69
CA GLU B 262 16.27 21.13 -1.36
C GLU B 262 15.28 22.29 -1.40
N GLY B 263 14.90 22.75 -2.58
CA GLY B 263 14.09 23.94 -2.66
C GLY B 263 14.96 25.19 -2.64
N GLY B 264 14.31 26.33 -2.48
CA GLY B 264 15.02 27.60 -2.44
C GLY B 264 15.47 28.08 -3.80
N PHE B 265 14.58 28.03 -4.79
CA PHE B 265 14.87 28.61 -6.09
C PHE B 265 13.59 29.15 -6.69
N ILE B 266 13.77 30.07 -7.65
CA ILE B 266 12.68 30.56 -8.50
C ILE B 266 12.70 29.74 -9.77
N TRP B 267 11.51 29.34 -10.22
CA TRP B 267 11.34 28.47 -11.38
C TRP B 267 10.44 29.20 -12.37
N ALA B 268 11.06 29.80 -13.39
CA ALA B 268 10.31 30.46 -14.45
C ALA B 268 9.74 29.39 -15.38
N CYS B 269 8.42 29.36 -15.51
CA CYS B 269 7.69 28.33 -16.24
C CYS B 269 6.86 28.97 -17.34
N LYS B 270 6.96 28.42 -18.55
CA LYS B 270 5.96 28.73 -19.56
C LYS B 270 4.56 28.42 -19.00
N ASN B 271 3.56 29.10 -19.55
CA ASN B 271 2.17 29.03 -19.09
C ASN B 271 1.72 27.62 -18.72
N TYR B 272 1.85 26.67 -19.65
CA TYR B 272 1.37 25.31 -19.40
C TYR B 272 2.16 24.64 -18.30
N ASP B 273 3.49 24.71 -18.38
CA ASP B 273 4.30 24.07 -17.35
C ASP B 273 4.03 24.68 -15.97
N GLY B 274 3.81 25.99 -15.93
CA GLY B 274 3.50 26.64 -14.66
C GLY B 274 2.19 26.15 -14.08
N ASP B 275 1.19 25.98 -14.93
CA ASP B 275 -0.08 25.39 -14.52
C ASP B 275 0.12 24.01 -13.92
N VAL B 276 0.73 23.10 -14.68
CA VAL B 276 0.84 21.69 -14.26
C VAL B 276 1.78 21.55 -13.07
N GLN B 277 2.99 22.12 -13.17
CA GLN B 277 3.97 21.88 -12.12
C GLN B 277 3.63 22.59 -10.81
N SER B 278 2.83 23.65 -10.85
CA SER B 278 2.43 24.27 -9.58
C SER B 278 1.55 23.32 -8.79
N ASP B 279 0.69 22.55 -9.46
CA ASP B 279 -0.12 21.56 -8.72
C ASP B 279 0.74 20.41 -8.19
N SER B 280 1.72 19.95 -8.98
CA SER B 280 2.66 18.95 -8.51
C SER B 280 3.41 19.44 -7.27
N VAL B 281 3.90 20.67 -7.34
CA VAL B 281 4.66 21.24 -6.23
C VAL B 281 3.76 21.42 -5.01
N ALA B 282 2.54 21.97 -5.20
CA ALA B 282 1.64 22.13 -4.06
C ALA B 282 1.38 20.80 -3.35
N GLN B 283 1.07 19.76 -4.12
CA GLN B 283 0.80 18.48 -3.49
C GLN B 283 2.04 17.92 -2.82
N GLY B 284 3.21 18.12 -3.43
CA GLY B 284 4.46 17.65 -2.84
C GLY B 284 4.70 18.20 -1.45
N TYR B 285 4.34 19.46 -1.22
CA TYR B 285 4.52 20.07 0.10
C TYR B 285 3.42 19.66 1.07
N GLY B 286 2.20 19.47 0.59
CA GLY B 286 1.11 19.17 1.50
C GLY B 286 -0.22 18.97 0.82
N SER B 287 -0.73 20.02 0.18
CA SER B 287 -2.09 19.99 -0.32
C SER B 287 -2.28 21.10 -1.36
N LEU B 288 -3.18 20.85 -2.31
CA LEU B 288 -3.62 21.93 -3.18
C LEU B 288 -4.31 23.03 -2.39
N GLY B 289 -4.86 22.72 -1.22
CA GLY B 289 -5.43 23.76 -0.40
C GLY B 289 -4.42 24.69 0.26
N MET B 290 -3.14 24.40 0.11
CA MET B 290 -2.05 25.15 0.77
C MET B 290 -1.07 25.68 -0.27
N MET B 291 -1.56 26.61 -1.09
CA MET B 291 -0.76 27.28 -2.12
C MET B 291 -1.32 28.66 -2.35
N THR B 292 -0.45 29.65 -2.51
CA THR B 292 -0.84 30.99 -2.93
C THR B 292 -0.64 31.12 -4.43
N SER B 293 -1.41 32.01 -5.03
CA SER B 293 -1.27 32.30 -6.45
C SER B 293 -1.59 33.77 -6.66
N VAL B 294 -0.61 34.54 -7.13
CA VAL B 294 -0.81 35.97 -7.32
C VAL B 294 -0.31 36.33 -8.72
N LEU B 295 -1.22 36.84 -9.55
CA LEU B 295 -0.85 37.41 -10.84
C LEU B 295 -0.28 38.80 -10.62
N ILE B 296 0.97 39.01 -11.00
CA ILE B 296 1.60 40.32 -10.89
C ILE B 296 1.71 40.87 -12.31
N CYS B 297 0.93 41.89 -12.60
CA CYS B 297 0.89 42.46 -13.93
C CYS B 297 2.13 43.31 -14.22
N PRO B 298 2.45 43.52 -15.50
CA PRO B 298 3.72 44.21 -15.83
C PRO B 298 3.74 45.68 -15.45
N ASP B 299 2.60 46.26 -15.09
CA ASP B 299 2.57 47.66 -14.70
C ASP B 299 3.07 47.91 -13.29
N GLY B 300 3.52 46.87 -12.59
CA GLY B 300 4.04 47.03 -11.24
C GLY B 300 3.03 47.55 -10.23
N LYS B 301 1.75 47.46 -10.54
CA LYS B 301 0.69 48.01 -9.70
C LYS B 301 -0.52 47.10 -9.56
N THR B 302 -0.88 46.34 -10.58
CA THR B 302 -2.12 45.57 -10.61
C THR B 302 -1.81 44.12 -10.26
N VAL B 303 -2.60 43.55 -9.35
CA VAL B 303 -2.46 42.14 -8.98
C VAL B 303 -3.83 41.50 -8.93
N GLU B 304 -3.86 40.19 -9.19
CA GLU B 304 -5.04 39.37 -9.02
C GLU B 304 -4.63 38.14 -8.22
N ALA B 305 -5.27 37.94 -7.07
CA ALA B 305 -4.96 36.83 -6.18
C ALA B 305 -6.08 35.80 -6.22
N GLU B 306 -5.70 34.52 -6.10
CA GLU B 306 -6.60 33.39 -6.31
C GLU B 306 -6.00 32.19 -5.59
N ALA B 307 -6.81 31.14 -5.41
CA ALA B 307 -6.23 29.85 -5.07
C ALA B 307 -5.74 29.19 -6.35
N ALA B 308 -4.75 28.30 -6.23
CA ALA B 308 -4.27 27.60 -7.42
C ALA B 308 -5.19 26.47 -7.86
N HIS B 309 -6.03 25.97 -6.95
CA HIS B 309 -6.87 24.81 -7.23
C HIS B 309 -8.20 25.23 -7.87
N GLY B 310 -9.01 24.23 -8.22
CA GLY B 310 -10.27 24.45 -8.89
C GLY B 310 -11.43 24.51 -7.92
N THR B 311 -12.63 24.22 -8.43
CA THR B 311 -13.85 24.31 -7.65
C THR B 311 -14.11 23.11 -6.75
N VAL B 312 -13.25 22.09 -6.79
CA VAL B 312 -13.29 20.89 -5.96
C VAL B 312 -14.65 20.19 -6.17
N THR B 313 -15.03 20.03 -7.42
CA THR B 313 -16.25 19.33 -7.83
C THR B 313 -16.52 18.04 -7.05
N ARG B 314 -15.49 17.20 -6.88
CA ARG B 314 -15.71 15.91 -6.24
C ARG B 314 -16.20 16.07 -4.81
N HIS B 315 -15.65 17.05 -4.08
CA HIS B 315 -16.17 17.33 -2.74
C HIS B 315 -17.56 17.94 -2.82
N TYR B 316 -17.80 18.80 -3.78
CA TYR B 316 -19.12 19.40 -3.96
C TYR B 316 -20.19 18.33 -4.20
N ARG B 317 -19.87 17.28 -4.95
CA ARG B 317 -20.84 16.20 -5.16
C ARG B 317 -21.20 15.51 -3.85
N MET B 318 -20.25 15.38 -2.93
CA MET B 318 -20.56 14.84 -1.60
C MET B 318 -21.44 15.81 -0.82
N TYR B 319 -21.14 17.11 -0.90
CA TYR B 319 -21.97 18.12 -0.27
C TYR B 319 -23.41 18.04 -0.77
N GLN B 320 -23.60 17.87 -2.08
CA GLN B 320 -24.95 17.82 -2.65
C GLN B 320 -25.74 16.61 -2.15
N LYS B 321 -25.05 15.54 -1.77
CA LYS B 321 -25.69 14.34 -1.25
C LYS B 321 -25.84 14.38 0.27
N GLY B 322 -25.49 15.50 0.91
CA GLY B 322 -25.53 15.62 2.35
C GLY B 322 -24.40 14.96 3.09
N GLN B 323 -23.39 14.43 2.38
CA GLN B 323 -22.30 13.74 3.03
C GLN B 323 -21.29 14.75 3.57
N GLU B 324 -20.70 14.42 4.71
CA GLU B 324 -19.76 15.33 5.34
C GLU B 324 -18.56 15.57 4.42
N THR B 325 -18.14 16.82 4.32
CA THR B 325 -16.96 17.19 3.55
C THR B 325 -15.95 17.91 4.43
N SER B 326 -14.68 17.87 4.01
CA SER B 326 -13.59 18.55 4.72
C SER B 326 -12.69 19.14 3.64
N THR B 327 -13.11 20.26 3.08
CA THR B 327 -12.38 20.93 2.02
C THR B 327 -11.53 22.03 2.63
N ASN B 328 -10.26 22.11 2.22
CA ASN B 328 -9.33 23.04 2.84
C ASN B 328 -9.58 24.44 2.30
N PRO B 329 -9.95 25.41 3.15
CA PRO B 329 -10.24 26.77 2.67
C PRO B 329 -9.07 27.73 2.69
N ILE B 330 -7.86 27.29 3.08
CA ILE B 330 -6.77 28.23 3.34
C ILE B 330 -6.35 28.97 2.07
N ALA B 331 -6.20 28.23 0.96
CA ALA B 331 -5.82 28.90 -0.28
C ALA B 331 -6.84 29.97 -0.65
N SER B 332 -8.13 29.67 -0.50
CA SER B 332 -9.14 30.69 -0.77
C SER B 332 -9.00 31.87 0.18
N ILE B 333 -8.63 31.60 1.44
CA ILE B 333 -8.48 32.69 2.41
C ILE B 333 -7.27 33.55 2.06
N PHE B 334 -6.17 32.93 1.63
CA PHE B 334 -4.99 33.70 1.25
C PHE B 334 -5.22 34.47 -0.05
N ALA B 335 -6.19 34.08 -0.87
CA ALA B 335 -6.57 34.95 -1.99
C ALA B 335 -7.00 36.31 -1.45
N TRP B 336 -7.88 36.32 -0.45
CA TRP B 336 -8.31 37.57 0.15
C TRP B 336 -7.17 38.27 0.87
N SER B 337 -6.38 37.53 1.66
CA SER B 337 -5.34 38.19 2.43
C SER B 337 -4.26 38.78 1.54
N ARG B 338 -3.92 38.11 0.44
CA ARG B 338 -2.89 38.65 -0.45
C ARG B 338 -3.43 39.85 -1.23
N GLY B 339 -4.70 39.79 -1.63
CA GLY B 339 -5.30 40.94 -2.32
C GLY B 339 -5.39 42.15 -1.42
N LEU B 340 -5.86 41.94 -0.18
CA LEU B 340 -5.98 43.05 0.77
C LEU B 340 -4.61 43.59 1.16
N ALA B 341 -3.61 42.72 1.27
CA ALA B 341 -2.25 43.19 1.56
C ALA B 341 -1.73 44.08 0.44
N HIS B 342 -2.02 43.73 -0.82
CA HIS B 342 -1.56 44.60 -1.90
C HIS B 342 -2.35 45.89 -1.93
N ARG B 343 -3.67 45.82 -1.70
CA ARG B 343 -4.47 47.03 -1.58
C ARG B 343 -3.90 47.96 -0.52
N ALA B 344 -3.47 47.40 0.62
CA ALA B 344 -2.94 48.22 1.70
C ALA B 344 -1.57 48.79 1.33
N LYS B 345 -0.74 48.03 0.60
CA LYS B 345 0.56 48.54 0.19
C LYS B 345 0.40 49.69 -0.79
N LEU B 346 -0.57 49.60 -1.70
CA LEU B 346 -0.83 50.71 -2.64
C LEU B 346 -1.26 51.97 -1.91
N ASP B 347 -2.07 51.81 -0.86
CA ASP B 347 -2.71 52.93 -0.19
C ASP B 347 -2.01 53.34 1.10
N ASN B 348 -0.90 52.69 1.47
CA ASN B 348 -0.26 52.92 2.76
C ASN B 348 -1.27 52.81 3.90
N ASN B 349 -2.13 51.80 3.80
CA ASN B 349 -3.21 51.56 4.76
C ASN B 349 -2.65 50.65 5.86
N THR B 350 -2.21 51.25 6.97
CA THR B 350 -1.50 50.51 8.02
C THR B 350 -2.39 49.45 8.65
N GLU B 351 -3.64 49.81 8.98
CA GLU B 351 -4.54 48.88 9.67
C GLU B 351 -4.92 47.71 8.77
N LEU B 352 -5.05 47.95 7.47
CA LEU B 352 -5.38 46.85 6.56
C LEU B 352 -4.19 45.93 6.37
N SER B 353 -2.97 46.48 6.34
CA SER B 353 -1.78 45.64 6.33
C SER B 353 -1.74 44.74 7.55
N PHE B 354 -2.04 45.30 8.72
CA PHE B 354 -2.06 44.49 9.94
C PHE B 354 -3.12 43.40 9.84
N PHE B 355 -4.30 43.74 9.31
CA PHE B 355 -5.39 42.77 9.22
C PHE B 355 -5.02 41.61 8.32
N ALA B 356 -4.46 41.93 7.14
CA ALA B 356 -4.11 40.88 6.18
C ALA B 356 -3.08 39.92 6.75
N LYS B 357 -2.07 40.44 7.45
CA LYS B 357 -1.06 39.56 8.06
C LYS B 357 -1.66 38.76 9.21
N ALA B 358 -2.53 39.38 10.00
CA ALA B 358 -3.18 38.67 11.10
C ALA B 358 -4.02 37.52 10.57
N LEU B 359 -4.71 37.73 9.46
CA LEU B 359 -5.53 36.68 8.88
C LEU B 359 -4.69 35.48 8.48
N GLU B 360 -3.54 35.73 7.85
CA GLU B 360 -2.65 34.63 7.49
C GLU B 360 -2.10 33.94 8.74
N ASP B 361 -1.73 34.72 9.76
CA ASP B 361 -1.18 34.15 10.99
C ASP B 361 -2.17 33.23 11.68
N VAL B 362 -3.44 33.65 11.76
CA VAL B 362 -4.49 32.81 12.34
C VAL B 362 -4.53 31.45 11.65
N CYS B 363 -4.48 31.44 10.31
CA CYS B 363 -4.53 30.18 9.58
C CYS B 363 -3.38 29.26 9.97
N ILE B 364 -2.15 29.79 9.95
CA ILE B 364 -0.99 28.96 10.27
C ILE B 364 -1.05 28.50 11.72
N GLU B 365 -1.32 29.43 12.63
CA GLU B 365 -1.40 29.10 14.06
C GLU B 365 -2.44 28.03 14.33
N THR B 366 -3.61 28.13 13.68
CA THR B 366 -4.67 27.16 13.93
C THR B 366 -4.24 25.76 13.54
N ILE B 367 -3.69 25.62 12.32
CA ILE B 367 -3.22 24.32 11.85
C ILE B 367 -2.10 23.79 12.72
N GLU B 368 -1.13 24.65 13.05
CA GLU B 368 0.03 24.20 13.82
C GLU B 368 -0.35 23.82 15.25
N ALA B 369 -1.46 24.35 15.77
CA ALA B 369 -1.95 23.93 17.08
C ALA B 369 -2.71 22.61 17.02
N GLY B 370 -3.05 22.14 15.82
CA GLY B 370 -3.61 20.81 15.67
C GLY B 370 -5.02 20.75 15.14
N PHE B 371 -5.56 21.87 14.68
CA PHE B 371 -6.91 21.95 14.11
C PHE B 371 -6.79 22.09 12.60
N MET B 372 -7.22 21.07 11.85
CA MET B 372 -7.02 21.12 10.41
C MET B 372 -8.11 20.32 9.71
N THR B 373 -8.19 20.53 8.39
CA THR B 373 -9.06 19.72 7.54
C THR B 373 -8.40 18.38 7.20
N LYS B 374 -9.18 17.51 6.54
CA LYS B 374 -8.77 16.12 6.38
C LYS B 374 -7.51 15.96 5.52
N ASP B 375 -7.36 16.78 4.48
CA ASP B 375 -6.16 16.69 3.65
C ASP B 375 -4.89 16.84 4.49
N LEU B 376 -4.90 17.76 5.46
CA LEU B 376 -3.71 17.97 6.26
C LEU B 376 -3.56 16.88 7.32
N ALA B 377 -4.67 16.41 7.90
CA ALA B 377 -4.59 15.28 8.81
C ALA B 377 -3.97 14.07 8.10
N ALA B 378 -4.30 13.90 6.82
CA ALA B 378 -3.76 12.78 6.06
C ALA B 378 -2.27 12.94 5.80
N CYS B 379 -1.78 14.18 5.68
CA CYS B 379 -0.33 14.39 5.61
C CYS B 379 0.35 13.88 6.87
N ILE B 380 -0.25 14.12 8.03
CA ILE B 380 0.40 13.78 9.29
C ILE B 380 0.34 12.28 9.53
N LYS B 381 -0.84 11.70 9.34
CA LYS B 381 -1.10 10.32 9.73
C LYS B 381 -0.94 9.34 8.59
N GLY B 382 -1.05 9.79 7.35
CA GLY B 382 -1.23 8.86 6.24
C GLY B 382 -2.71 8.62 6.03
N LEU B 383 -3.16 8.63 4.78
CA LEU B 383 -4.59 8.56 4.49
C LEU B 383 -5.28 7.32 5.05
N PRO B 384 -4.70 6.12 5.03
CA PRO B 384 -5.38 4.98 5.67
C PRO B 384 -5.56 5.14 7.17
N ASN B 385 -4.66 5.85 7.85
CA ASN B 385 -4.70 5.96 9.30
C ASN B 385 -5.51 7.15 9.80
N VAL B 386 -6.15 7.91 8.92
CA VAL B 386 -6.87 9.11 9.33
C VAL B 386 -8.20 8.72 9.96
N GLN B 387 -8.40 9.15 11.20
CA GLN B 387 -9.67 9.00 11.87
C GLN B 387 -10.44 10.32 11.80
N ARG B 388 -11.77 10.21 11.89
CA ARG B 388 -12.61 11.39 11.93
C ARG B 388 -12.20 12.35 13.04
N SER B 389 -11.72 11.82 14.16
CA SER B 389 -11.29 12.66 15.27
C SER B 389 -10.00 13.42 14.98
N ASP B 390 -9.32 13.11 13.88
CA ASP B 390 -8.08 13.80 13.51
C ASP B 390 -8.31 15.13 12.79
N TYR B 391 -9.52 15.43 12.35
CA TYR B 391 -9.72 16.62 11.54
C TYR B 391 -11.09 17.24 11.81
N LEU B 392 -11.28 18.43 11.28
CA LEU B 392 -12.55 19.15 11.31
C LEU B 392 -13.15 19.14 9.92
N ASN B 393 -14.49 19.12 9.84
CA ASN B 393 -15.12 19.30 8.55
C ASN B 393 -15.00 20.76 8.12
N THR B 394 -15.41 21.03 6.88
CA THR B 394 -15.18 22.36 6.31
C THR B 394 -15.78 23.46 7.17
N PHE B 395 -16.96 23.22 7.73
CA PHE B 395 -17.67 24.26 8.45
C PHE B 395 -17.14 24.42 9.87
N GLU B 396 -16.84 23.30 10.53
CA GLU B 396 -16.17 23.37 11.82
C GLU B 396 -14.85 24.13 11.72
N PHE B 397 -14.08 23.86 10.66
CA PHE B 397 -12.79 24.51 10.52
C PHE B 397 -12.95 26.01 10.30
N MET B 398 -13.89 26.41 9.43
CA MET B 398 -14.18 27.82 9.25
C MET B 398 -14.60 28.47 10.57
N ASP B 399 -15.39 27.76 11.38
CA ASP B 399 -15.80 28.30 12.68
C ASP B 399 -14.60 28.51 13.58
N LYS B 400 -13.71 27.52 13.63
CA LYS B 400 -12.50 27.62 14.45
C LYS B 400 -11.62 28.78 14.00
N LEU B 401 -11.48 28.97 12.68
CA LEU B 401 -10.74 30.13 12.19
C LEU B 401 -11.43 31.43 12.59
N GLY B 402 -12.76 31.48 12.48
CA GLY B 402 -13.48 32.68 12.87
C GLY B 402 -13.26 33.04 14.32
N GLU B 403 -13.33 32.04 15.21
CA GLU B 403 -13.09 32.29 16.63
C GLU B 403 -11.66 32.75 16.87
N ASN B 404 -10.68 32.10 16.25
CA ASN B 404 -9.29 32.46 16.51
C ASN B 404 -8.95 33.83 15.94
N LEU B 405 -9.59 34.24 14.84
CA LEU B 405 -9.35 35.57 14.31
C LEU B 405 -9.95 36.65 15.21
N LYS B 406 -11.15 36.37 15.72
CA LYS B 406 -11.79 37.30 16.66
C LYS B 406 -10.90 37.58 17.86
N ALA B 407 -10.33 36.52 18.44
CA ALA B 407 -9.46 36.68 19.60
C ALA B 407 -8.18 37.42 19.25
N LYS B 408 -7.55 37.08 18.12
CA LYS B 408 -6.34 37.77 17.69
C LYS B 408 -6.58 39.27 17.53
N LEU B 409 -7.68 39.63 16.86
CA LEU B 409 -7.97 41.04 16.62
C LEU B 409 -8.35 41.76 17.91
N ALA B 410 -9.06 41.07 18.81
CA ALA B 410 -9.41 41.66 20.10
C ALA B 410 -8.18 41.83 20.98
N GLN B 411 -7.34 40.81 21.05
CA GLN B 411 -6.10 40.89 21.82
C GLN B 411 -5.15 41.94 21.26
N ALA B 412 -5.31 42.31 19.98
CA ALA B 412 -4.49 43.37 19.39
C ALA B 412 -4.99 44.76 19.74
N LYS B 413 -6.26 44.88 20.15
CA LYS B 413 -6.83 46.16 20.56
C LYS B 413 -6.96 46.21 22.09
N ARG C 3 16.66 -49.96 -14.39
CA ARG C 3 15.21 -50.02 -14.26
C ARG C 3 14.74 -49.14 -13.11
N LYS C 4 13.47 -49.31 -12.71
CA LYS C 4 12.90 -48.46 -11.68
C LYS C 4 13.24 -48.98 -10.30
N ILE C 5 13.22 -48.07 -9.32
CA ILE C 5 13.43 -48.45 -7.93
C ILE C 5 12.21 -49.22 -7.43
N GLN C 6 12.46 -50.32 -6.74
CA GLN C 6 11.39 -51.11 -6.12
C GLN C 6 11.04 -50.50 -4.78
N GLY C 7 9.88 -49.86 -4.69
CA GLY C 7 9.56 -49.01 -3.56
C GLY C 7 8.67 -49.60 -2.47
N GLY C 8 7.98 -50.68 -2.74
CA GLY C 8 7.14 -51.29 -1.73
C GLY C 8 5.75 -50.70 -1.66
N SER C 9 5.10 -50.94 -0.53
CA SER C 9 3.66 -50.71 -0.37
C SER C 9 3.41 -49.32 0.19
N VAL C 10 2.63 -48.51 -0.54
CA VAL C 10 2.28 -47.16 -0.10
C VAL C 10 0.79 -46.97 -0.29
N VAL C 11 0.13 -46.40 0.73
CA VAL C 11 -1.28 -46.06 0.65
C VAL C 11 -1.36 -44.63 0.12
N GLU C 12 -2.02 -44.46 -1.02
CA GLU C 12 -2.17 -43.17 -1.67
C GLU C 12 -3.63 -42.75 -1.59
N MET C 13 -3.86 -41.48 -1.25
CA MET C 13 -5.21 -40.97 -1.05
C MET C 13 -5.38 -39.76 -1.96
N GLN C 14 -6.17 -39.90 -3.03
CA GLN C 14 -6.42 -38.75 -3.88
C GLN C 14 -7.43 -37.81 -3.21
N GLY C 15 -7.39 -36.54 -3.64
CA GLY C 15 -8.17 -35.49 -3.02
C GLY C 15 -8.95 -34.68 -4.04
N ASP C 16 -8.99 -33.36 -3.84
CA ASP C 16 -9.98 -32.50 -4.47
C ASP C 16 -9.34 -31.30 -5.16
N GLU C 17 -10.11 -30.76 -6.12
CA GLU C 17 -9.92 -29.42 -6.73
C GLU C 17 -8.47 -29.27 -7.21
N MET C 18 -7.77 -28.20 -6.83
CA MET C 18 -6.49 -27.91 -7.47
C MET C 18 -5.43 -28.92 -7.07
N THR C 19 -5.46 -29.36 -5.81
CA THR C 19 -4.45 -30.32 -5.36
C THR C 19 -4.64 -31.65 -6.06
N ARG C 20 -5.87 -32.00 -6.43
CA ARG C 20 -6.09 -33.26 -7.15
C ARG C 20 -5.35 -33.27 -8.47
N ILE C 21 -5.42 -32.17 -9.21
CA ILE C 21 -4.71 -32.04 -10.48
C ILE C 21 -3.20 -32.12 -10.26
N ILE C 22 -2.69 -31.35 -9.30
CA ILE C 22 -1.26 -31.36 -9.00
C ILE C 22 -0.80 -32.76 -8.61
N TRP C 23 -1.59 -33.44 -7.77
CA TRP C 23 -1.25 -34.79 -7.30
C TRP C 23 -1.04 -35.73 -8.47
N GLU C 24 -1.92 -35.67 -9.47
CA GLU C 24 -1.77 -36.49 -10.67
C GLU C 24 -0.48 -36.14 -11.42
N LEU C 25 -0.18 -34.85 -11.55
CA LEU C 25 1.03 -34.46 -12.26
C LEU C 25 2.29 -34.86 -11.49
N ILE C 26 2.23 -34.91 -10.17
CA ILE C 26 3.36 -35.39 -9.38
C ILE C 26 3.61 -36.87 -9.66
N LYS C 27 2.55 -37.69 -9.64
CA LYS C 27 2.71 -39.10 -9.94
C LYS C 27 3.26 -39.31 -11.35
N GLU C 28 2.70 -38.60 -12.34
CA GLU C 28 3.08 -38.81 -13.74
C GLU C 28 4.53 -38.38 -13.99
N LYS C 29 4.91 -37.20 -13.51
CA LYS C 29 6.19 -36.61 -13.87
C LYS C 29 7.32 -36.91 -12.90
N LEU C 30 7.04 -37.08 -11.61
CA LEU C 30 8.11 -37.17 -10.63
C LEU C 30 8.26 -38.51 -9.94
N ILE C 31 7.22 -39.34 -9.87
CA ILE C 31 7.25 -40.57 -9.09
C ILE C 31 7.27 -41.80 -10.01
N LEU C 32 6.19 -42.01 -10.77
CA LEU C 32 6.03 -43.27 -11.50
C LEU C 32 7.11 -43.57 -12.54
N PRO C 33 7.76 -42.59 -13.19
CA PRO C 33 8.85 -42.97 -14.10
C PRO C 33 10.05 -43.59 -13.38
N TYR C 34 10.20 -43.36 -12.07
CA TYR C 34 11.41 -43.77 -11.37
C TYR C 34 11.21 -44.81 -10.30
N VAL C 35 10.00 -44.98 -9.78
CA VAL C 35 9.76 -45.86 -8.64
C VAL C 35 8.60 -46.79 -8.99
N GLU C 36 8.83 -48.08 -8.82
CA GLU C 36 7.78 -49.08 -8.93
C GLU C 36 7.18 -49.27 -7.55
N LEU C 37 5.87 -49.04 -7.43
CA LEU C 37 5.23 -49.09 -6.13
C LEU C 37 4.09 -50.09 -6.14
N ASP C 38 3.91 -50.72 -4.97
CA ASP C 38 2.70 -51.46 -4.66
C ASP C 38 1.72 -50.44 -4.08
N LEU C 39 1.03 -49.74 -4.98
CA LEU C 39 0.20 -48.59 -4.61
C LEU C 39 -1.20 -49.06 -4.24
N HIS C 40 -1.63 -48.72 -3.03
CA HIS C 40 -2.99 -48.99 -2.59
C HIS C 40 -3.73 -47.66 -2.61
N SER C 41 -4.47 -47.41 -3.70
CA SER C 41 -5.04 -46.10 -3.97
C SER C 41 -6.47 -46.01 -3.45
N TYR C 42 -6.76 -44.92 -2.75
CA TYR C 42 -8.11 -44.62 -2.27
C TYR C 42 -8.47 -43.24 -2.78
N ASP C 43 -9.60 -43.13 -3.47
CA ASP C 43 -10.04 -41.85 -3.99
C ASP C 43 -10.85 -41.17 -2.90
N LEU C 44 -10.21 -40.25 -2.16
CA LEU C 44 -10.90 -39.43 -1.18
C LEU C 44 -11.41 -38.12 -1.80
N GLY C 45 -11.56 -38.05 -3.12
CA GLY C 45 -12.30 -36.95 -3.72
C GLY C 45 -13.72 -36.92 -3.19
N ILE C 46 -14.30 -35.72 -3.14
CA ILE C 46 -15.57 -35.53 -2.45
C ILE C 46 -16.66 -36.41 -3.08
N GLU C 47 -16.63 -36.55 -4.41
CA GLU C 47 -17.68 -37.33 -5.07
C GLU C 47 -17.58 -38.80 -4.71
N ASN C 48 -16.36 -39.34 -4.62
CA ASN C 48 -16.25 -40.74 -4.24
C ASN C 48 -16.53 -40.96 -2.76
N ARG C 49 -16.21 -39.99 -1.91
CA ARG C 49 -16.63 -40.11 -0.51
C ARG C 49 -18.16 -40.12 -0.42
N ASP C 50 -18.82 -39.24 -1.15
CA ASP C 50 -20.29 -39.22 -1.12
C ASP C 50 -20.85 -40.53 -1.66
N ALA C 51 -20.26 -41.04 -2.75
CA ALA C 51 -20.73 -42.27 -3.38
C ALA C 51 -20.67 -43.46 -2.43
N THR C 52 -19.66 -43.50 -1.56
CA THR C 52 -19.43 -44.62 -0.65
C THR C 52 -19.92 -44.35 0.76
N ASN C 53 -20.68 -43.27 0.98
CA ASN C 53 -21.10 -42.89 2.33
C ASN C 53 -19.89 -42.76 3.25
N ASP C 54 -18.80 -42.20 2.72
CA ASP C 54 -17.54 -41.96 3.41
C ASP C 54 -16.83 -43.25 3.81
N GLN C 55 -17.28 -44.41 3.34
CA GLN C 55 -16.60 -45.64 3.74
C GLN C 55 -15.18 -45.69 3.21
N VAL C 56 -14.93 -45.04 2.06
CA VAL C 56 -13.59 -45.05 1.49
C VAL C 56 -12.59 -44.41 2.42
N THR C 57 -13.02 -43.40 3.19
CA THR C 57 -12.12 -42.75 4.14
C THR C 57 -11.71 -43.70 5.26
N LYS C 58 -12.68 -44.43 5.81
CA LYS C 58 -12.36 -45.40 6.86
C LYS C 58 -11.47 -46.51 6.30
N ASP C 59 -11.77 -46.99 5.09
CA ASP C 59 -10.94 -48.05 4.50
C ASP C 59 -9.51 -47.57 4.30
N ALA C 60 -9.32 -46.31 3.91
CA ALA C 60 -7.97 -45.80 3.73
C ALA C 60 -7.20 -45.74 5.05
N ALA C 61 -7.87 -45.30 6.11
CA ALA C 61 -7.21 -45.23 7.41
C ALA C 61 -6.74 -46.61 7.86
N GLU C 62 -7.59 -47.62 7.68
CA GLU C 62 -7.18 -48.98 8.05
C GLU C 62 -6.02 -49.45 7.19
N ALA C 63 -6.01 -49.07 5.90
CA ALA C 63 -4.90 -49.45 5.03
C ALA C 63 -3.60 -48.80 5.46
N ILE C 64 -3.66 -47.56 5.96
CA ILE C 64 -2.45 -46.92 6.48
C ILE C 64 -1.92 -47.71 7.66
N LYS C 65 -2.83 -48.14 8.55
CA LYS C 65 -2.45 -48.99 9.68
C LYS C 65 -1.74 -50.26 9.22
N LYS C 66 -2.23 -50.86 8.13
CA LYS C 66 -1.69 -52.13 7.67
C LYS C 66 -0.32 -51.99 7.00
N TYR C 67 -0.16 -51.00 6.11
CA TYR C 67 1.07 -50.87 5.34
C TYR C 67 2.06 -49.84 5.90
N ASN C 68 1.65 -49.08 6.91
CA ASN C 68 2.47 -48.17 7.72
C ASN C 68 2.88 -46.89 7.01
N VAL C 69 2.52 -46.68 5.74
CA VAL C 69 2.88 -45.44 5.04
C VAL C 69 1.68 -44.96 4.22
N GLY C 70 1.24 -43.74 4.48
CA GLY C 70 0.21 -43.12 3.67
C GLY C 70 0.67 -41.76 3.18
N VAL C 71 0.27 -41.42 1.95
CA VAL C 71 0.51 -40.09 1.39
C VAL C 71 -0.84 -39.56 0.93
N LYS C 72 -1.18 -38.34 1.37
CA LYS C 72 -2.55 -37.86 1.22
C LYS C 72 -2.58 -36.50 0.54
N CYS C 73 -3.49 -36.39 -0.43
CA CYS C 73 -3.84 -35.14 -1.09
C CYS C 73 -4.87 -34.37 -0.27
N ALA C 74 -4.80 -33.04 -0.34
CA ALA C 74 -5.77 -32.20 0.34
C ALA C 74 -7.19 -32.53 -0.12
N THR C 75 -8.15 -32.44 0.81
CA THR C 75 -9.54 -32.84 0.56
C THR C 75 -10.49 -31.73 0.97
N ILE C 76 -11.66 -31.73 0.35
CA ILE C 76 -12.73 -30.83 0.75
C ILE C 76 -13.39 -31.37 2.02
N THR C 77 -13.50 -30.50 3.05
CA THR C 77 -14.40 -30.80 4.17
C THR C 77 -15.72 -30.07 3.95
N PRO C 78 -16.84 -30.75 3.76
CA PRO C 78 -18.06 -30.05 3.33
C PRO C 78 -18.80 -29.36 4.47
N ASP C 79 -19.27 -28.14 4.16
CA ASP C 79 -20.29 -27.44 4.92
C ASP C 79 -21.54 -27.32 4.05
N GLU C 80 -22.48 -26.46 4.46
CA GLU C 80 -23.74 -26.34 3.72
C GLU C 80 -23.50 -25.98 2.26
N LYS C 81 -22.58 -25.05 1.99
CA LYS C 81 -22.32 -24.63 0.61
C LYS C 81 -21.82 -25.80 -0.24
N ARG C 82 -20.95 -26.65 0.32
CA ARG C 82 -20.47 -27.81 -0.42
C ARG C 82 -21.56 -28.84 -0.64
N VAL C 83 -22.48 -28.97 0.32
CA VAL C 83 -23.60 -29.91 0.14
C VAL C 83 -24.40 -29.50 -1.09
N GLU C 84 -24.68 -28.21 -1.24
CA GLU C 84 -25.41 -27.73 -2.40
C GLU C 84 -24.58 -27.90 -3.67
N GLU C 85 -23.28 -27.63 -3.58
CA GLU C 85 -22.44 -27.63 -4.78
C GLU C 85 -22.39 -29.02 -5.40
N PHE C 86 -22.22 -30.06 -4.58
CA PHE C 86 -22.07 -31.42 -5.07
C PHE C 86 -23.33 -32.26 -4.87
N LYS C 87 -24.41 -31.66 -4.38
CA LYS C 87 -25.63 -32.40 -4.01
C LYS C 87 -25.30 -33.61 -3.15
N LEU C 88 -24.62 -33.35 -2.03
CA LEU C 88 -24.16 -34.41 -1.15
C LEU C 88 -25.31 -35.01 -0.35
N LYS C 89 -25.15 -36.29 0.01
CA LYS C 89 -26.15 -36.97 0.83
C LYS C 89 -26.13 -36.44 2.26
N GLN C 90 -24.93 -36.20 2.80
CA GLN C 90 -24.75 -35.72 4.16
C GLN C 90 -23.59 -34.73 4.17
N MET C 91 -23.54 -33.92 5.22
CA MET C 91 -22.42 -33.00 5.45
C MET C 91 -21.29 -33.81 6.09
N TRP C 92 -20.52 -34.48 5.23
CA TRP C 92 -19.50 -35.43 5.69
C TRP C 92 -18.47 -34.76 6.58
N LYS C 93 -17.97 -35.52 7.54
CA LYS C 93 -16.89 -35.07 8.42
C LYS C 93 -15.57 -35.01 7.65
N SER C 94 -14.66 -34.21 8.16
CA SER C 94 -13.34 -34.10 7.55
C SER C 94 -12.68 -35.46 7.45
N PRO C 95 -12.21 -35.88 6.26
CA PRO C 95 -11.46 -37.14 6.19
C PRO C 95 -10.15 -37.07 6.96
N ASN C 96 -9.57 -35.88 7.14
CA ASN C 96 -8.38 -35.79 7.98
C ASN C 96 -8.73 -36.06 9.44
N GLY C 97 -9.84 -35.49 9.90
CA GLY C 97 -10.31 -35.78 11.26
C GLY C 97 -10.56 -37.27 11.46
N THR C 98 -11.18 -37.91 10.45
CA THR C 98 -11.47 -39.33 10.55
C THR C 98 -10.19 -40.15 10.60
N ILE C 99 -9.26 -39.85 9.69
CA ILE C 99 -8.01 -40.62 9.61
C ILE C 99 -7.20 -40.45 10.89
N ARG C 100 -7.08 -39.21 11.35
CA ARG C 100 -6.30 -38.94 12.56
C ARG C 100 -6.96 -39.53 13.80
N ASN C 101 -8.30 -39.54 13.85
CA ASN C 101 -9.00 -40.14 14.98
C ASN C 101 -8.71 -41.64 15.08
N ILE C 102 -8.52 -42.29 13.93
CA ILE C 102 -8.26 -43.73 13.93
C ILE C 102 -6.80 -44.01 14.23
N LEU C 103 -5.88 -43.20 13.68
CA LEU C 103 -4.45 -43.48 13.77
C LEU C 103 -3.83 -42.94 15.06
N GLY C 104 -4.28 -41.78 15.53
CA GLY C 104 -3.63 -41.10 16.64
C GLY C 104 -2.26 -40.58 16.25
N GLY C 105 -1.64 -39.87 17.18
CA GLY C 105 -0.29 -39.43 17.00
C GLY C 105 -0.10 -37.93 17.07
N THR C 106 1.02 -37.46 16.54
CA THR C 106 1.37 -36.04 16.52
C THR C 106 1.69 -35.67 15.08
N VAL C 107 1.14 -34.56 14.60
CA VAL C 107 1.40 -34.08 13.25
C VAL C 107 2.52 -33.05 13.33
N PHE C 108 3.67 -33.35 12.74
CA PHE C 108 4.79 -32.43 12.83
C PHE C 108 4.85 -31.58 11.58
N ARG C 109 4.89 -30.26 11.77
CA ARG C 109 4.87 -29.31 10.67
C ARG C 109 6.07 -28.37 10.74
N GLU C 110 6.68 -28.13 9.58
CA GLU C 110 7.88 -27.33 9.50
C GLU C 110 7.98 -26.70 8.11
N ALA C 111 8.49 -25.47 8.06
CA ALA C 111 8.64 -24.80 6.77
C ALA C 111 9.70 -25.49 5.91
N ILE C 112 9.53 -25.38 4.60
CA ILE C 112 10.51 -25.82 3.61
C ILE C 112 11.25 -24.57 3.16
N ILE C 113 12.56 -24.51 3.42
CA ILE C 113 13.31 -23.26 3.38
C ILE C 113 14.22 -23.22 2.16
N CYS C 114 14.16 -22.10 1.42
CA CYS C 114 15.05 -21.80 0.31
C CYS C 114 15.80 -20.53 0.63
N LYS C 115 17.09 -20.50 0.27
CA LYS C 115 17.96 -19.42 0.72
C LYS C 115 17.65 -18.09 0.05
N ASN C 116 16.96 -18.08 -1.09
CA ASN C 116 16.68 -16.84 -1.82
C ASN C 116 15.30 -16.28 -1.55
N ILE C 117 14.56 -16.86 -0.61
CA ILE C 117 13.16 -16.46 -0.36
C ILE C 117 13.13 -15.64 0.93
N PRO C 118 12.87 -14.33 0.85
CA PRO C 118 12.73 -13.53 2.07
C PRO C 118 11.51 -13.99 2.87
N ARG C 119 11.64 -13.90 4.18
CA ARG C 119 10.54 -14.14 5.11
C ARG C 119 9.72 -12.87 5.29
N LEU C 120 8.47 -13.05 5.75
CA LEU C 120 7.69 -11.94 6.25
C LEU C 120 8.08 -11.60 7.69
N VAL C 121 8.49 -12.59 8.47
CA VAL C 121 8.90 -12.38 9.87
C VAL C 121 10.42 -12.26 9.89
N THR C 122 10.91 -11.07 10.27
CA THR C 122 12.32 -10.76 10.06
C THR C 122 13.25 -11.66 10.86
N GLY C 123 12.85 -12.06 12.08
CA GLY C 123 13.79 -12.69 12.99
C GLY C 123 14.02 -14.18 12.85
N TRP C 124 13.20 -14.88 12.06
CA TRP C 124 13.14 -16.36 12.09
C TRP C 124 14.29 -16.96 11.27
N VAL C 125 15.50 -16.89 11.86
CA VAL C 125 16.67 -17.45 11.18
C VAL C 125 16.83 -18.95 11.39
N LYS C 126 16.12 -19.54 12.35
CA LYS C 126 16.15 -20.96 12.62
C LYS C 126 14.75 -21.53 12.52
N PRO C 127 14.61 -22.85 12.35
CA PRO C 127 13.29 -23.43 12.12
C PRO C 127 12.41 -23.46 13.35
N ILE C 128 11.11 -23.28 13.13
CA ILE C 128 10.08 -23.54 14.13
C ILE C 128 9.39 -24.84 13.74
N ILE C 129 9.40 -25.82 14.63
CA ILE C 129 8.74 -27.09 14.36
C ILE C 129 7.53 -27.21 15.27
N ILE C 130 6.34 -27.30 14.67
CA ILE C 130 5.13 -27.47 15.46
C ILE C 130 4.79 -28.96 15.56
N GLY C 131 4.57 -29.43 16.78
CA GLY C 131 4.03 -30.76 16.97
C GLY C 131 2.56 -30.65 17.35
N ARG C 132 1.69 -30.92 16.40
CA ARG C 132 0.25 -30.76 16.59
C ARG C 132 -0.35 -32.07 17.08
N HIS C 133 -0.87 -32.05 18.31
CA HIS C 133 -1.60 -33.23 18.78
C HIS C 133 -2.74 -33.54 17.82
N ALA C 134 -2.80 -34.78 17.32
CA ALA C 134 -3.68 -35.11 16.21
C ALA C 134 -5.05 -35.63 16.62
N TYR C 135 -5.34 -35.71 17.92
CA TYR C 135 -6.53 -36.39 18.40
C TYR C 135 -7.40 -35.44 19.22
N GLY C 136 -8.73 -35.57 19.04
CA GLY C 136 -9.68 -35.00 19.98
C GLY C 136 -9.92 -33.50 19.86
N ASP C 137 -10.37 -32.92 20.97
CA ASP C 137 -10.72 -31.49 21.09
C ASP C 137 -11.73 -31.16 19.99
N GLN C 138 -11.59 -30.03 19.30
CA GLN C 138 -12.57 -29.56 18.34
C GLN C 138 -12.79 -30.52 17.20
N TYR C 139 -11.86 -31.42 16.94
CA TYR C 139 -11.86 -32.25 15.74
C TYR C 139 -12.57 -33.57 15.95
N ARG C 140 -13.10 -33.80 17.15
CA ARG C 140 -13.99 -34.91 17.40
C ARG C 140 -15.06 -34.46 18.39
N ALA C 141 -15.63 -33.30 18.12
CA ALA C 141 -16.56 -32.65 19.04
C ALA C 141 -18.00 -32.99 18.68
N THR C 142 -18.88 -32.77 19.65
CA THR C 142 -20.31 -32.98 19.46
C THR C 142 -20.98 -31.62 19.65
N ASP C 143 -21.31 -30.95 18.54
CA ASP C 143 -21.85 -29.60 18.57
C ASP C 143 -23.24 -29.55 17.95
N PHE C 144 -24.06 -28.62 18.42
CA PHE C 144 -25.42 -28.52 17.93
C PHE C 144 -25.94 -27.10 18.14
N VAL C 145 -27.00 -26.77 17.40
CA VAL C 145 -27.69 -25.52 17.59
C VAL C 145 -28.71 -25.69 18.71
N VAL C 146 -28.71 -24.74 19.64
CA VAL C 146 -29.73 -24.67 20.69
C VAL C 146 -30.89 -23.85 20.10
N PRO C 147 -32.05 -24.46 19.85
CA PRO C 147 -33.10 -23.78 19.09
C PRO C 147 -33.92 -22.78 19.88
N GLY C 148 -33.83 -22.80 21.21
CA GLY C 148 -34.69 -21.98 22.02
C GLY C 148 -34.36 -22.15 23.49
N PRO C 149 -35.18 -21.55 24.35
CA PRO C 149 -34.87 -21.59 25.79
C PRO C 149 -34.82 -23.02 26.31
N GLY C 150 -33.95 -23.23 27.27
CA GLY C 150 -33.77 -24.54 27.86
C GLY C 150 -32.35 -24.68 28.40
N LYS C 151 -32.10 -25.83 29.02
CA LYS C 151 -30.86 -26.09 29.72
C LYS C 151 -29.99 -27.04 28.90
N VAL C 152 -28.71 -26.71 28.81
CA VAL C 152 -27.70 -27.60 28.27
C VAL C 152 -26.85 -28.07 29.42
N GLU C 153 -26.75 -29.39 29.58
CA GLU C 153 -25.94 -29.98 30.63
C GLU C 153 -24.99 -31.00 30.02
N ILE C 154 -23.89 -31.25 30.73
CA ILE C 154 -22.94 -32.28 30.33
C ILE C 154 -22.75 -33.22 31.52
N THR C 155 -22.76 -34.52 31.25
CA THR C 155 -22.81 -35.51 32.32
C THR C 155 -21.66 -36.51 32.16
N TYR C 156 -21.17 -37.01 33.29
CA TYR C 156 -20.22 -38.11 33.31
C TYR C 156 -20.82 -39.26 34.09
N THR C 157 -20.83 -40.45 33.51
CA THR C 157 -21.31 -41.66 34.19
C THR C 157 -20.19 -42.69 34.19
N PRO C 158 -19.56 -42.97 35.33
CA PRO C 158 -18.49 -43.98 35.33
C PRO C 158 -19.00 -45.35 34.95
N LYS C 159 -18.09 -46.15 34.39
CA LYS C 159 -18.44 -47.47 33.88
C LYS C 159 -19.08 -48.34 34.95
N ASP C 160 -18.68 -48.17 36.21
CA ASP C 160 -19.27 -48.97 37.28
C ASP C 160 -20.72 -48.57 37.58
N GLY C 161 -21.21 -47.47 37.03
CA GLY C 161 -22.58 -47.07 37.24
C GLY C 161 -22.90 -46.70 38.67
N THR C 162 -21.88 -46.48 39.51
CA THR C 162 -22.13 -46.16 40.91
C THR C 162 -22.65 -44.75 41.08
N GLN C 163 -22.34 -43.84 40.16
CA GLN C 163 -22.80 -42.46 40.32
C GLN C 163 -22.88 -41.79 38.95
N LYS C 164 -23.32 -40.54 38.97
CA LYS C 164 -23.43 -39.74 37.76
C LYS C 164 -23.33 -38.28 38.17
N VAL C 165 -22.47 -37.53 37.49
CA VAL C 165 -22.27 -36.13 37.76
C VAL C 165 -22.84 -35.34 36.60
N THR C 166 -23.66 -34.34 36.90
CA THR C 166 -24.27 -33.49 35.87
C THR C 166 -23.81 -32.04 36.10
N TYR C 167 -23.19 -31.45 35.08
CA TYR C 167 -22.75 -30.07 35.12
C TYR C 167 -23.67 -29.22 34.24
N MET C 168 -24.01 -28.03 34.71
CA MET C 168 -24.78 -27.11 33.90
C MET C 168 -23.82 -26.42 32.93
N VAL C 169 -24.08 -26.54 31.62
CA VAL C 169 -23.30 -25.78 30.66
C VAL C 169 -23.85 -24.36 30.53
N HIS C 170 -25.14 -24.25 30.28
CA HIS C 170 -25.81 -22.97 30.24
C HIS C 170 -27.32 -23.16 30.30
N ASP C 171 -27.98 -22.31 31.07
CA ASP C 171 -29.44 -22.22 31.06
C ASP C 171 -29.82 -21.07 30.15
N PHE C 172 -30.32 -21.39 28.96
CA PHE C 172 -30.78 -20.41 28.00
C PHE C 172 -32.16 -19.93 28.42
N GLU C 173 -32.26 -18.67 28.85
CA GLU C 173 -33.52 -18.17 29.39
C GLU C 173 -34.41 -17.59 28.30
N GLU C 174 -33.83 -16.88 27.35
CA GLU C 174 -34.56 -16.41 26.17
C GLU C 174 -33.68 -16.57 24.95
N GLY C 175 -34.27 -17.01 23.85
CA GLY C 175 -33.52 -17.23 22.64
C GLY C 175 -32.61 -18.44 22.78
N GLY C 176 -31.95 -18.75 21.68
CA GLY C 176 -31.11 -19.93 21.62
C GLY C 176 -29.64 -19.58 21.44
N GLY C 177 -28.90 -20.46 20.78
CA GLY C 177 -27.48 -20.28 20.60
C GLY C 177 -26.87 -21.57 20.09
N VAL C 178 -25.70 -21.92 20.62
CA VAL C 178 -24.97 -23.11 20.22
C VAL C 178 -24.36 -23.71 21.47
N ALA C 179 -24.06 -25.01 21.42
CA ALA C 179 -23.36 -25.67 22.51
C ALA C 179 -22.55 -26.83 21.93
N MET C 180 -21.53 -27.25 22.68
CA MET C 180 -20.77 -28.39 22.21
C MET C 180 -20.01 -29.04 23.36
N GLY C 181 -19.75 -30.32 23.21
CA GLY C 181 -18.87 -31.05 24.10
C GLY C 181 -17.66 -31.53 23.33
N MET C 182 -16.52 -31.56 24.00
CA MET C 182 -15.31 -32.10 23.39
C MET C 182 -14.51 -32.76 24.51
N TYR C 183 -13.47 -33.48 24.12
CA TYR C 183 -12.78 -34.33 25.08
C TYR C 183 -11.39 -34.64 24.59
N ASN C 184 -10.59 -35.20 25.49
CA ASN C 184 -9.36 -35.84 25.09
C ASN C 184 -9.09 -36.99 26.05
N GLN C 185 -8.07 -37.78 25.74
CA GLN C 185 -7.81 -39.04 26.42
C GLN C 185 -6.41 -39.04 26.99
N ASP C 186 -6.26 -39.63 28.18
CA ASP C 186 -4.97 -39.60 28.86
C ASP C 186 -3.87 -40.26 28.01
N LYS C 187 -4.17 -41.43 27.43
CA LYS C 187 -3.14 -42.12 26.66
C LYS C 187 -2.71 -41.30 25.46
N SER C 188 -3.67 -40.69 24.76
CA SER C 188 -3.31 -39.85 23.63
C SER C 188 -2.42 -38.67 24.05
N ILE C 189 -2.77 -38.01 25.16
CA ILE C 189 -1.94 -36.89 25.61
C ILE C 189 -0.56 -37.38 25.98
N GLU C 190 -0.48 -38.53 26.66
CA GLU C 190 0.81 -39.11 26.98
C GLU C 190 1.65 -39.36 25.73
N ASP C 191 1.05 -40.00 24.71
CA ASP C 191 1.80 -40.25 23.47
C ASP C 191 2.26 -38.94 22.86
N PHE C 192 1.41 -37.92 22.91
CA PHE C 192 1.73 -36.57 22.42
C PHE C 192 2.94 -36.01 23.16
N ALA C 193 2.97 -36.15 24.48
CA ALA C 193 4.12 -35.69 25.25
C ALA C 193 5.40 -36.41 24.81
N HIS C 194 5.36 -37.75 24.80
CA HIS C 194 6.55 -38.52 24.42
C HIS C 194 7.06 -38.09 23.05
N SER C 195 6.16 -38.01 22.06
CA SER C 195 6.59 -37.62 20.72
C SER C 195 7.22 -36.22 20.73
N SER C 196 6.74 -35.32 21.58
CA SER C 196 7.25 -33.96 21.63
C SER C 196 8.64 -33.91 22.25
N PHE C 197 8.83 -34.61 23.37
CA PHE C 197 10.14 -34.63 24.01
C PHE C 197 11.17 -35.31 23.12
N GLN C 198 10.77 -36.41 22.46
CA GLN C 198 11.68 -37.14 21.58
C GLN C 198 12.09 -36.29 20.38
N MET C 199 11.16 -35.51 19.81
CA MET C 199 11.52 -34.66 18.69
C MET C 199 12.49 -33.56 19.12
N ALA C 200 12.27 -32.96 20.29
CA ALA C 200 13.19 -31.93 20.77
C ALA C 200 14.59 -32.50 20.98
N LEU C 201 14.67 -33.67 21.60
CA LEU C 201 15.97 -34.32 21.78
C LEU C 201 16.60 -34.67 20.43
N SER C 202 15.80 -35.11 19.47
CA SER C 202 16.32 -35.45 18.15
C SER C 202 16.89 -34.23 17.45
N LYS C 203 16.32 -33.05 17.71
CA LYS C 203 16.79 -31.82 17.09
C LYS C 203 17.83 -31.09 17.93
N GLY C 204 17.86 -31.33 19.23
CA GLY C 204 18.68 -30.52 20.12
C GLY C 204 18.16 -29.12 20.29
N TRP C 205 16.84 -28.96 20.36
CA TRP C 205 16.19 -27.66 20.53
C TRP C 205 15.29 -27.68 21.75
N PRO C 206 15.04 -26.54 22.35
CA PRO C 206 14.09 -26.48 23.48
C PRO C 206 12.68 -26.81 22.99
N LEU C 207 11.84 -27.18 23.96
CA LEU C 207 10.46 -27.56 23.71
C LEU C 207 9.55 -26.67 24.54
N TYR C 208 8.48 -26.17 23.93
CA TYR C 208 7.45 -25.41 24.62
C TYR C 208 6.10 -26.03 24.31
N LEU C 209 5.30 -26.24 25.33
CA LEU C 209 3.90 -26.62 25.19
C LEU C 209 3.03 -25.41 25.50
N SER C 210 2.05 -25.14 24.64
CA SER C 210 1.12 -24.05 24.88
C SER C 210 -0.25 -24.58 25.29
N THR C 211 -0.85 -23.96 26.31
CA THR C 211 -2.25 -24.20 26.65
C THR C 211 -2.87 -22.88 27.09
N LYS C 212 -4.13 -22.95 27.47
CA LYS C 212 -4.82 -21.81 28.07
C LYS C 212 -5.33 -22.27 29.44
N ASN C 213 -4.43 -22.82 30.27
CA ASN C 213 -4.91 -23.43 31.51
C ASN C 213 -5.30 -22.40 32.56
N THR C 214 -5.06 -21.12 32.31
CA THR C 214 -5.62 -20.08 33.17
C THR C 214 -7.14 -20.03 33.07
N ILE C 215 -7.69 -20.43 31.93
CA ILE C 215 -9.13 -20.43 31.70
C ILE C 215 -9.71 -21.84 31.79
N LEU C 216 -9.10 -22.78 31.09
CA LEU C 216 -9.50 -24.19 31.14
C LEU C 216 -8.59 -24.91 32.14
N LYS C 217 -8.87 -24.64 33.42
CA LYS C 217 -7.98 -25.11 34.48
C LYS C 217 -7.92 -26.64 34.52
N LYS C 218 -9.05 -27.31 34.30
CA LYS C 218 -9.02 -28.78 34.34
C LYS C 218 -8.63 -29.37 33.00
N TYR C 219 -9.26 -28.91 31.92
CA TYR C 219 -9.00 -29.47 30.59
C TYR C 219 -7.53 -29.31 30.23
N ASP C 220 -7.02 -28.08 30.29
CA ASP C 220 -5.66 -27.82 29.87
C ASP C 220 -4.64 -28.13 30.96
N GLY C 221 -5.06 -28.09 32.23
CA GLY C 221 -4.18 -28.53 33.29
C GLY C 221 -3.73 -29.96 33.12
N ARG C 222 -4.60 -30.81 32.57
CA ARG C 222 -4.24 -32.21 32.33
C ARG C 222 -3.12 -32.34 31.33
N PHE C 223 -3.16 -31.53 30.26
CA PHE C 223 -2.04 -31.46 29.31
C PHE C 223 -0.77 -31.02 30.01
N LYS C 224 -0.87 -29.93 30.78
CA LYS C 224 0.31 -29.39 31.45
C LYS C 224 0.87 -30.39 32.46
N ASP C 225 -0.01 -31.05 33.20
CA ASP C 225 0.44 -31.99 34.23
C ASP C 225 1.08 -33.22 33.60
N ILE C 226 0.43 -33.79 32.59
CA ILE C 226 0.96 -35.00 31.96
C ILE C 226 2.32 -34.71 31.34
N PHE C 227 2.48 -33.55 30.70
CA PHE C 227 3.76 -33.21 30.09
C PHE C 227 4.85 -33.10 31.17
N GLN C 228 4.55 -32.42 32.27
CA GLN C 228 5.56 -32.20 33.29
C GLN C 228 5.93 -33.51 33.98
N GLU C 229 4.94 -34.37 34.25
CA GLU C 229 5.21 -35.66 34.87
C GLU C 229 6.12 -36.49 33.98
N ILE C 230 5.83 -36.53 32.68
CA ILE C 230 6.64 -37.32 31.76
C ILE C 230 8.04 -36.73 31.63
N TYR C 231 8.14 -35.40 31.65
CA TYR C 231 9.44 -34.76 31.58
C TYR C 231 10.32 -35.16 32.76
N ASP C 232 9.78 -35.03 33.97
CA ASP C 232 10.56 -35.31 35.17
C ASP C 232 10.98 -36.78 35.23
N LYS C 233 10.11 -37.68 34.78
CA LYS C 233 10.35 -39.11 34.92
C LYS C 233 11.17 -39.72 33.79
N LYS C 234 11.12 -39.16 32.58
CA LYS C 234 11.71 -39.83 31.43
C LYS C 234 12.70 -39.00 30.64
N TYR C 235 12.69 -37.66 30.73
CA TYR C 235 13.46 -36.87 29.78
C TYR C 235 14.31 -35.76 30.39
N LYS C 236 14.13 -35.41 31.65
CA LYS C 236 14.80 -34.24 32.19
C LYS C 236 16.32 -34.40 32.13
N SER C 237 16.83 -35.59 32.45
CA SER C 237 18.26 -35.83 32.40
C SER C 237 18.81 -35.64 31.00
N GLN C 238 18.13 -36.21 30.00
CA GLN C 238 18.60 -36.09 28.62
C GLN C 238 18.52 -34.65 28.13
N PHE C 239 17.48 -33.92 28.55
CA PHE C 239 17.38 -32.51 28.18
C PHE C 239 18.53 -31.70 28.77
N GLU C 240 18.81 -31.91 30.06
CA GLU C 240 19.91 -31.19 30.70
C GLU C 240 21.26 -31.55 30.07
N ALA C 241 21.43 -32.81 29.69
CA ALA C 241 22.66 -33.24 29.03
C ALA C 241 22.88 -32.48 27.72
N GLN C 242 21.80 -32.21 26.98
CA GLN C 242 21.90 -31.48 25.72
C GLN C 242 21.75 -29.98 25.89
N LYS C 243 21.64 -29.49 27.13
CA LYS C 243 21.53 -28.06 27.43
C LYS C 243 20.29 -27.45 26.79
N ILE C 244 19.20 -28.20 26.79
CA ILE C 244 17.90 -27.72 26.33
C ILE C 244 16.89 -27.88 27.45
N CYS C 245 15.84 -27.07 27.40
CA CYS C 245 14.84 -27.02 28.45
C CYS C 245 13.46 -27.32 27.88
N TYR C 246 12.51 -27.61 28.77
CA TYR C 246 11.10 -27.70 28.45
C TYR C 246 10.32 -26.76 29.35
N GLU C 247 9.42 -25.98 28.77
CA GLU C 247 8.61 -25.06 29.55
C GLU C 247 7.19 -25.03 29.00
N HIS C 248 6.23 -24.88 29.89
CA HIS C 248 4.85 -24.63 29.52
C HIS C 248 4.66 -23.12 29.37
N ARG C 249 3.88 -22.71 28.37
CA ARG C 249 3.58 -21.31 28.12
C ARG C 249 2.11 -21.17 27.83
N LEU C 250 1.51 -20.07 28.30
CA LEU C 250 0.17 -19.75 27.86
C LEU C 250 0.18 -19.45 26.38
N ILE C 251 -0.88 -19.87 25.68
CA ILE C 251 -0.89 -19.79 24.21
C ILE C 251 -0.72 -18.35 23.74
N ASP C 252 -1.40 -17.38 24.38
CA ASP C 252 -1.27 -16.03 23.87
C ASP C 252 0.09 -15.41 24.19
N ASP C 253 0.74 -15.83 25.27
CA ASP C 253 2.14 -15.46 25.45
C ASP C 253 3.01 -16.13 24.40
N MET C 254 2.76 -17.41 24.14
CA MET C 254 3.61 -18.17 23.23
C MET C 254 3.59 -17.62 21.83
N VAL C 255 2.43 -17.21 21.33
CA VAL C 255 2.41 -16.75 19.95
C VAL C 255 3.18 -15.44 19.83
N ALA C 256 3.16 -14.60 20.85
CA ALA C 256 3.95 -13.37 20.80
C ALA C 256 5.43 -13.69 20.93
N GLN C 257 5.78 -14.56 21.86
CA GLN C 257 7.18 -14.92 22.04
C GLN C 257 7.73 -15.57 20.77
N ALA C 258 6.93 -16.42 20.11
CA ALA C 258 7.37 -17.02 18.85
C ALA C 258 7.59 -15.95 17.79
N MET C 259 6.68 -14.96 17.72
CA MET C 259 6.79 -13.90 16.72
C MET C 259 8.09 -13.14 16.85
N LYS C 260 8.54 -12.84 18.07
CA LYS C 260 9.75 -12.07 18.25
C LYS C 260 10.99 -12.93 18.44
N SER C 261 10.87 -14.24 18.33
CA SER C 261 11.99 -15.14 18.51
C SER C 261 12.85 -15.23 17.25
N GLU C 262 13.96 -15.96 17.35
CA GLU C 262 14.79 -16.28 16.20
C GLU C 262 14.49 -17.66 15.64
N GLY C 263 13.46 -18.33 16.15
CA GLY C 263 13.19 -19.69 15.78
C GLY C 263 14.07 -20.64 16.57
N GLY C 264 14.10 -21.89 16.11
CA GLY C 264 14.94 -22.89 16.74
C GLY C 264 14.33 -23.53 17.96
N PHE C 265 13.08 -23.99 17.86
CA PHE C 265 12.46 -24.70 18.97
C PHE C 265 11.36 -25.60 18.44
N ILE C 266 11.00 -26.58 19.27
CA ILE C 266 9.83 -27.43 19.06
C ILE C 266 8.67 -26.80 19.82
N TRP C 267 7.49 -26.77 19.19
CA TRP C 267 6.31 -26.12 19.75
C TRP C 267 5.20 -27.16 19.79
N ALA C 268 4.96 -27.72 20.97
CA ALA C 268 3.88 -28.69 21.14
C ALA C 268 2.56 -27.93 21.24
N CYS C 269 1.63 -28.25 20.35
CA CYS C 269 0.37 -27.54 20.22
C CYS C 269 -0.79 -28.49 20.40
N LYS C 270 -1.79 -28.07 21.17
CA LYS C 270 -3.06 -28.79 21.12
C LYS C 270 -3.59 -28.75 19.69
N ASN C 271 -4.44 -29.73 19.37
CA ASN C 271 -4.95 -29.94 18.02
C ASN C 271 -5.32 -28.64 17.31
N TYR C 272 -6.19 -27.83 17.92
CA TYR C 272 -6.67 -26.61 17.27
C TYR C 272 -5.55 -25.60 17.06
N ASP C 273 -4.72 -25.37 18.10
CA ASP C 273 -3.62 -24.42 17.97
C ASP C 273 -2.61 -24.88 16.93
N GLY C 274 -2.34 -26.19 16.87
CA GLY C 274 -1.41 -26.67 15.87
C GLY C 274 -1.91 -26.44 14.46
N ASP C 275 -3.21 -26.62 14.26
CA ASP C 275 -3.82 -26.34 12.97
C ASP C 275 -3.62 -24.88 12.59
N VAL C 276 -4.07 -23.96 13.45
CA VAL C 276 -4.08 -22.55 13.10
C VAL C 276 -2.66 -22.00 13.02
N GLN C 277 -1.85 -22.26 14.04
CA GLN C 277 -0.53 -21.67 14.08
C GLN C 277 0.41 -22.25 13.05
N SER C 278 0.19 -23.49 12.59
CA SER C 278 1.06 -23.98 11.53
C SER C 278 0.88 -23.19 10.24
N ASP C 279 -0.34 -22.71 9.96
CA ASP C 279 -0.52 -21.88 8.77
C ASP C 279 0.08 -20.49 8.97
N SER C 280 -0.03 -19.95 10.17
CA SER C 280 0.60 -18.66 10.43
C SER C 280 2.12 -18.77 10.28
N VAL C 281 2.71 -19.85 10.81
CA VAL C 281 4.14 -20.05 10.69
C VAL C 281 4.54 -20.25 9.25
N ALA C 282 3.82 -21.12 8.53
CA ALA C 282 4.14 -21.35 7.13
C ALA C 282 4.18 -20.03 6.35
N GLN C 283 3.17 -19.18 6.56
CA GLN C 283 3.12 -17.95 5.78
C GLN C 283 4.24 -17.01 6.19
N GLY C 284 4.59 -17.01 7.48
CA GLY C 284 5.65 -16.13 7.95
C GLY C 284 7.00 -16.44 7.34
N TYR C 285 7.29 -17.72 7.08
CA TYR C 285 8.53 -18.08 6.42
C TYR C 285 8.46 -17.85 4.91
N GLY C 286 7.28 -17.99 4.31
CA GLY C 286 7.21 -17.85 2.88
C GLY C 286 5.86 -18.12 2.26
N SER C 287 5.36 -19.34 2.41
CA SER C 287 4.15 -19.73 1.72
C SER C 287 3.58 -21.00 2.31
N LEU C 288 2.23 -21.11 2.26
CA LEU C 288 1.59 -22.38 2.59
C LEU C 288 2.04 -23.51 1.67
N GLY C 289 2.53 -23.18 0.47
CA GLY C 289 3.09 -24.21 -0.39
C GLY C 289 4.43 -24.74 0.07
N MET C 290 5.02 -24.12 1.10
CA MET C 290 6.36 -24.48 1.55
C MET C 290 6.36 -24.93 3.01
N MET C 291 5.70 -26.04 3.27
CA MET C 291 5.65 -26.62 4.61
C MET C 291 5.39 -28.12 4.51
N THR C 292 6.06 -28.89 5.36
CA THR C 292 5.83 -30.31 5.47
C THR C 292 4.86 -30.59 6.61
N SER C 293 4.19 -31.73 6.50
CA SER C 293 3.28 -32.19 7.54
C SER C 293 3.33 -33.70 7.57
N VAL C 294 3.75 -34.28 8.70
CA VAL C 294 3.84 -35.74 8.80
C VAL C 294 3.23 -36.14 10.12
N LEU C 295 2.19 -36.98 10.05
CA LEU C 295 1.61 -37.59 11.23
C LEU C 295 2.50 -38.76 11.63
N ILE C 296 3.04 -38.70 12.84
CA ILE C 296 3.84 -39.80 13.39
C ILE C 296 2.97 -40.52 14.43
N CYS C 297 2.63 -41.76 14.14
CA CYS C 297 1.69 -42.49 14.97
C CYS C 297 2.38 -43.06 16.22
N PRO C 298 1.61 -43.35 17.27
CA PRO C 298 2.22 -43.82 18.52
C PRO C 298 2.89 -45.19 18.40
N ASP C 299 2.63 -45.95 17.35
CA ASP C 299 3.26 -47.26 17.20
C ASP C 299 4.71 -47.17 16.74
N GLY C 300 5.22 -45.97 16.49
CA GLY C 300 6.60 -45.81 16.09
C GLY C 300 6.96 -46.32 14.71
N LYS C 301 5.97 -46.76 13.91
CA LYS C 301 6.29 -47.25 12.57
C LYS C 301 5.40 -46.62 11.50
N THR C 302 4.19 -46.20 11.86
CA THR C 302 3.21 -45.74 10.88
C THR C 302 3.26 -44.22 10.74
N VAL C 303 3.29 -43.73 9.50
CA VAL C 303 3.26 -42.29 9.24
C VAL C 303 2.29 -42.00 8.10
N GLU C 304 1.70 -40.81 8.14
CA GLU C 304 0.90 -40.28 7.04
C GLU C 304 1.44 -38.90 6.73
N ALA C 305 1.89 -38.70 5.49
CA ALA C 305 2.43 -37.41 5.06
C ALA C 305 1.43 -36.71 4.13
N GLU C 306 1.42 -35.38 4.21
CA GLU C 306 0.42 -34.55 3.55
C GLU C 306 1.02 -33.15 3.39
N ALA C 307 0.39 -32.34 2.54
CA ALA C 307 0.64 -30.91 2.65
C ALA C 307 -0.17 -30.33 3.80
N ALA C 308 0.28 -29.19 4.35
CA ALA C 308 -0.46 -28.55 5.42
C ALA C 308 -1.63 -27.71 4.90
N HIS C 309 -1.65 -27.40 3.61
CA HIS C 309 -2.66 -26.51 3.06
C HIS C 309 -3.85 -27.31 2.54
N GLY C 310 -4.87 -26.61 2.06
CA GLY C 310 -6.07 -27.22 1.54
C GLY C 310 -6.05 -27.41 0.03
N THR C 311 -7.25 -27.54 -0.55
CA THR C 311 -7.40 -27.88 -1.97
C THR C 311 -7.17 -26.70 -2.88
N VAL C 312 -6.95 -25.51 -2.32
CA VAL C 312 -6.69 -24.28 -3.05
C VAL C 312 -7.86 -23.98 -3.99
N THR C 313 -9.07 -24.05 -3.44
CA THR C 313 -10.30 -23.77 -4.20
C THR C 313 -10.21 -22.51 -5.05
N ARG C 314 -9.62 -21.44 -4.51
CA ARG C 314 -9.63 -20.18 -5.25
C ARG C 314 -8.84 -20.29 -6.54
N HIS C 315 -7.71 -21.02 -6.52
CA HIS C 315 -6.97 -21.21 -7.77
C HIS C 315 -7.68 -22.19 -8.69
N TYR C 316 -8.35 -23.18 -8.12
CA TYR C 316 -9.14 -24.10 -8.92
C TYR C 316 -10.23 -23.37 -9.68
N ARG C 317 -10.93 -22.43 -9.03
CA ARG C 317 -11.92 -21.63 -9.73
C ARG C 317 -11.30 -20.90 -10.91
N MET C 318 -10.07 -20.39 -10.75
CA MET C 318 -9.40 -19.75 -11.87
C MET C 318 -9.13 -20.75 -12.99
N TYR C 319 -8.67 -21.95 -12.63
CA TYR C 319 -8.40 -22.98 -13.62
C TYR C 319 -9.67 -23.35 -14.38
N GLN C 320 -10.80 -23.47 -13.68
CA GLN C 320 -12.07 -23.78 -14.33
C GLN C 320 -12.50 -22.71 -15.31
N LYS C 321 -12.01 -21.49 -15.15
CA LYS C 321 -12.33 -20.40 -16.07
C LYS C 321 -11.30 -20.24 -17.17
N GLY C 322 -10.30 -21.10 -17.23
CA GLY C 322 -9.25 -20.97 -18.21
C GLY C 322 -8.23 -19.89 -17.89
N GLN C 323 -8.24 -19.35 -16.68
CA GLN C 323 -7.25 -18.36 -16.29
C GLN C 323 -5.98 -19.04 -15.79
N GLU C 324 -4.83 -18.48 -16.17
CA GLU C 324 -3.54 -19.05 -15.78
C GLU C 324 -3.43 -19.13 -14.27
N THR C 325 -2.92 -20.25 -13.76
CA THR C 325 -2.70 -20.41 -12.34
C THR C 325 -1.21 -20.63 -12.06
N SER C 326 -0.80 -20.32 -10.84
CA SER C 326 0.57 -20.58 -10.39
C SER C 326 0.48 -21.06 -8.94
N THR C 327 0.00 -22.28 -8.77
CA THR C 327 -0.15 -22.89 -7.46
C THR C 327 1.12 -23.65 -7.11
N ASN C 328 1.59 -23.50 -5.88
CA ASN C 328 2.87 -24.07 -5.47
C ASN C 328 2.72 -25.55 -5.16
N PRO C 329 3.38 -26.45 -5.90
CA PRO C 329 3.23 -27.89 -5.68
C PRO C 329 4.20 -28.48 -4.66
N ILE C 330 5.10 -27.68 -4.08
CA ILE C 330 6.22 -28.25 -3.34
C ILE C 330 5.73 -29.05 -2.13
N ALA C 331 4.79 -28.50 -1.35
CA ALA C 331 4.28 -29.22 -0.19
C ALA C 331 3.68 -30.57 -0.59
N SER C 332 2.96 -30.61 -1.72
CA SER C 332 2.40 -31.87 -2.21
C SER C 332 3.51 -32.85 -2.60
N ILE C 333 4.57 -32.34 -3.22
CA ILE C 333 5.71 -33.20 -3.58
C ILE C 333 6.38 -33.75 -2.32
N PHE C 334 6.54 -32.91 -1.29
CA PHE C 334 7.18 -33.39 -0.07
C PHE C 334 6.30 -34.37 0.71
N ALA C 335 4.98 -34.35 0.49
CA ALA C 335 4.16 -35.45 0.98
C ALA C 335 4.66 -36.78 0.41
N TRP C 336 4.91 -36.81 -0.89
CA TRP C 336 5.43 -38.02 -1.51
C TRP C 336 6.83 -38.34 -1.02
N SER C 337 7.70 -37.34 -0.99
CA SER C 337 9.09 -37.61 -0.63
C SER C 337 9.24 -38.02 0.83
N ARG C 338 8.49 -37.39 1.73
CA ARG C 338 8.55 -37.78 3.13
C ARG C 338 7.94 -39.15 3.37
N GLY C 339 6.87 -39.48 2.62
CA GLY C 339 6.29 -40.81 2.75
C GLY C 339 7.20 -41.89 2.19
N LEU C 340 7.83 -41.62 1.06
CA LEU C 340 8.77 -42.60 0.50
C LEU C 340 10.01 -42.74 1.36
N ALA C 341 10.44 -41.66 2.02
CA ALA C 341 11.58 -41.77 2.93
C ALA C 341 11.27 -42.68 4.11
N HIS C 342 10.06 -42.58 4.66
CA HIS C 342 9.70 -43.49 5.75
C HIS C 342 9.59 -44.92 5.23
N ARG C 343 8.95 -45.11 4.08
CA ARG C 343 8.89 -46.43 3.47
C ARG C 343 10.29 -47.02 3.36
N ALA C 344 11.24 -46.22 2.87
CA ALA C 344 12.61 -46.69 2.70
C ALA C 344 13.25 -47.01 4.04
N LYS C 345 12.99 -46.19 5.06
CA LYS C 345 13.56 -46.44 6.38
C LYS C 345 13.03 -47.75 6.96
N LEU C 346 11.72 -47.98 6.85
CA LEU C 346 11.13 -49.22 7.35
C LEU C 346 11.71 -50.44 6.65
N ASP C 347 12.05 -50.31 5.37
CA ASP C 347 12.45 -51.42 4.53
C ASP C 347 13.95 -51.51 4.31
N ASN C 348 14.72 -50.61 4.92
CA ASN C 348 16.16 -50.53 4.68
C ASN C 348 16.46 -50.50 3.18
N ASN C 349 15.69 -49.66 2.48
CA ASN C 349 15.75 -49.53 1.03
C ASN C 349 16.66 -48.36 0.72
N THR C 350 17.93 -48.66 0.42
CA THR C 350 18.91 -47.60 0.19
C THR C 350 18.59 -46.78 -1.05
N GLU C 351 18.18 -47.44 -2.13
CA GLU C 351 17.92 -46.72 -3.38
C GLU C 351 16.71 -45.80 -3.25
N LEU C 352 15.68 -46.25 -2.52
CA LEU C 352 14.51 -45.40 -2.32
C LEU C 352 14.81 -44.24 -1.38
N SER C 353 15.64 -44.47 -0.35
CA SER C 353 16.10 -43.37 0.49
C SER C 353 16.81 -42.31 -0.34
N PHE C 354 17.67 -42.74 -1.27
CA PHE C 354 18.38 -41.77 -2.10
C PHE C 354 17.42 -41.01 -3.01
N PHE C 355 16.41 -41.69 -3.55
CA PHE C 355 15.46 -41.03 -4.45
C PHE C 355 14.68 -39.95 -3.71
N ALA C 356 14.15 -40.28 -2.54
CA ALA C 356 13.36 -39.31 -1.78
C ALA C 356 14.16 -38.04 -1.49
N LYS C 357 15.44 -38.19 -1.14
CA LYS C 357 16.28 -37.03 -0.89
C LYS C 357 16.59 -36.28 -2.18
N ALA C 358 16.80 -37.00 -3.28
CA ALA C 358 17.05 -36.32 -4.55
C ALA C 358 15.84 -35.51 -4.99
N LEU C 359 14.64 -36.03 -4.73
CA LEU C 359 13.41 -35.33 -5.09
C LEU C 359 13.30 -34.02 -4.31
N GLU C 360 13.55 -34.06 -3.01
CA GLU C 360 13.54 -32.84 -2.21
C GLU C 360 14.63 -31.87 -2.69
N ASP C 361 15.84 -32.40 -2.95
CA ASP C 361 16.93 -31.55 -3.38
C ASP C 361 16.60 -30.84 -4.69
N VAL C 362 15.97 -31.57 -5.63
CA VAL C 362 15.59 -30.98 -6.91
C VAL C 362 14.65 -29.80 -6.68
N CYS C 363 13.69 -29.96 -5.76
CA CYS C 363 12.75 -28.89 -5.45
C CYS C 363 13.49 -27.66 -4.94
N ILE C 364 14.38 -27.83 -3.96
CA ILE C 364 15.07 -26.70 -3.37
C ILE C 364 15.99 -26.05 -4.40
N GLU C 365 16.73 -26.86 -5.16
CA GLU C 365 17.68 -26.31 -6.13
C GLU C 365 16.96 -25.54 -7.23
N THR C 366 15.82 -26.04 -7.68
CA THR C 366 15.07 -25.37 -8.76
C THR C 366 14.64 -23.97 -8.33
N ILE C 367 14.08 -23.84 -7.13
CA ILE C 367 13.68 -22.52 -6.64
C ILE C 367 14.90 -21.63 -6.43
N GLU C 368 15.94 -22.18 -5.79
CA GLU C 368 17.14 -21.40 -5.53
C GLU C 368 17.83 -20.96 -6.82
N ALA C 369 17.53 -21.62 -7.94
CA ALA C 369 18.05 -21.22 -9.25
C ALA C 369 17.17 -20.19 -9.94
N GLY C 370 16.08 -19.76 -9.31
CA GLY C 370 15.26 -18.70 -9.85
C GLY C 370 13.99 -19.13 -10.54
N PHE C 371 13.67 -20.43 -10.55
CA PHE C 371 12.45 -20.95 -11.17
C PHE C 371 11.45 -21.28 -10.07
N MET C 372 10.31 -20.57 -10.05
CA MET C 372 9.40 -20.70 -8.91
C MET C 372 8.00 -20.25 -9.31
N THR C 373 7.03 -20.64 -8.49
CA THR C 373 5.66 -20.20 -8.68
C THR C 373 5.49 -18.79 -8.10
N LYS C 374 4.32 -18.20 -8.37
CA LYS C 374 4.12 -16.76 -8.12
C LYS C 374 4.20 -16.42 -6.63
N ASP C 375 3.71 -17.30 -5.76
CA ASP C 375 3.79 -17.03 -4.32
C ASP C 375 5.22 -16.75 -3.90
N LEU C 376 6.17 -17.54 -4.39
CA LEU C 376 7.56 -17.31 -4.01
C LEU C 376 8.13 -16.08 -4.71
N ALA C 377 7.72 -15.83 -5.96
CA ALA C 377 8.16 -14.59 -6.61
C ALA C 377 7.70 -13.37 -5.83
N ALA C 378 6.47 -13.41 -5.30
CA ALA C 378 5.99 -12.31 -4.46
C ALA C 378 6.79 -12.16 -3.18
N CYS C 379 7.28 -13.26 -2.59
CA CYS C 379 8.16 -13.14 -1.44
C CYS C 379 9.38 -12.31 -1.78
N ILE C 380 9.95 -12.51 -2.95
CA ILE C 380 11.19 -11.83 -3.34
C ILE C 380 10.92 -10.38 -3.69
N LYS C 381 9.93 -10.14 -4.55
CA LYS C 381 9.73 -8.84 -5.16
C LYS C 381 8.73 -7.96 -4.42
N GLY C 382 7.85 -8.54 -3.61
CA GLY C 382 6.65 -7.88 -3.18
C GLY C 382 5.59 -8.05 -4.24
N LEU C 383 4.37 -8.41 -3.85
CA LEU C 383 3.31 -8.69 -4.81
C LEU C 383 3.11 -7.60 -5.86
N PRO C 384 3.05 -6.32 -5.52
CA PRO C 384 2.81 -5.30 -6.56
C PRO C 384 3.90 -5.22 -7.61
N ASN C 385 5.10 -5.69 -7.32
CA ASN C 385 6.23 -5.58 -8.24
C ASN C 385 6.45 -6.84 -9.07
N VAL C 386 5.68 -7.90 -8.83
CA VAL C 386 5.88 -9.13 -9.58
C VAL C 386 5.50 -8.92 -11.03
N GLN C 387 6.32 -9.45 -11.93
CA GLN C 387 6.03 -9.45 -13.36
C GLN C 387 5.89 -10.89 -13.82
N ARG C 388 5.22 -11.09 -14.95
CA ARG C 388 4.99 -12.47 -15.41
C ARG C 388 6.29 -13.22 -15.60
N SER C 389 7.36 -12.51 -15.97
CA SER C 389 8.66 -13.14 -16.16
C SER C 389 9.33 -13.58 -14.87
N ASP C 390 8.77 -13.19 -13.71
CA ASP C 390 9.34 -13.58 -12.42
C ASP C 390 8.95 -14.99 -12.00
N TYR C 391 7.96 -15.62 -12.63
CA TYR C 391 7.48 -16.90 -12.15
C TYR C 391 7.04 -17.81 -13.29
N LEU C 392 6.77 -19.05 -12.94
CA LEU C 392 6.22 -20.04 -13.85
C LEU C 392 4.81 -20.38 -13.43
N ASN C 393 3.95 -20.72 -14.40
CA ASN C 393 2.64 -21.19 -14.00
C ASN C 393 2.76 -22.61 -13.46
N THR C 394 1.64 -23.14 -12.96
CA THR C 394 1.68 -24.41 -12.25
C THR C 394 2.30 -25.50 -13.10
N PHE C 395 1.94 -25.54 -14.37
CA PHE C 395 2.33 -26.64 -15.24
C PHE C 395 3.75 -26.46 -15.77
N GLU C 396 4.14 -25.22 -16.07
CA GLU C 396 5.53 -24.94 -16.41
C GLU C 396 6.46 -25.33 -15.27
N PHE C 397 6.06 -25.07 -14.03
CA PHE C 397 6.92 -25.38 -12.89
C PHE C 397 7.03 -26.89 -12.70
N MET C 398 5.91 -27.60 -12.85
CA MET C 398 5.96 -29.06 -12.77
C MET C 398 6.83 -29.63 -13.88
N ASP C 399 6.79 -29.03 -15.06
CA ASP C 399 7.67 -29.44 -16.16
C ASP C 399 9.13 -29.22 -15.80
N LYS C 400 9.46 -28.03 -15.29
CA LYS C 400 10.84 -27.72 -14.94
C LYS C 400 11.38 -28.68 -13.89
N LEU C 401 10.58 -28.98 -12.86
CA LEU C 401 11.01 -29.94 -11.85
C LEU C 401 11.25 -31.32 -12.47
N GLY C 402 10.36 -31.74 -13.37
CA GLY C 402 10.55 -33.01 -14.06
C GLY C 402 11.85 -33.07 -14.84
N GLU C 403 12.19 -32.00 -15.56
CA GLU C 403 13.45 -31.96 -16.29
C GLU C 403 14.64 -31.99 -15.35
N ASN C 404 14.56 -31.26 -14.24
CA ASN C 404 15.67 -31.23 -13.30
C ASN C 404 15.81 -32.55 -12.55
N LEU C 405 14.69 -33.23 -12.27
CA LEU C 405 14.78 -34.51 -11.59
C LEU C 405 15.40 -35.55 -12.52
N LYS C 406 15.01 -35.54 -13.79
CA LYS C 406 15.58 -36.47 -14.76
C LYS C 406 17.08 -36.27 -14.90
N ALA C 407 17.54 -35.01 -14.89
CA ALA C 407 18.96 -34.74 -15.03
C ALA C 407 19.75 -35.15 -13.79
N LYS C 408 19.17 -34.94 -12.61
CA LYS C 408 19.86 -35.33 -11.38
C LYS C 408 19.97 -36.84 -11.28
N LEU C 409 18.90 -37.57 -11.62
CA LEU C 409 18.92 -39.02 -11.51
C LEU C 409 19.84 -39.63 -12.56
N ALA C 410 19.87 -39.03 -13.75
CA ALA C 410 20.79 -39.49 -14.79
C ALA C 410 22.24 -39.33 -14.35
N GLN C 411 22.59 -38.16 -13.81
CA GLN C 411 23.96 -37.94 -13.34
C GLN C 411 24.34 -38.92 -12.24
N ALA C 412 23.35 -39.37 -11.45
CA ALA C 412 23.62 -40.34 -10.40
C ALA C 412 23.79 -41.75 -10.94
N LYS C 413 23.38 -42.01 -12.17
CA LYS C 413 23.45 -43.36 -12.73
C LYS C 413 24.69 -43.52 -13.62
N ARG D 3 -8.12 26.59 35.10
CA ARG D 3 -9.40 25.90 35.14
C ARG D 3 -9.29 24.55 34.44
N LYS D 4 -9.51 23.47 35.18
CA LYS D 4 -9.41 22.13 34.64
C LYS D 4 -10.65 21.78 33.81
N ILE D 5 -10.46 20.88 32.84
CA ILE D 5 -11.59 20.35 32.08
C ILE D 5 -12.51 19.60 33.02
N GLN D 6 -13.80 19.85 32.92
CA GLN D 6 -14.80 19.14 33.72
C GLN D 6 -15.03 17.78 33.06
N GLY D 7 -14.45 16.73 33.65
CA GLY D 7 -14.39 15.44 33.00
C GLY D 7 -15.56 14.49 33.19
N GLY D 8 -16.27 14.59 34.30
CA GLY D 8 -17.37 13.67 34.56
C GLY D 8 -16.91 12.42 35.29
N SER D 9 -17.77 11.39 35.21
CA SER D 9 -17.64 10.17 36.01
C SER D 9 -16.90 9.08 35.25
N VAL D 10 -15.91 8.47 35.90
CA VAL D 10 -15.09 7.41 35.31
C VAL D 10 -14.83 6.35 36.37
N VAL D 11 -15.03 5.07 36.01
CA VAL D 11 -14.66 3.96 36.87
C VAL D 11 -13.20 3.60 36.58
N GLU D 12 -12.38 3.61 37.62
CA GLU D 12 -10.96 3.29 37.55
C GLU D 12 -10.69 1.97 38.25
N MET D 13 -9.88 1.11 37.63
CA MET D 13 -9.49 -0.16 38.22
C MET D 13 -7.96 -0.22 38.29
N GLN D 14 -7.42 -0.15 39.50
CA GLN D 14 -5.99 -0.30 39.71
C GLN D 14 -5.58 -1.76 39.51
N GLY D 15 -4.31 -1.97 39.18
CA GLY D 15 -3.77 -3.27 38.82
C GLY D 15 -2.55 -3.64 39.65
N ASP D 16 -1.62 -4.36 39.01
CA ASP D 16 -0.56 -5.07 39.72
C ASP D 16 0.83 -4.68 39.21
N GLU D 17 1.82 -4.93 40.09
CA GLU D 17 3.26 -4.94 39.77
C GLU D 17 3.66 -3.67 39.00
N MET D 18 4.34 -3.78 37.87
CA MET D 18 4.97 -2.60 37.28
C MET D 18 3.91 -1.66 36.68
N THR D 19 2.85 -2.24 36.11
CA THR D 19 1.75 -1.43 35.59
C THR D 19 1.04 -0.62 36.68
N ARG D 20 0.99 -1.14 37.91
CA ARG D 20 0.38 -0.39 39.00
C ARG D 20 1.16 0.89 39.31
N ILE D 21 2.48 0.78 39.32
CA ILE D 21 3.32 1.96 39.59
C ILE D 21 3.18 2.99 38.47
N ILE D 22 3.25 2.54 37.21
CA ILE D 22 3.19 3.50 36.11
C ILE D 22 1.78 4.11 36.00
N TRP D 23 0.75 3.37 36.41
CA TRP D 23 -0.61 3.88 36.39
C TRP D 23 -0.75 5.14 37.24
N GLU D 24 -0.08 5.16 38.40
CA GLU D 24 -0.14 6.36 39.23
C GLU D 24 0.62 7.52 38.58
N LEU D 25 1.74 7.23 37.92
CA LEU D 25 2.45 8.28 37.20
C LEU D 25 1.57 8.89 36.13
N ILE D 26 0.79 8.04 35.45
CA ILE D 26 -0.08 8.53 34.39
C ILE D 26 -1.12 9.48 34.96
N LYS D 27 -1.78 9.07 36.05
CA LYS D 27 -2.79 9.92 36.67
C LYS D 27 -2.20 11.24 37.13
N GLU D 28 -1.09 11.18 37.87
CA GLU D 28 -0.59 12.41 38.49
C GLU D 28 0.07 13.32 37.47
N LYS D 29 0.73 12.77 36.45
CA LYS D 29 1.47 13.62 35.52
C LYS D 29 0.69 13.99 34.28
N LEU D 30 -0.19 13.11 33.77
CA LEU D 30 -0.81 13.35 32.47
C LEU D 30 -2.30 13.62 32.52
N ILE D 31 -3.01 13.16 33.54
CA ILE D 31 -4.47 13.29 33.59
C ILE D 31 -4.91 14.39 34.55
N LEU D 32 -4.62 14.23 35.84
CA LEU D 32 -5.20 15.09 36.88
C LEU D 32 -4.79 16.56 36.83
N PRO D 33 -3.61 16.94 36.33
CA PRO D 33 -3.33 18.38 36.17
C PRO D 33 -4.28 19.08 35.22
N TYR D 34 -5.00 18.34 34.37
CA TYR D 34 -5.78 18.92 33.29
C TYR D 34 -7.26 18.61 33.34
N VAL D 35 -7.67 17.55 34.03
CA VAL D 35 -9.04 17.08 34.02
C VAL D 35 -9.49 16.86 35.46
N GLU D 36 -10.63 17.43 35.81
CA GLU D 36 -11.29 17.13 37.08
C GLU D 36 -12.26 15.99 36.86
N LEU D 37 -12.09 14.93 37.62
CA LEU D 37 -12.85 13.71 37.40
C LEU D 37 -13.60 13.30 38.65
N ASP D 38 -14.81 12.78 38.45
CA ASP D 38 -15.53 12.02 39.47
C ASP D 38 -15.08 10.57 39.36
N LEU D 39 -13.95 10.28 40.01
CA LEU D 39 -13.31 8.98 39.90
C LEU D 39 -13.94 7.98 40.86
N HIS D 40 -14.39 6.85 40.33
CA HIS D 40 -14.90 5.74 41.14
C HIS D 40 -13.85 4.63 41.08
N SER D 41 -13.02 4.55 42.11
CA SER D 41 -11.80 3.76 42.06
C SER D 41 -11.98 2.42 42.76
N TYR D 42 -11.55 1.35 42.09
CA TYR D 42 -11.61 0.00 42.61
C TYR D 42 -10.21 -0.59 42.50
N ASP D 43 -9.69 -1.12 43.61
CA ASP D 43 -8.33 -1.65 43.62
C ASP D 43 -8.43 -3.12 43.24
N LEU D 44 -8.06 -3.45 42.01
CA LEU D 44 -8.02 -4.84 41.57
C LEU D 44 -6.62 -5.43 41.66
N GLY D 45 -5.72 -4.78 42.39
CA GLY D 45 -4.46 -5.41 42.74
C GLY D 45 -4.70 -6.73 43.43
N ILE D 46 -3.78 -7.68 43.23
CA ILE D 46 -4.01 -9.05 43.66
C ILE D 46 -4.23 -9.12 45.17
N GLU D 47 -3.54 -8.27 45.94
CA GLU D 47 -3.71 -8.34 47.38
C GLU D 47 -5.11 -7.93 47.81
N ASN D 48 -5.72 -6.96 47.11
CA ASN D 48 -7.08 -6.55 47.46
C ASN D 48 -8.13 -7.49 46.90
N ARG D 49 -7.85 -8.14 45.77
CA ARG D 49 -8.78 -9.18 45.31
C ARG D 49 -8.84 -10.31 46.33
N ASP D 50 -7.67 -10.73 46.83
CA ASP D 50 -7.64 -11.79 47.84
C ASP D 50 -8.32 -11.33 49.13
N ALA D 51 -8.11 -10.08 49.53
CA ALA D 51 -8.71 -9.60 50.78
C ALA D 51 -10.22 -9.49 50.67
N THR D 52 -10.75 -9.23 49.48
CA THR D 52 -12.18 -9.15 49.28
C THR D 52 -12.78 -10.43 48.70
N ASN D 53 -12.01 -11.51 48.65
CA ASN D 53 -12.47 -12.76 48.02
C ASN D 53 -12.92 -12.51 46.58
N ASP D 54 -12.18 -11.65 45.88
CA ASP D 54 -12.44 -11.23 44.50
C ASP D 54 -13.75 -10.47 44.33
N GLN D 55 -14.38 -10.03 45.43
CA GLN D 55 -15.64 -9.29 45.30
C GLN D 55 -15.43 -7.91 44.67
N VAL D 56 -14.27 -7.28 44.88
CA VAL D 56 -14.03 -5.96 44.32
C VAL D 56 -14.10 -5.99 42.80
N THR D 57 -13.72 -7.13 42.19
CA THR D 57 -13.79 -7.27 40.74
C THR D 57 -15.22 -7.17 40.23
N LYS D 58 -16.15 -7.91 40.86
CA LYS D 58 -17.55 -7.84 40.46
C LYS D 58 -18.12 -6.45 40.73
N ASP D 59 -17.74 -5.82 41.84
CA ASP D 59 -18.24 -4.49 42.14
C ASP D 59 -17.79 -3.49 41.08
N ALA D 60 -16.55 -3.60 40.62
CA ALA D 60 -16.06 -2.69 39.58
C ALA D 60 -16.87 -2.85 38.28
N ALA D 61 -17.18 -4.09 37.89
CA ALA D 61 -17.96 -4.30 36.67
C ALA D 61 -19.35 -3.68 36.79
N GLU D 62 -20.00 -3.82 37.95
CA GLU D 62 -21.30 -3.20 38.13
C GLU D 62 -21.20 -1.68 38.06
N ALA D 63 -20.12 -1.11 38.58
CA ALA D 63 -19.94 0.34 38.50
C ALA D 63 -19.77 0.80 37.06
N ILE D 64 -19.08 0.01 36.23
CA ILE D 64 -18.94 0.35 34.81
C ILE D 64 -20.31 0.43 34.14
N LYS D 65 -21.23 -0.47 34.52
CA LYS D 65 -22.58 -0.40 33.98
C LYS D 65 -23.26 0.90 34.37
N LYS D 66 -23.00 1.40 35.57
CA LYS D 66 -23.68 2.58 36.09
C LYS D 66 -23.18 3.86 35.44
N TYR D 67 -21.86 3.98 35.27
CA TYR D 67 -21.26 5.23 34.80
C TYR D 67 -20.86 5.20 33.33
N ASN D 68 -20.85 4.02 32.71
CA ASN D 68 -20.71 3.78 31.27
C ASN D 68 -19.26 3.88 30.78
N VAL D 69 -18.29 4.13 31.65
CA VAL D 69 -16.91 4.27 31.21
C VAL D 69 -15.99 3.64 32.26
N GLY D 70 -15.21 2.66 31.86
CA GLY D 70 -14.21 2.06 32.74
C GLY D 70 -12.84 2.15 32.10
N VAL D 71 -11.82 2.37 32.92
CA VAL D 71 -10.42 2.35 32.50
C VAL D 71 -9.67 1.43 33.45
N LYS D 72 -9.01 0.40 32.91
CA LYS D 72 -8.48 -0.69 33.72
C LYS D 72 -6.98 -0.89 33.51
N CYS D 73 -6.25 -0.97 34.63
CA CYS D 73 -4.84 -1.34 34.68
C CYS D 73 -4.66 -2.85 34.51
N ALA D 74 -3.53 -3.24 33.93
CA ALA D 74 -3.22 -4.66 33.80
C ALA D 74 -3.13 -5.33 35.17
N THR D 75 -3.59 -6.58 35.25
CA THR D 75 -3.68 -7.31 36.51
C THR D 75 -3.06 -8.68 36.37
N ILE D 76 -2.73 -9.28 37.53
CA ILE D 76 -2.21 -10.64 37.59
C ILE D 76 -3.39 -11.61 37.53
N THR D 77 -3.31 -12.60 36.63
CA THR D 77 -4.24 -13.72 36.67
C THR D 77 -3.57 -14.84 37.44
N PRO D 78 -4.08 -15.23 38.60
CA PRO D 78 -3.36 -16.19 39.45
C PRO D 78 -3.18 -17.55 38.80
N ASP D 79 -1.99 -18.11 38.99
CA ASP D 79 -1.73 -19.53 38.76
C ASP D 79 -1.22 -20.12 40.08
N GLU D 80 -0.66 -21.33 40.02
CA GLU D 80 -0.17 -21.95 41.25
C GLU D 80 1.06 -21.21 41.78
N LYS D 81 1.92 -20.68 40.90
CA LYS D 81 3.07 -19.94 41.36
C LYS D 81 2.65 -18.66 42.09
N ARG D 82 1.58 -18.01 41.60
CA ARG D 82 1.08 -16.79 42.26
C ARG D 82 0.35 -17.11 43.55
N VAL D 83 -0.29 -18.28 43.65
CA VAL D 83 -0.90 -18.66 44.92
C VAL D 83 0.18 -18.84 45.99
N GLU D 84 1.29 -19.48 45.63
CA GLU D 84 2.41 -19.63 46.56
C GLU D 84 3.09 -18.29 46.84
N GLU D 85 3.26 -17.46 45.81
CA GLU D 85 3.95 -16.18 45.99
C GLU D 85 3.21 -15.29 46.99
N PHE D 86 1.90 -15.17 46.84
CA PHE D 86 1.10 -14.26 47.66
C PHE D 86 0.36 -14.97 48.79
N LYS D 87 0.56 -16.28 48.95
CA LYS D 87 -0.22 -17.08 49.90
C LYS D 87 -1.71 -16.78 49.74
N LEU D 88 -2.18 -16.86 48.51
CA LEU D 88 -3.57 -16.54 48.19
C LEU D 88 -4.51 -17.54 48.83
N LYS D 89 -5.74 -17.09 49.10
CA LYS D 89 -6.75 -17.99 49.64
C LYS D 89 -7.26 -18.93 48.56
N GLN D 90 -7.57 -18.40 47.37
CA GLN D 90 -8.00 -19.19 46.24
C GLN D 90 -7.21 -18.76 45.00
N MET D 91 -7.27 -19.60 43.96
CA MET D 91 -6.75 -19.22 42.64
C MET D 91 -7.85 -18.44 41.92
N TRP D 92 -7.94 -17.16 42.24
CA TRP D 92 -9.01 -16.32 41.71
C TRP D 92 -8.96 -16.28 40.19
N LYS D 93 -10.12 -16.17 39.58
CA LYS D 93 -10.23 -16.16 38.13
C LYS D 93 -9.67 -14.86 37.57
N SER D 94 -9.41 -14.86 36.26
CA SER D 94 -8.94 -13.65 35.60
C SER D 94 -9.96 -12.52 35.79
N PRO D 95 -9.57 -11.37 36.32
CA PRO D 95 -10.51 -10.25 36.44
C PRO D 95 -11.04 -9.78 35.09
N ASN D 96 -10.27 -9.91 34.01
CA ASN D 96 -10.76 -9.48 32.71
C ASN D 96 -11.88 -10.40 32.21
N GLY D 97 -11.73 -11.71 32.40
CA GLY D 97 -12.82 -12.61 32.08
C GLY D 97 -14.10 -12.29 32.84
N THR D 98 -13.96 -12.03 34.15
CA THR D 98 -15.15 -11.70 34.95
C THR D 98 -15.83 -10.45 34.42
N ILE D 99 -15.06 -9.38 34.19
CA ILE D 99 -15.62 -8.12 33.72
C ILE D 99 -16.27 -8.30 32.35
N ARG D 100 -15.57 -8.96 31.43
CA ARG D 100 -16.10 -9.12 30.08
C ARG D 100 -17.39 -9.93 30.07
N ASN D 101 -17.44 -10.99 30.87
CA ASN D 101 -18.67 -11.76 30.79
C ASN D 101 -19.82 -11.10 31.52
N ILE D 102 -19.55 -10.13 32.40
CA ILE D 102 -20.63 -9.34 32.98
C ILE D 102 -21.14 -8.30 31.99
N LEU D 103 -20.24 -7.62 31.27
CA LEU D 103 -20.64 -6.53 30.40
C LEU D 103 -21.02 -7.01 29.00
N GLY D 104 -20.32 -8.03 28.49
CA GLY D 104 -20.56 -8.49 27.15
C GLY D 104 -20.02 -7.52 26.10
N GLY D 105 -20.25 -7.88 24.84
CA GLY D 105 -19.85 -7.01 23.75
C GLY D 105 -18.67 -7.49 22.93
N THR D 106 -17.92 -6.56 22.35
CA THR D 106 -16.81 -6.83 21.45
C THR D 106 -15.61 -6.02 21.90
N VAL D 107 -14.45 -6.66 22.05
CA VAL D 107 -13.22 -5.96 22.40
C VAL D 107 -12.47 -5.65 21.11
N PHE D 108 -12.28 -4.37 20.81
CA PHE D 108 -11.52 -3.97 19.64
C PHE D 108 -10.08 -3.69 20.01
N ARG D 109 -9.15 -4.32 19.28
CA ARG D 109 -7.73 -4.19 19.54
C ARG D 109 -7.04 -3.68 18.29
N GLU D 110 -6.21 -2.64 18.45
CA GLU D 110 -5.52 -2.05 17.31
C GLU D 110 -4.13 -1.65 17.75
N ALA D 111 -3.16 -1.83 16.87
CA ALA D 111 -1.80 -1.41 17.15
C ALA D 111 -1.70 0.11 17.12
N ILE D 112 -0.80 0.65 17.94
CA ILE D 112 -0.50 2.07 17.96
C ILE D 112 0.78 2.26 17.15
N ILE D 113 0.69 3.02 16.05
CA ILE D 113 1.71 3.05 15.01
C ILE D 113 2.56 4.30 15.13
N CYS D 114 3.88 4.10 15.15
CA CYS D 114 4.84 5.20 15.07
C CYS D 114 5.70 5.00 13.82
N LYS D 115 5.90 6.10 13.08
CA LYS D 115 6.52 6.03 11.76
C LYS D 115 7.94 5.48 11.82
N ASN D 116 8.63 5.65 12.95
CA ASN D 116 10.03 5.28 13.07
C ASN D 116 10.26 3.93 13.71
N ILE D 117 9.22 3.17 14.01
CA ILE D 117 9.36 1.92 14.74
C ILE D 117 9.16 0.76 13.77
N PRO D 118 10.22 0.02 13.45
CA PRO D 118 10.07 -1.10 12.51
C PRO D 118 9.24 -2.25 13.09
N ARG D 119 8.47 -2.88 12.20
CA ARG D 119 7.68 -4.05 12.54
C ARG D 119 8.50 -5.33 12.42
N LEU D 120 8.00 -6.39 13.09
CA LEU D 120 8.51 -7.74 12.86
C LEU D 120 7.93 -8.37 11.59
N VAL D 121 6.73 -7.95 11.18
CA VAL D 121 6.11 -8.41 9.92
C VAL D 121 6.28 -7.31 8.88
N THR D 122 6.92 -7.64 7.76
CA THR D 122 7.38 -6.60 6.83
C THR D 122 6.24 -5.88 6.10
N GLY D 123 5.12 -6.53 5.85
CA GLY D 123 4.14 -5.91 4.96
C GLY D 123 3.06 -5.04 5.57
N TRP D 124 2.95 -4.96 6.90
CA TRP D 124 1.80 -4.33 7.55
C TRP D 124 1.90 -2.81 7.54
N VAL D 125 1.62 -2.20 6.38
CA VAL D 125 1.71 -0.74 6.27
C VAL D 125 0.39 -0.04 6.58
N LYS D 126 -0.70 -0.76 6.73
CA LYS D 126 -1.99 -0.23 7.13
C LYS D 126 -2.45 -0.99 8.36
N PRO D 127 -3.37 -0.44 9.13
CA PRO D 127 -3.72 -1.07 10.41
C PRO D 127 -4.62 -2.28 10.30
N ILE D 128 -4.43 -3.21 11.23
CA ILE D 128 -5.27 -4.38 11.42
C ILE D 128 -6.01 -4.19 12.73
N ILE D 129 -7.33 -4.19 12.66
CA ILE D 129 -8.18 -4.05 13.84
C ILE D 129 -8.89 -5.36 14.05
N ILE D 130 -8.69 -5.96 15.21
CA ILE D 130 -9.39 -7.19 15.57
C ILE D 130 -10.58 -6.83 16.43
N GLY D 131 -11.75 -7.34 16.05
CA GLY D 131 -12.90 -7.27 16.92
C GLY D 131 -13.13 -8.62 17.56
N ARG D 132 -12.80 -8.73 18.84
CA ARG D 132 -12.85 -10.00 19.56
C ARG D 132 -14.19 -10.11 20.29
N HIS D 133 -15.00 -11.10 19.92
CA HIS D 133 -16.22 -11.40 20.66
C HIS D 133 -15.87 -11.62 22.12
N ALA D 134 -16.51 -10.87 23.02
CA ALA D 134 -16.08 -10.86 24.41
C ALA D 134 -16.86 -11.83 25.29
N TYR D 135 -17.74 -12.64 24.71
CA TYR D 135 -18.67 -13.46 25.48
C TYR D 135 -18.50 -14.94 25.14
N GLY D 136 -18.51 -15.79 26.17
CA GLY D 136 -18.75 -17.21 25.98
C GLY D 136 -17.55 -18.01 25.47
N ASP D 137 -17.89 -19.13 24.82
CA ASP D 137 -16.93 -20.14 24.34
C ASP D 137 -16.06 -20.56 25.52
N GLN D 138 -14.73 -20.61 25.36
CA GLN D 138 -13.85 -21.14 26.39
C GLN D 138 -13.94 -20.35 27.69
N TYR D 139 -14.34 -19.09 27.62
CA TYR D 139 -14.33 -18.21 28.79
C TYR D 139 -15.56 -18.36 29.67
N ARG D 140 -16.52 -19.19 29.27
CA ARG D 140 -17.68 -19.56 30.08
C ARG D 140 -17.88 -21.07 30.05
N ALA D 141 -16.80 -21.83 29.85
CA ALA D 141 -16.92 -23.26 29.64
C ALA D 141 -16.96 -23.98 30.97
N THR D 142 -17.41 -25.23 30.92
CA THR D 142 -17.43 -26.12 32.07
C THR D 142 -16.54 -27.31 31.73
N ASP D 143 -15.33 -27.33 32.29
CA ASP D 143 -14.39 -28.40 32.00
C ASP D 143 -14.12 -29.22 33.25
N PHE D 144 -13.79 -30.50 33.05
CA PHE D 144 -13.55 -31.38 34.19
C PHE D 144 -12.64 -32.53 33.79
N VAL D 145 -12.06 -33.17 34.79
CA VAL D 145 -11.29 -34.37 34.56
C VAL D 145 -12.23 -35.57 34.48
N VAL D 146 -11.97 -36.46 33.52
CA VAL D 146 -12.64 -37.75 33.44
C VAL D 146 -11.75 -38.75 34.17
N PRO D 147 -12.15 -39.25 35.34
CA PRO D 147 -11.20 -39.99 36.18
C PRO D 147 -10.95 -41.43 35.73
N GLY D 148 -11.79 -41.97 34.85
CA GLY D 148 -11.62 -43.32 34.36
C GLY D 148 -12.73 -43.67 33.40
N PRO D 149 -12.80 -44.94 32.98
CA PRO D 149 -13.78 -45.34 31.98
C PRO D 149 -15.22 -44.95 32.34
N GLY D 150 -15.98 -44.61 31.32
CA GLY D 150 -17.34 -44.12 31.50
C GLY D 150 -17.74 -43.24 30.33
N LYS D 151 -18.98 -42.79 30.37
CA LYS D 151 -19.57 -42.05 29.25
C LYS D 151 -19.74 -40.59 29.61
N VAL D 152 -19.39 -39.70 28.68
CA VAL D 152 -19.71 -38.30 28.75
C VAL D 152 -20.78 -38.01 27.71
N GLU D 153 -21.88 -37.42 28.14
CA GLU D 153 -22.98 -37.09 27.24
C GLU D 153 -23.35 -35.63 27.44
N ILE D 154 -23.90 -35.02 26.40
CA ILE D 154 -24.37 -33.65 26.47
C ILE D 154 -25.86 -33.65 26.15
N THR D 155 -26.63 -32.89 26.91
CA THR D 155 -28.09 -32.94 26.83
C THR D 155 -28.67 -31.54 26.73
N TYR D 156 -29.79 -31.44 26.02
CA TYR D 156 -30.56 -30.21 25.91
C TYR D 156 -31.97 -30.50 26.39
N THR D 157 -32.43 -29.72 27.39
CA THR D 157 -33.76 -29.89 27.96
C THR D 157 -34.60 -28.65 27.64
N PRO D 158 -35.50 -28.72 26.66
CA PRO D 158 -36.28 -27.54 26.28
C PRO D 158 -37.06 -26.98 27.46
N LYS D 159 -37.10 -25.65 27.53
CA LYS D 159 -37.86 -25.00 28.60
C LYS D 159 -39.34 -25.31 28.51
N ASP D 160 -39.85 -25.54 27.30
CA ASP D 160 -41.27 -25.75 27.07
C ASP D 160 -41.71 -27.16 27.41
N GLY D 161 -40.85 -27.98 28.02
CA GLY D 161 -41.23 -29.29 28.46
C GLY D 161 -41.20 -30.38 27.43
N THR D 162 -40.89 -30.06 26.17
CA THR D 162 -40.83 -31.07 25.12
C THR D 162 -39.58 -31.94 25.31
N GLN D 163 -39.44 -32.93 24.42
CA GLN D 163 -38.52 -34.05 24.65
C GLN D 163 -37.07 -33.59 24.82
N LYS D 164 -36.48 -34.01 25.94
CA LYS D 164 -35.04 -33.84 26.17
C LYS D 164 -34.23 -34.57 25.10
N VAL D 165 -33.13 -33.96 24.68
CA VAL D 165 -32.24 -34.50 23.65
C VAL D 165 -30.90 -34.84 24.29
N THR D 166 -30.39 -36.03 23.99
CA THR D 166 -29.11 -36.49 24.54
C THR D 166 -28.19 -36.91 23.40
N TYR D 167 -26.98 -36.36 23.39
CA TYR D 167 -25.95 -36.72 22.44
C TYR D 167 -24.76 -37.34 23.17
N MET D 168 -24.14 -38.34 22.55
CA MET D 168 -22.91 -38.89 23.08
C MET D 168 -21.74 -37.97 22.77
N VAL D 169 -20.94 -37.64 23.78
CA VAL D 169 -19.70 -36.92 23.56
C VAL D 169 -18.59 -37.95 23.40
N HIS D 170 -18.41 -38.83 24.39
CA HIS D 170 -17.40 -39.87 24.25
C HIS D 170 -17.64 -40.96 25.29
N ASP D 171 -17.53 -42.21 24.83
CA ASP D 171 -17.45 -43.37 25.71
C ASP D 171 -15.98 -43.67 25.98
N PHE D 172 -15.51 -43.35 27.18
CA PHE D 172 -14.13 -43.66 27.57
C PHE D 172 -14.08 -45.14 27.91
N GLU D 173 -13.49 -45.94 27.02
CA GLU D 173 -13.34 -47.36 27.28
C GLU D 173 -12.05 -47.69 28.03
N GLU D 174 -10.98 -46.95 27.78
CA GLU D 174 -9.68 -47.21 28.41
C GLU D 174 -9.23 -45.95 29.13
N GLY D 175 -9.11 -46.03 30.45
CA GLY D 175 -8.58 -44.91 31.18
C GLY D 175 -9.50 -43.69 31.19
N GLY D 176 -8.93 -42.57 31.57
CA GLY D 176 -9.71 -41.35 31.65
C GLY D 176 -9.17 -40.28 30.72
N GLY D 177 -9.33 -39.03 31.13
CA GLY D 177 -8.93 -37.90 30.31
C GLY D 177 -9.59 -36.62 30.77
N VAL D 178 -10.11 -35.84 29.82
CA VAL D 178 -10.75 -34.56 30.11
C VAL D 178 -11.97 -34.41 29.20
N ALA D 179 -12.89 -33.56 29.63
CA ALA D 179 -14.04 -33.24 28.81
C ALA D 179 -14.50 -31.83 29.16
N MET D 180 -15.20 -31.19 28.24
CA MET D 180 -15.76 -29.89 28.56
C MET D 180 -16.97 -29.61 27.67
N GLY D 181 -17.87 -28.80 28.21
CA GLY D 181 -18.97 -28.23 27.46
C GLY D 181 -18.77 -26.73 27.36
N MET D 182 -19.15 -26.15 26.23
CA MET D 182 -19.12 -24.70 26.08
C MET D 182 -20.28 -24.30 25.18
N TYR D 183 -20.58 -23.00 25.18
CA TYR D 183 -21.77 -22.51 24.51
C TYR D 183 -21.55 -21.07 24.06
N ASN D 184 -22.45 -20.60 23.20
CA ASN D 184 -22.60 -19.18 22.97
C ASN D 184 -24.07 -18.92 22.71
N GLN D 185 -24.43 -17.64 22.58
CA GLN D 185 -25.80 -17.22 22.63
C GLN D 185 -26.10 -16.40 21.38
N ASP D 186 -27.26 -16.67 20.76
CA ASP D 186 -27.64 -15.95 19.54
C ASP D 186 -27.57 -14.45 19.73
N LYS D 187 -28.15 -13.93 20.82
CA LYS D 187 -28.21 -12.49 20.98
C LYS D 187 -26.81 -11.90 21.05
N SER D 188 -25.90 -12.58 21.74
CA SER D 188 -24.51 -12.11 21.85
C SER D 188 -23.81 -12.16 20.51
N ILE D 189 -24.04 -13.22 19.73
CA ILE D 189 -23.42 -13.29 18.40
C ILE D 189 -23.97 -12.19 17.51
N GLU D 190 -25.28 -11.91 17.60
CA GLU D 190 -25.85 -10.84 16.80
C GLU D 190 -25.22 -9.49 17.13
N ASP D 191 -25.01 -9.22 18.42
CA ASP D 191 -24.37 -7.95 18.81
C ASP D 191 -22.94 -7.88 18.30
N PHE D 192 -22.22 -8.99 18.41
CA PHE D 192 -20.88 -9.09 17.86
C PHE D 192 -20.87 -8.76 16.37
N ALA D 193 -21.84 -9.30 15.63
CA ALA D 193 -21.93 -9.02 14.20
C ALA D 193 -22.16 -7.53 13.94
N HIS D 194 -23.17 -6.95 14.61
CA HIS D 194 -23.46 -5.54 14.40
C HIS D 194 -22.26 -4.67 14.72
N SER D 195 -21.58 -4.95 15.84
CA SER D 195 -20.41 -4.14 16.21
C SER D 195 -19.31 -4.25 15.16
N SER D 196 -19.15 -5.44 14.57
CA SER D 196 -18.11 -5.64 13.57
C SER D 196 -18.44 -4.92 12.27
N PHE D 197 -19.68 -5.04 11.79
CA PHE D 197 -20.06 -4.35 10.56
C PHE D 197 -19.99 -2.84 10.75
N GLN D 198 -20.41 -2.33 11.92
CA GLN D 198 -20.39 -0.90 12.14
C GLN D 198 -18.96 -0.37 12.22
N MET D 199 -18.06 -1.15 12.83
CA MET D 199 -16.67 -0.73 12.90
C MET D 199 -16.06 -0.65 11.51
N ALA D 200 -16.37 -1.63 10.66
CA ALA D 200 -15.83 -1.61 9.30
C ALA D 200 -16.32 -0.40 8.53
N LEU D 201 -17.61 -0.10 8.64
CA LEU D 201 -18.15 1.09 7.97
C LEU D 201 -17.55 2.37 8.54
N SER D 202 -17.36 2.44 9.85
CA SER D 202 -16.76 3.61 10.48
C SER D 202 -15.34 3.84 9.97
N LYS D 203 -14.52 2.78 9.91
CA LYS D 203 -13.16 2.94 9.44
C LYS D 203 -13.04 2.95 7.93
N GLY D 204 -14.06 2.51 7.20
CA GLY D 204 -13.96 2.42 5.76
C GLY D 204 -13.10 1.27 5.26
N TRP D 205 -13.10 0.15 5.98
CA TRP D 205 -12.25 -0.99 5.65
C TRP D 205 -13.09 -2.26 5.50
N PRO D 206 -12.65 -3.21 4.68
CA PRO D 206 -13.35 -4.50 4.58
C PRO D 206 -13.33 -5.25 5.91
N LEU D 207 -14.26 -6.19 6.04
CA LEU D 207 -14.42 -6.99 7.24
C LEU D 207 -14.27 -8.46 6.91
N TYR D 208 -13.54 -9.19 7.75
CA TYR D 208 -13.40 -10.64 7.62
C TYR D 208 -13.76 -11.29 8.94
N LEU D 209 -14.62 -12.30 8.90
CA LEU D 209 -14.90 -13.15 10.05
C LEU D 209 -14.20 -14.49 9.84
N SER D 210 -13.51 -14.97 10.86
CA SER D 210 -12.88 -16.29 10.83
C SER D 210 -13.62 -17.27 11.74
N THR D 211 -13.87 -18.47 11.23
CA THR D 211 -14.37 -19.58 12.05
C THR D 211 -13.71 -20.87 11.58
N LYS D 212 -14.07 -21.97 12.25
CA LYS D 212 -13.73 -23.30 11.75
C LYS D 212 -15.01 -24.07 11.41
N ASN D 213 -15.87 -23.50 10.57
CA ASN D 213 -17.21 -24.10 10.41
C ASN D 213 -17.18 -25.39 9.62
N THR D 214 -16.10 -25.69 8.89
CA THR D 214 -16.01 -26.98 8.25
C THR D 214 -15.92 -28.10 9.28
N ILE D 215 -15.37 -27.82 10.46
CA ILE D 215 -15.21 -28.79 11.53
C ILE D 215 -16.34 -28.69 12.53
N LEU D 216 -16.59 -27.49 13.05
CA LEU D 216 -17.69 -27.22 13.95
C LEU D 216 -18.85 -26.70 13.13
N LYS D 217 -19.50 -27.63 12.41
CA LYS D 217 -20.48 -27.24 11.38
C LYS D 217 -21.70 -26.56 11.99
N LYS D 218 -22.13 -26.97 13.18
CA LYS D 218 -23.25 -26.32 13.84
C LYS D 218 -22.81 -25.11 14.68
N TYR D 219 -21.79 -25.28 15.50
CA TYR D 219 -21.39 -24.23 16.42
C TYR D 219 -20.87 -23.02 15.65
N ASP D 220 -19.89 -23.24 14.80
CA ASP D 220 -19.32 -22.15 14.03
C ASP D 220 -20.19 -21.76 12.85
N GLY D 221 -20.95 -22.72 12.31
CA GLY D 221 -21.90 -22.36 11.28
C GLY D 221 -22.91 -21.33 11.75
N ARG D 222 -23.25 -21.34 13.04
CA ARG D 222 -24.17 -20.33 13.54
C ARG D 222 -23.56 -18.94 13.48
N PHE D 223 -22.27 -18.81 13.85
CA PHE D 223 -21.59 -17.53 13.69
C PHE D 223 -21.60 -17.10 12.23
N LYS D 224 -21.20 -17.99 11.33
CA LYS D 224 -21.19 -17.66 9.91
C LYS D 224 -22.57 -17.25 9.43
N ASP D 225 -23.60 -18.02 9.82
CA ASP D 225 -24.95 -17.73 9.34
C ASP D 225 -25.48 -16.41 9.89
N ILE D 226 -25.27 -16.15 11.19
CA ILE D 226 -25.79 -14.91 11.77
C ILE D 226 -25.11 -13.71 11.13
N PHE D 227 -23.79 -13.77 10.93
CA PHE D 227 -23.11 -12.66 10.27
C PHE D 227 -23.65 -12.44 8.86
N GLN D 228 -23.87 -13.52 8.10
CA GLN D 228 -24.32 -13.37 6.73
C GLN D 228 -25.74 -12.82 6.65
N GLU D 229 -26.63 -13.28 7.54
CA GLU D 229 -28.00 -12.76 7.57
C GLU D 229 -28.02 -11.28 7.88
N ILE D 230 -27.28 -10.88 8.92
CA ILE D 230 -27.23 -9.48 9.30
C ILE D 230 -26.60 -8.63 8.20
N TYR D 231 -25.55 -9.16 7.55
CA TYR D 231 -24.92 -8.46 6.43
C TYR D 231 -25.91 -8.19 5.32
N ASP D 232 -26.59 -9.25 4.85
CA ASP D 232 -27.51 -9.08 3.74
C ASP D 232 -28.66 -8.14 4.10
N LYS D 233 -29.16 -8.25 5.34
CA LYS D 233 -30.36 -7.50 5.70
C LYS D 233 -30.10 -6.02 5.93
N LYS D 234 -28.93 -5.65 6.47
CA LYS D 234 -28.76 -4.30 6.97
C LYS D 234 -27.53 -3.57 6.43
N TYR D 235 -26.44 -4.29 6.13
CA TYR D 235 -25.18 -3.60 5.90
C TYR D 235 -24.62 -3.72 4.49
N LYS D 236 -25.06 -4.72 3.70
CA LYS D 236 -24.37 -5.00 2.44
C LYS D 236 -24.40 -3.81 1.49
N SER D 237 -25.56 -3.16 1.35
CA SER D 237 -25.64 -2.00 0.47
C SER D 237 -24.73 -0.88 0.96
N GLN D 238 -24.64 -0.68 2.28
CA GLN D 238 -23.72 0.31 2.84
C GLN D 238 -22.26 -0.05 2.54
N PHE D 239 -21.90 -1.33 2.65
CA PHE D 239 -20.54 -1.73 2.29
C PHE D 239 -20.24 -1.42 0.83
N GLU D 240 -21.19 -1.74 -0.07
CA GLU D 240 -20.96 -1.52 -1.49
C GLU D 240 -20.83 -0.05 -1.81
N ALA D 241 -21.56 0.81 -1.09
CA ALA D 241 -21.45 2.24 -1.34
C ALA D 241 -20.07 2.76 -0.98
N GLN D 242 -19.43 2.19 0.04
CA GLN D 242 -18.07 2.57 0.42
C GLN D 242 -17.02 1.70 -0.24
N LYS D 243 -17.40 0.89 -1.23
CA LYS D 243 -16.47 0.05 -1.99
C LYS D 243 -15.66 -0.88 -1.07
N ILE D 244 -16.31 -1.38 -0.01
CA ILE D 244 -15.70 -2.39 0.84
C ILE D 244 -16.55 -3.65 0.77
N CYS D 245 -16.11 -4.71 1.43
CA CYS D 245 -16.81 -5.98 1.34
C CYS D 245 -16.64 -6.74 2.64
N TYR D 246 -17.47 -7.77 2.80
CA TYR D 246 -17.44 -8.67 3.94
C TYR D 246 -17.28 -10.10 3.44
N GLU D 247 -16.44 -10.88 4.14
CA GLU D 247 -16.18 -12.24 3.72
C GLU D 247 -15.93 -13.11 4.95
N HIS D 248 -16.48 -14.33 4.94
CA HIS D 248 -16.10 -15.34 5.91
C HIS D 248 -14.93 -16.13 5.36
N ARG D 249 -13.92 -16.38 6.21
CA ARG D 249 -12.78 -17.22 5.86
C ARG D 249 -12.56 -18.23 6.98
N LEU D 250 -12.08 -19.42 6.60
CA LEU D 250 -11.64 -20.37 7.62
C LEU D 250 -10.43 -19.80 8.34
N ILE D 251 -10.34 -20.10 9.64
CA ILE D 251 -9.35 -19.43 10.49
C ILE D 251 -7.92 -19.74 10.02
N ASP D 252 -7.64 -20.95 9.55
CA ASP D 252 -6.24 -21.19 9.18
C ASP D 252 -5.88 -20.43 7.90
N ASP D 253 -6.79 -20.36 6.94
CA ASP D 253 -6.58 -19.46 5.81
C ASP D 253 -6.42 -18.01 6.29
N MET D 254 -7.30 -17.56 7.19
CA MET D 254 -7.30 -16.16 7.61
C MET D 254 -5.99 -15.73 8.28
N VAL D 255 -5.44 -16.56 9.17
CA VAL D 255 -4.20 -16.12 9.84
C VAL D 255 -3.05 -15.99 8.83
N ALA D 256 -3.00 -16.87 7.82
CA ALA D 256 -2.01 -16.73 6.77
C ALA D 256 -2.29 -15.50 5.91
N GLN D 257 -3.56 -15.26 5.57
CA GLN D 257 -3.90 -14.06 4.81
C GLN D 257 -3.49 -12.80 5.55
N ALA D 258 -3.78 -12.76 6.86
CA ALA D 258 -3.38 -11.61 7.66
C ALA D 258 -1.86 -11.43 7.66
N MET D 259 -1.12 -12.53 7.82
CA MET D 259 0.34 -12.46 7.84
C MET D 259 0.91 -11.79 6.59
N LYS D 260 0.37 -12.10 5.40
CA LYS D 260 0.91 -11.58 4.14
C LYS D 260 0.23 -10.31 3.65
N SER D 261 -0.77 -9.81 4.37
CA SER D 261 -1.55 -8.65 3.97
C SER D 261 -0.75 -7.37 4.14
N GLU D 262 -1.19 -6.31 3.47
CA GLU D 262 -0.67 -4.98 3.75
C GLU D 262 -1.41 -4.30 4.89
N GLY D 263 -2.37 -4.99 5.51
CA GLY D 263 -3.21 -4.37 6.50
C GLY D 263 -4.42 -3.70 5.89
N GLY D 264 -5.14 -2.97 6.75
CA GLY D 264 -6.30 -2.21 6.31
C GLY D 264 -7.58 -3.02 6.31
N PHE D 265 -7.86 -3.75 7.39
CA PHE D 265 -9.09 -4.52 7.45
C PHE D 265 -9.50 -4.71 8.91
N ILE D 266 -10.79 -4.94 9.10
CA ILE D 266 -11.34 -5.35 10.38
C ILE D 266 -11.45 -6.86 10.36
N TRP D 267 -11.08 -7.48 11.47
CA TRP D 267 -11.02 -8.94 11.59
C TRP D 267 -11.86 -9.33 12.79
N ALA D 268 -13.06 -9.84 12.50
CA ALA D 268 -13.92 -10.35 13.56
C ALA D 268 -13.44 -11.73 13.98
N CYS D 269 -13.09 -11.88 15.25
CA CYS D 269 -12.59 -13.13 15.81
C CYS D 269 -13.52 -13.63 16.90
N LYS D 270 -13.80 -14.93 16.90
CA LYS D 270 -14.40 -15.53 18.09
C LYS D 270 -13.50 -15.27 19.29
N ASN D 271 -14.10 -15.38 20.50
CA ASN D 271 -13.43 -15.00 21.74
C ASN D 271 -11.98 -15.51 21.82
N TYR D 272 -11.80 -16.84 21.72
CA TYR D 272 -10.46 -17.41 21.89
C TYR D 272 -9.50 -16.93 20.80
N ASP D 273 -9.94 -16.94 19.54
CA ASP D 273 -9.08 -16.48 18.46
C ASP D 273 -8.70 -15.01 18.64
N GLY D 274 -9.62 -14.20 19.15
CA GLY D 274 -9.29 -12.79 19.38
C GLY D 274 -8.20 -12.62 20.41
N ASP D 275 -8.29 -13.37 21.51
CA ASP D 275 -7.25 -13.37 22.53
C ASP D 275 -5.89 -13.71 21.92
N VAL D 276 -5.82 -14.85 21.22
CA VAL D 276 -4.54 -15.33 20.70
C VAL D 276 -4.04 -14.44 19.56
N GLN D 277 -4.87 -14.20 18.56
CA GLN D 277 -4.36 -13.51 17.37
C GLN D 277 -4.08 -12.04 17.65
N SER D 278 -4.76 -11.44 18.62
CA SER D 278 -4.46 -10.03 18.87
C SER D 278 -3.08 -9.89 19.48
N ASP D 279 -2.62 -10.88 20.23
CA ASP D 279 -1.26 -10.81 20.75
C ASP D 279 -0.23 -11.08 19.66
N SER D 280 -0.52 -12.04 18.77
CA SER D 280 0.36 -12.28 17.63
C SER D 280 0.49 -11.03 16.76
N VAL D 281 -0.62 -10.36 16.51
CA VAL D 281 -0.58 -9.17 15.67
C VAL D 281 0.14 -8.02 16.38
N ALA D 282 -0.19 -7.82 17.67
CA ALA D 282 0.44 -6.74 18.43
C ALA D 282 1.96 -6.90 18.47
N GLN D 283 2.43 -8.12 18.70
CA GLN D 283 3.87 -8.35 18.69
C GLN D 283 4.43 -8.14 17.29
N GLY D 284 3.68 -8.54 16.27
CA GLY D 284 4.16 -8.37 14.91
C GLY D 284 4.36 -6.91 14.52
N TYR D 285 3.56 -6.01 15.08
CA TYR D 285 3.76 -4.59 14.79
C TYR D 285 4.95 -4.02 15.54
N GLY D 286 5.45 -4.74 16.55
CA GLY D 286 6.66 -4.31 17.23
C GLY D 286 6.67 -4.52 18.72
N SER D 287 5.60 -4.14 19.41
CA SER D 287 5.60 -4.24 20.86
C SER D 287 4.19 -4.38 21.41
N LEU D 288 4.03 -5.28 22.37
CA LEU D 288 2.73 -5.46 23.04
C LEU D 288 2.33 -4.23 23.85
N GLY D 289 3.28 -3.36 24.18
CA GLY D 289 2.92 -2.12 24.84
C GLY D 289 2.28 -1.11 23.91
N MET D 290 2.24 -1.39 22.60
CA MET D 290 1.67 -0.47 21.62
C MET D 290 0.39 -1.05 21.01
N MET D 291 -0.62 -1.32 21.84
CA MET D 291 -1.91 -1.75 21.33
C MET D 291 -3.00 -1.16 22.20
N THR D 292 -4.10 -0.77 21.57
CA THR D 292 -5.30 -0.39 22.28
C THR D 292 -6.19 -1.60 22.50
N SER D 293 -7.07 -1.50 23.50
CA SER D 293 -8.04 -2.56 23.78
C SER D 293 -9.26 -1.90 24.43
N VAL D 294 -10.37 -1.84 23.69
CA VAL D 294 -11.58 -1.17 24.12
C VAL D 294 -12.76 -2.11 23.93
N LEU D 295 -13.38 -2.51 25.04
CA LEU D 295 -14.62 -3.28 25.00
C LEU D 295 -15.79 -2.35 24.72
N ILE D 296 -16.52 -2.61 23.64
CA ILE D 296 -17.71 -1.85 23.26
C ILE D 296 -18.90 -2.71 23.62
N CYS D 297 -19.68 -2.29 24.61
CA CYS D 297 -20.72 -3.13 25.18
C CYS D 297 -21.98 -3.10 24.31
N PRO D 298 -22.86 -4.09 24.46
CA PRO D 298 -24.02 -4.19 23.55
C PRO D 298 -24.97 -3.00 23.63
N ASP D 299 -24.98 -2.26 24.74
CA ASP D 299 -25.91 -1.14 24.85
C ASP D 299 -25.52 0.04 23.96
N GLY D 300 -24.36 -0.01 23.31
CA GLY D 300 -23.89 1.11 22.53
C GLY D 300 -23.60 2.34 23.35
N LYS D 301 -23.34 2.17 24.65
CA LYS D 301 -23.19 3.30 25.56
C LYS D 301 -22.03 3.08 26.52
N THR D 302 -21.84 1.83 26.96
CA THR D 302 -20.83 1.47 27.95
C THR D 302 -19.58 0.95 27.27
N VAL D 303 -18.41 1.40 27.74
CA VAL D 303 -17.14 0.88 27.25
C VAL D 303 -16.20 0.63 28.42
N GLU D 304 -15.28 -0.32 28.22
CA GLU D 304 -14.18 -0.56 29.15
C GLU D 304 -12.89 -0.54 28.34
N ALA D 305 -12.02 0.41 28.63
CA ALA D 305 -10.71 0.47 28.00
C ALA D 305 -9.66 -0.11 28.94
N GLU D 306 -8.71 -0.85 28.39
CA GLU D 306 -7.75 -1.54 29.22
C GLU D 306 -6.38 -1.52 28.58
N ALA D 307 -5.35 -1.67 29.42
CA ALA D 307 -4.01 -2.06 28.98
C ALA D 307 -4.00 -3.58 28.91
N ALA D 308 -4.07 -4.10 27.69
CA ALA D 308 -4.16 -5.54 27.45
C ALA D 308 -2.77 -6.11 27.19
N HIS D 309 -1.94 -6.05 28.22
CA HIS D 309 -0.66 -6.75 28.25
C HIS D 309 -0.42 -7.23 29.68
N GLY D 310 0.73 -7.84 29.91
CA GLY D 310 1.07 -8.31 31.24
C GLY D 310 1.32 -7.17 32.21
N THR D 311 1.67 -7.55 33.44
CA THR D 311 2.01 -6.59 34.48
C THR D 311 3.50 -6.32 34.53
N VAL D 312 4.26 -6.85 33.58
CA VAL D 312 5.70 -6.66 33.43
C VAL D 312 6.44 -7.05 34.71
N THR D 313 6.20 -8.29 35.16
CA THR D 313 6.83 -8.81 36.37
C THR D 313 8.35 -8.66 36.35
N ARG D 314 8.98 -8.93 35.21
CA ARG D 314 10.44 -8.91 35.17
C ARG D 314 10.97 -7.52 35.48
N HIS D 315 10.31 -6.48 34.95
CA HIS D 315 10.69 -5.12 35.28
C HIS D 315 10.38 -4.81 36.74
N TYR D 316 9.24 -5.28 37.23
CA TYR D 316 8.86 -5.04 38.61
C TYR D 316 9.93 -5.58 39.58
N ARG D 317 10.52 -6.75 39.26
CA ARG D 317 11.55 -7.30 40.13
C ARG D 317 12.80 -6.42 40.15
N MET D 318 13.21 -5.89 39.00
CA MET D 318 14.32 -4.95 38.97
C MET D 318 14.01 -3.71 39.80
N TYR D 319 12.79 -3.20 39.67
CA TYR D 319 12.34 -2.07 40.48
C TYR D 319 12.41 -2.40 41.97
N GLN D 320 11.99 -3.61 42.35
CA GLN D 320 12.04 -4.03 43.73
C GLN D 320 13.46 -4.21 44.25
N LYS D 321 14.44 -4.39 43.36
CA LYS D 321 15.83 -4.49 43.75
C LYS D 321 16.61 -3.19 43.49
N GLY D 322 15.90 -2.10 43.20
CA GLY D 322 16.55 -0.82 43.01
C GLY D 322 17.24 -0.63 41.68
N GLN D 323 16.90 -1.44 40.68
CA GLN D 323 17.53 -1.33 39.38
C GLN D 323 16.67 -0.53 38.40
N GLU D 324 17.35 0.17 37.49
CA GLU D 324 16.66 1.00 36.51
C GLU D 324 15.79 0.15 35.60
N THR D 325 14.62 0.67 35.25
CA THR D 325 13.68 0.00 34.35
C THR D 325 13.28 0.95 33.24
N SER D 326 12.85 0.37 32.12
CA SER D 326 12.35 1.15 30.99
C SER D 326 11.11 0.41 30.47
N THR D 327 9.95 0.77 31.01
CA THR D 327 8.70 0.08 30.75
C THR D 327 7.80 0.96 29.90
N ASN D 328 7.27 0.38 28.82
CA ASN D 328 6.44 1.14 27.89
C ASN D 328 5.08 1.46 28.52
N PRO D 329 4.72 2.73 28.72
CA PRO D 329 3.43 3.07 29.32
C PRO D 329 2.32 3.38 28.33
N ILE D 330 2.58 3.26 27.01
CA ILE D 330 1.67 3.81 26.02
C ILE D 330 0.31 3.12 26.07
N ALA D 331 0.30 1.78 26.16
CA ALA D 331 -0.98 1.07 26.23
C ALA D 331 -1.79 1.51 27.46
N SER D 332 -1.12 1.74 28.59
CA SER D 332 -1.82 2.20 29.78
C SER D 332 -2.33 3.63 29.59
N ILE D 333 -1.54 4.49 28.96
CA ILE D 333 -1.99 5.85 28.67
C ILE D 333 -3.19 5.82 27.75
N PHE D 334 -3.16 4.96 26.73
CA PHE D 334 -4.29 4.92 25.80
C PHE D 334 -5.54 4.29 26.41
N ALA D 335 -5.39 3.51 27.50
CA ALA D 335 -6.59 3.11 28.24
C ALA D 335 -7.31 4.35 28.76
N TRP D 336 -6.57 5.29 29.34
CA TRP D 336 -7.17 6.54 29.78
C TRP D 336 -7.71 7.35 28.62
N SER D 337 -6.92 7.48 27.55
CA SER D 337 -7.34 8.38 26.47
C SER D 337 -8.56 7.83 25.75
N ARG D 338 -8.63 6.51 25.55
CA ARG D 338 -9.82 5.94 24.94
C ARG D 338 -11.02 6.05 25.86
N GLY D 339 -10.81 5.84 27.16
CA GLY D 339 -11.91 5.98 28.09
C GLY D 339 -12.43 7.41 28.16
N LEU D 340 -11.50 8.37 28.25
CA LEU D 340 -11.91 9.77 28.30
C LEU D 340 -12.54 10.23 26.99
N ALA D 341 -12.09 9.68 25.86
CA ALA D 341 -12.72 10.02 24.58
C ALA D 341 -14.18 9.58 24.56
N HIS D 342 -14.46 8.39 25.09
CA HIS D 342 -15.84 7.94 25.13
C HIS D 342 -16.65 8.73 26.14
N ARG D 343 -16.06 9.01 27.30
CA ARG D 343 -16.72 9.88 28.26
C ARG D 343 -17.11 11.20 27.61
N ALA D 344 -16.21 11.75 26.79
CA ALA D 344 -16.46 13.02 26.12
C ALA D 344 -17.56 12.90 25.07
N LYS D 345 -17.58 11.78 24.33
CA LYS D 345 -18.63 11.61 23.32
C LYS D 345 -20.00 11.46 23.97
N LEU D 346 -20.06 10.74 25.09
CA LEU D 346 -21.33 10.60 25.81
C LEU D 346 -21.85 11.95 26.29
N ASP D 347 -20.96 12.82 26.75
CA ASP D 347 -21.35 14.08 27.36
C ASP D 347 -21.29 15.27 26.40
N ASN D 348 -20.95 15.05 25.14
CA ASN D 348 -20.74 16.14 24.18
C ASN D 348 -19.74 17.16 24.71
N ASN D 349 -18.69 16.64 25.35
CA ASN D 349 -17.66 17.46 26.00
C ASN D 349 -16.54 17.71 25.00
N THR D 350 -16.66 18.82 24.26
CA THR D 350 -15.74 19.09 23.17
C THR D 350 -14.31 19.28 23.67
N GLU D 351 -14.15 19.93 24.83
CA GLU D 351 -12.83 20.14 25.40
C GLU D 351 -12.17 18.81 25.79
N LEU D 352 -12.94 17.89 26.38
CA LEU D 352 -12.36 16.62 26.80
C LEU D 352 -12.01 15.76 25.60
N SER D 353 -12.83 15.82 24.53
CA SER D 353 -12.48 15.13 23.29
C SER D 353 -11.13 15.59 22.78
N PHE D 354 -10.90 16.90 22.77
CA PHE D 354 -9.62 17.42 22.29
C PHE D 354 -8.46 16.99 23.20
N PHE D 355 -8.70 16.97 24.51
CA PHE D 355 -7.66 16.51 25.43
C PHE D 355 -7.26 15.09 25.14
N ALA D 356 -8.25 14.20 24.97
CA ALA D 356 -7.95 12.81 24.69
C ALA D 356 -7.14 12.65 23.41
N LYS D 357 -7.47 13.43 22.37
CA LYS D 357 -6.66 13.38 21.16
C LYS D 357 -5.27 13.92 21.41
N ALA D 358 -5.17 15.03 22.14
CA ALA D 358 -3.86 15.59 22.46
C ALA D 358 -3.00 14.57 23.18
N LEU D 359 -3.58 13.84 24.13
CA LEU D 359 -2.84 12.85 24.89
C LEU D 359 -2.27 11.76 23.98
N GLU D 360 -3.07 11.26 23.04
CA GLU D 360 -2.57 10.26 22.09
C GLU D 360 -1.53 10.86 21.16
N ASP D 361 -1.81 12.04 20.61
CA ASP D 361 -0.86 12.68 19.69
C ASP D 361 0.49 12.90 20.36
N VAL D 362 0.50 13.34 21.63
CA VAL D 362 1.77 13.58 22.31
C VAL D 362 2.58 12.30 22.39
N CYS D 363 1.93 11.16 22.62
CA CYS D 363 2.67 9.91 22.73
C CYS D 363 3.37 9.59 21.42
N ILE D 364 2.64 9.69 20.32
CA ILE D 364 3.20 9.35 19.01
C ILE D 364 4.29 10.35 18.62
N GLU D 365 4.03 11.65 18.83
CA GLU D 365 5.02 12.67 18.48
C GLU D 365 6.32 12.47 19.25
N THR D 366 6.23 12.17 20.55
CA THR D 366 7.43 12.00 21.37
C THR D 366 8.27 10.82 20.91
N ILE D 367 7.63 9.69 20.62
CA ILE D 367 8.39 8.54 20.13
C ILE D 367 8.98 8.83 18.76
N GLU D 368 8.21 9.45 17.87
CA GLU D 368 8.71 9.75 16.54
C GLU D 368 9.82 10.80 16.57
N ALA D 369 9.84 11.64 17.61
CA ALA D 369 10.95 12.57 17.82
C ALA D 369 12.18 11.89 18.39
N GLY D 370 12.13 10.58 18.64
CA GLY D 370 13.30 9.83 19.06
C GLY D 370 13.42 9.56 20.55
N PHE D 371 12.41 9.91 21.34
CA PHE D 371 12.42 9.65 22.77
C PHE D 371 11.48 8.49 23.05
N MET D 372 12.03 7.39 23.55
CA MET D 372 11.24 6.17 23.68
C MET D 372 11.85 5.28 24.76
N THR D 373 11.06 4.27 25.14
CA THR D 373 11.50 3.23 26.07
C THR D 373 12.27 2.13 25.32
N LYS D 374 12.88 1.25 26.10
CA LYS D 374 13.86 0.31 25.55
C LYS D 374 13.25 -0.61 24.51
N ASP D 375 12.02 -1.08 24.74
CA ASP D 375 11.37 -1.99 23.79
C ASP D 375 11.30 -1.37 22.40
N LEU D 376 10.95 -0.09 22.32
CA LEU D 376 10.86 0.58 21.02
C LEU D 376 12.24 0.82 20.42
N ALA D 377 13.22 1.15 21.26
CA ALA D 377 14.60 1.26 20.79
C ALA D 377 15.08 -0.07 20.22
N ALA D 378 14.70 -1.19 20.85
CA ALA D 378 15.08 -2.50 20.32
C ALA D 378 14.43 -2.76 18.97
N CYS D 379 13.21 -2.24 18.75
CA CYS D 379 12.61 -2.37 17.43
C CYS D 379 13.47 -1.71 16.36
N ILE D 380 14.13 -0.60 16.72
CA ILE D 380 14.91 0.13 15.73
C ILE D 380 16.27 -0.52 15.53
N LYS D 381 16.99 -0.79 16.63
CA LYS D 381 18.39 -1.18 16.54
C LYS D 381 18.60 -2.68 16.61
N GLY D 382 17.58 -3.44 16.99
CA GLY D 382 17.78 -4.83 17.37
C GLY D 382 18.25 -4.89 18.80
N LEU D 383 17.61 -5.71 19.62
CA LEU D 383 17.96 -5.77 21.04
C LEU D 383 19.45 -5.93 21.30
N PRO D 384 20.19 -6.80 20.60
CA PRO D 384 21.64 -6.90 20.86
C PRO D 384 22.40 -5.60 20.66
N ASN D 385 21.90 -4.68 19.86
CA ASN D 385 22.61 -3.45 19.51
C ASN D 385 22.16 -2.25 20.31
N VAL D 386 21.15 -2.39 21.16
CA VAL D 386 20.64 -1.25 21.91
C VAL D 386 21.63 -0.85 22.99
N GLN D 387 21.85 0.44 23.13
CA GLN D 387 22.65 0.99 24.21
C GLN D 387 21.78 1.90 25.06
N ARG D 388 22.27 2.20 26.27
CA ARG D 388 21.48 2.99 27.22
C ARG D 388 21.11 4.34 26.63
N SER D 389 22.02 4.95 25.85
CA SER D 389 21.75 6.26 25.27
C SER D 389 20.69 6.22 24.18
N ASP D 390 20.23 5.03 23.79
CA ASP D 390 19.18 4.89 22.78
C ASP D 390 17.78 5.07 23.34
N TYR D 391 17.61 5.08 24.66
CA TYR D 391 16.26 5.14 25.22
C TYR D 391 16.25 5.93 26.51
N LEU D 392 15.04 6.11 27.04
CA LEU D 392 14.78 6.72 28.32
C LEU D 392 14.23 5.68 29.30
N ASN D 393 14.56 5.83 30.58
CA ASN D 393 13.96 4.95 31.55
C ASN D 393 12.50 5.37 31.77
N THR D 394 11.79 4.61 32.60
CA THR D 394 10.34 4.78 32.71
C THR D 394 9.98 6.20 33.14
N PHE D 395 10.64 6.70 34.18
CA PHE D 395 10.30 8.04 34.68
C PHE D 395 10.71 9.13 33.69
N GLU D 396 11.90 8.99 33.08
CA GLU D 396 12.35 9.96 32.09
C GLU D 396 11.36 10.07 30.95
N PHE D 397 10.87 8.94 30.47
CA PHE D 397 9.90 8.96 29.38
C PHE D 397 8.59 9.60 29.82
N MET D 398 8.11 9.28 31.02
CA MET D 398 6.88 9.88 31.51
C MET D 398 7.07 11.38 31.69
N ASP D 399 8.26 11.81 32.15
CA ASP D 399 8.52 13.23 32.32
C ASP D 399 8.55 13.95 30.98
N LYS D 400 9.14 13.31 29.96
CA LYS D 400 9.16 13.89 28.63
C LYS D 400 7.75 14.01 28.05
N LEU D 401 6.93 12.96 28.20
CA LEU D 401 5.53 13.05 27.80
C LEU D 401 4.83 14.20 28.50
N GLY D 402 5.09 14.38 29.79
CA GLY D 402 4.40 15.43 30.54
C GLY D 402 4.78 16.82 30.06
N GLU D 403 6.07 17.01 29.76
CA GLU D 403 6.51 18.28 29.21
C GLU D 403 5.85 18.55 27.87
N ASN D 404 5.82 17.54 26.99
CA ASN D 404 5.27 17.72 25.66
C ASN D 404 3.77 17.92 25.69
N LEU D 405 3.08 17.24 26.62
CA LEU D 405 1.64 17.41 26.75
C LEU D 405 1.30 18.80 27.26
N LYS D 406 2.03 19.28 28.27
CA LYS D 406 1.81 20.63 28.76
C LYS D 406 1.97 21.64 27.64
N ALA D 407 3.02 21.48 26.84
CA ALA D 407 3.27 22.44 25.75
C ALA D 407 2.18 22.37 24.69
N LYS D 408 1.73 21.15 24.36
CA LYS D 408 0.72 21.00 23.31
C LYS D 408 -0.62 21.60 23.74
N LEU D 409 -1.01 21.37 25.00
CA LEU D 409 -2.27 21.94 25.47
C LEU D 409 -2.17 23.45 25.60
N ALA D 410 -1.00 23.96 26.02
CA ALA D 410 -0.83 25.40 26.12
C ALA D 410 -0.94 26.06 24.74
N GLN D 411 -0.34 25.44 23.73
CA GLN D 411 -0.39 26.00 22.38
C GLN D 411 -1.80 25.99 21.81
N ALA D 412 -2.60 25.02 22.22
CA ALA D 412 -3.93 24.88 21.66
C ALA D 412 -5.00 25.64 22.43
N LYS D 413 -4.66 26.17 23.61
CA LYS D 413 -5.55 27.04 24.40
C LYS D 413 -6.99 26.55 24.50
#